data_5PRC
#
_entry.id   5PRC
#
_cell.length_a   223.500
_cell.length_b   223.500
_cell.length_c   113.600
_cell.angle_alpha   90.00
_cell.angle_beta   90.00
_cell.angle_gamma   90.00
#
_symmetry.space_group_name_H-M   'P 43 21 2'
#
loop_
_entity.id
_entity.type
_entity.pdbx_description
1 polymer 'PHOTOSYNTHETIC REACTION CENTER'
2 polymer 'PHOTOSYNTHETIC REACTION CENTER'
3 polymer 'PHOTOSYNTHETIC REACTION CENTER'
4 polymer 'PHOTOSYNTHETIC REACTION CENTER'
5 non-polymer 'PROTOPORPHYRIN IX CONTAINING FE'
6 non-polymer 'BACTERIOCHLOROPHYLL B'
7 non-polymer 'BACTERIOPHEOPHYTIN B'
8 non-polymer '2-CHLORO-4-ISOPROPYLAMINO-6-ETHYLAMINO -1,3,5-TRIAZINE'
9 non-polymer 'LAURYL DIMETHYLAMINE-N-OXIDE'
10 non-polymer 'FE (II) ION'
11 non-polymer 'SULFATE ION'
12 non-polymer MENAQUINONE-7
13 non-polymer 15-cis-1,2-dihydroneurosporene
14 water water
#
loop_
_entity_poly.entity_id
_entity_poly.type
_entity_poly.pdbx_seq_one_letter_code
_entity_poly.pdbx_strand_id
1 'polypeptide(L)'
;CFEPPPATTTQTGFRGLSMGEVLHPATVKAKKERDAQYPPALAAVKAEGPPVSQVYKNVKVLGNLTEAEFLRTMTAITEW
VSPQEGCTYCHDENNLASEAKYPYVVARRMLEMTRAINTNWTQHVAQTGVTCYTCHRGTPLPPYVRYLEPTLPLNNRETP
THVERVETRSGYVVRLAKYTAYSALNYDPFTMFLANDKRQVRVVPQTALPLVGVSRGKERRPLSDAYATFALMMSISDSL
GTNCTFCHNAQTFESWGKKSTPQRAIAWWGIRMVRDLNMNYLAPLNASLPASRLGRQGEAPQADCRTCHQGVTKPLFGAS
RLKDYPELGPIKAAAK
;
C
2 'polypeptide(L)'
;ALLSFERKYRVRGGTLIGGDLFDFWVGPYFVGFFGVSAIFFIFLGVSLIGYAASQGPTWDPFAISINPPDLKYGLGAAPL
LEGGFWQAITVCALGAFISWMLREVEISRKLGIGWHVPLAFCVPIFMFCVLQVFRPLLLGSWGHAFPYGILSHLDWVNNF
GYQYLNWHYNPGHMSSVSFLFVNAMALGLHGGLILSVANPGDGDKVKTAEHENQYFRDVVGYSIGALSIHRLGLFLASNI
FLTGAFGTIASGPFWTRGWPEWWGWWLDIPFWS
;
L
3 'polypeptide(L)'
;ADYQTIYTQIQARGPHITVSGEWGDNDRVGKPFYSYWLGKIGDAQIGPIYLGASGIAAFAFGSTAILIILFNMAAEVHFD
PLQFFRQFFWLGLYPPKAQYGMGIPPLHDGGWWLMAGLFMTLSLGSWWIRVYSRARALGLGTHIAWNFAAAIFFVLCIGC
IHPTLVGSWSEGVPFGIWPHIDWLTAFSIRYGNFYYCPWHGFSIGFAYGCGLLFAAHGATILAVARFGGDREIEQITDRG
TAVERAALFWRWTIGFNATIESVHRWGWFFSLMVMVSASVGILLTGTFVDNWYLWCVKHGAAPDYPAYLPATPDPASLPG
APK
;
M
4 'polypeptide(L)'
;(FME)YHGALAQHLDIAQLVWYAQWLVIWTVVLLYLRREDRREGYPLVEPLGLVKLAPEDGQVYELPYPKTFVLPHGGTV
TVPRRRPETRELKLAQTDGFEGAPLQPTGNPLVDAVGPASYAERAEVVDATVDGKAKIVPLRVATDFSIAEGDVDPRGLP
VVAADGVEAGTVTDLWVDRSEHYFRYLELSVAGSARTALIPLGFCDVKKDKIVVTSILSEQFANVPRLQSRDQITLREED
KVSAYYAGGLLYATPERAESLL
;
H
#
loop_
_chem_comp.id
_chem_comp.type
_chem_comp.name
_chem_comp.formula
ATZ non-polymer '2-CHLORO-4-ISOPROPYLAMINO-6-ETHYLAMINO -1,3,5-TRIAZINE' 'C8 H14 Cl N5'
BCB non-polymer 'BACTERIOCHLOROPHYLL B' 'C55 H72 Mg N4 O6 2'
BPB non-polymer 'BACTERIOPHEOPHYTIN B' 'C55 H74 N4 O6'
FE2 non-polymer 'FE (II) ION' 'Fe 2'
HEM non-polymer 'PROTOPORPHYRIN IX CONTAINING FE' 'C34 H32 Fe N4 O4'
LDA non-polymer 'LAURYL DIMETHYLAMINE-N-OXIDE' 'C14 H31 N O'
MQ7 non-polymer MENAQUINONE-7 'C46 H64 O2'
NS5 non-polymer 15-cis-1,2-dihydroneurosporene 'C40 H60'
SO4 non-polymer 'SULFATE ION' 'O4 S -2'
#
# COMPACT_ATOMS: atom_id res chain seq x y z
N CYS A 1 -14.21 16.91 -5.95
CA CYS A 1 -12.84 17.36 -6.39
C CYS A 1 -12.33 16.33 -7.39
N PHE A 2 -12.56 16.55 -8.70
CA PHE A 2 -11.97 15.70 -9.76
C PHE A 2 -11.98 16.33 -11.14
N GLU A 3 -11.13 15.83 -12.04
CA GLU A 3 -11.03 16.36 -13.40
C GLU A 3 -11.32 15.26 -14.42
N PRO A 4 -12.09 15.57 -15.47
CA PRO A 4 -12.59 14.54 -16.38
C PRO A 4 -11.67 14.21 -17.53
N PRO A 5 -11.68 12.96 -18.00
CA PRO A 5 -10.93 12.57 -19.20
C PRO A 5 -11.31 13.46 -20.35
N PRO A 6 -10.45 13.55 -21.36
CA PRO A 6 -9.17 12.83 -21.34
C PRO A 6 -8.06 13.69 -20.73
N ALA A 7 -6.94 13.04 -20.46
CA ALA A 7 -5.74 13.75 -20.08
C ALA A 7 -4.80 13.76 -21.27
N THR A 8 -3.94 14.76 -21.31
CA THR A 8 -2.94 14.87 -22.35
C THR A 8 -1.67 14.33 -21.74
N THR A 9 -1.14 13.26 -22.30
CA THR A 9 0.08 12.70 -21.75
C THR A 9 1.22 12.80 -22.76
N THR A 10 2.41 13.13 -22.26
CA THR A 10 3.63 13.04 -23.06
C THR A 10 4.62 12.03 -22.50
N GLN A 11 5.65 11.74 -23.29
CA GLN A 11 6.70 10.85 -22.85
C GLN A 11 8.04 11.58 -22.81
N THR A 12 8.73 11.48 -21.67
CA THR A 12 9.98 12.21 -21.45
C THR A 12 11.09 11.23 -21.05
N GLY A 13 10.73 9.95 -21.00
CA GLY A 13 11.68 8.93 -20.63
C GLY A 13 11.46 7.71 -21.49
N PHE A 14 12.42 6.81 -21.44
CA PHE A 14 12.34 5.55 -22.18
C PHE A 14 11.03 4.83 -21.83
N ARG A 15 10.37 4.27 -22.83
CA ARG A 15 9.10 3.53 -22.67
C ARG A 15 9.10 2.56 -21.45
N GLY A 16 8.02 2.60 -20.67
CA GLY A 16 7.89 1.74 -19.50
C GLY A 16 8.42 2.30 -18.19
N LEU A 17 8.87 3.55 -18.19
CA LEU A 17 9.33 4.17 -16.96
C LEU A 17 8.30 5.12 -16.42
N SER A 18 7.18 5.27 -17.12
CA SER A 18 6.14 6.20 -16.70
C SER A 18 6.65 7.60 -16.42
N MET A 19 7.37 8.15 -17.38
CA MET A 19 7.89 9.50 -17.28
C MET A 19 7.17 10.39 -18.31
N GLY A 20 6.64 11.52 -17.87
CA GLY A 20 6.13 12.48 -18.81
C GLY A 20 5.15 13.43 -18.17
N GLU A 21 4.54 14.30 -18.97
CA GLU A 21 3.58 15.28 -18.48
C GLU A 21 2.20 14.69 -18.49
N VAL A 22 1.40 15.11 -17.53
CA VAL A 22 0.01 14.76 -17.46
C VAL A 22 -0.78 16.07 -17.36
N LEU A 23 -1.45 16.44 -18.46
CA LEU A 23 -2.05 17.76 -18.62
C LEU A 23 -3.54 17.60 -18.73
N HIS A 24 -4.27 18.47 -18.06
CA HIS A 24 -5.72 18.49 -18.23
C HIS A 24 -6.01 19.51 -19.33
N PRO A 25 -6.67 19.08 -20.40
CA PRO A 25 -6.70 19.93 -21.59
C PRO A 25 -7.30 21.33 -21.34
N ALA A 26 -8.36 21.40 -20.55
CA ALA A 26 -8.98 22.68 -20.27
C ALA A 26 -8.06 23.69 -19.53
N THR A 27 -7.26 23.20 -18.60
CA THR A 27 -6.40 24.08 -17.85
C THR A 27 -5.37 24.67 -18.79
N VAL A 28 -4.84 23.82 -19.66
CA VAL A 28 -3.80 24.24 -20.58
C VAL A 28 -4.38 25.33 -21.45
N LYS A 29 -5.65 25.17 -21.79
CA LYS A 29 -6.28 26.10 -22.69
C LYS A 29 -6.48 27.44 -22.03
N ALA A 30 -6.86 27.40 -20.77
CA ALA A 30 -7.09 28.63 -20.04
C ALA A 30 -5.77 29.37 -19.80
N LYS A 31 -4.66 28.66 -19.66
CA LYS A 31 -3.42 29.38 -19.49
C LYS A 31 -3.00 29.90 -20.83
N LYS A 32 -3.27 29.14 -21.88
CA LYS A 32 -2.91 29.54 -23.23
C LYS A 32 -3.57 30.86 -23.54
N GLU A 33 -4.79 31.04 -23.04
CA GLU A 33 -5.56 32.23 -23.31
C GLU A 33 -5.09 33.44 -22.54
N ARG A 34 -4.81 33.24 -21.26
CA ARG A 34 -4.22 34.30 -20.45
C ARG A 34 -2.89 34.76 -21.05
N ASP A 35 -2.08 33.82 -21.52
CA ASP A 35 -0.78 34.19 -22.04
C ASP A 35 -0.89 34.83 -23.42
N ALA A 36 -2.03 34.60 -24.06
CA ALA A 36 -2.28 35.12 -25.40
C ALA A 36 -2.42 36.63 -25.42
N GLN A 37 -2.58 37.21 -24.24
CA GLN A 37 -2.74 38.64 -24.12
C GLN A 37 -1.44 39.43 -24.32
N TYR A 38 -0.31 38.73 -24.46
CA TYR A 38 0.94 39.37 -24.83
C TYR A 38 0.65 40.27 -26.03
N PRO A 39 0.66 41.60 -25.82
CA PRO A 39 0.52 42.57 -26.91
C PRO A 39 1.52 42.26 -27.99
N PRO A 40 1.08 42.41 -29.23
CA PRO A 40 1.98 42.15 -30.37
C PRO A 40 2.99 43.24 -30.45
N ALA A 41 4.04 42.97 -31.20
CA ALA A 41 5.08 43.94 -31.39
C ALA A 41 4.50 45.14 -32.11
N LEU A 42 4.83 46.32 -31.61
CA LEU A 42 4.60 47.55 -32.34
C LEU A 42 5.28 47.44 -33.68
N ALA A 43 4.58 47.90 -34.71
CA ALA A 43 5.17 48.20 -36.00
C ALA A 43 6.59 48.74 -35.87
N ALA A 44 7.44 48.31 -36.79
CA ALA A 44 8.85 48.68 -36.78
C ALA A 44 9.00 50.07 -37.38
N VAL A 45 9.87 50.88 -36.78
CA VAL A 45 10.13 52.20 -37.31
C VAL A 45 11.52 52.23 -37.94
N LYS A 46 11.67 53.01 -39.01
CA LYS A 46 12.97 53.18 -39.64
C LYS A 46 13.81 54.15 -38.82
N ALA A 47 15.09 53.87 -38.74
CA ALA A 47 15.96 54.61 -37.84
C ALA A 47 16.58 55.81 -38.53
N GLU A 48 15.73 56.73 -38.98
CA GLU A 48 16.20 58.07 -39.33
C GLU A 48 16.56 58.71 -37.98
N GLY A 49 17.67 59.43 -37.92
CA GLY A 49 17.93 60.24 -36.75
C GLY A 49 19.34 60.14 -36.17
N PRO A 50 19.61 61.07 -35.23
CA PRO A 50 20.72 60.97 -34.26
C PRO A 50 20.34 60.00 -33.13
N PRO A 51 21.35 59.45 -32.45
CA PRO A 51 21.20 58.86 -31.11
C PRO A 51 20.48 59.81 -30.20
N VAL A 52 19.50 59.27 -29.49
CA VAL A 52 18.72 60.08 -28.58
C VAL A 52 19.65 60.56 -27.48
N SER A 53 20.85 60.00 -27.42
CA SER A 53 21.86 60.51 -26.50
C SER A 53 22.20 61.96 -26.80
N GLN A 54 22.26 62.26 -28.09
CA GLN A 54 22.37 63.63 -28.58
C GLN A 54 21.03 64.34 -28.33
N VAL A 55 19.98 63.87 -28.99
CA VAL A 55 18.65 64.47 -28.92
C VAL A 55 18.12 64.74 -27.50
N TYR A 56 17.93 63.68 -26.71
CA TYR A 56 17.37 63.81 -25.37
C TYR A 56 18.45 64.06 -24.32
N LYS A 57 18.02 64.23 -23.09
CA LYS A 57 18.90 64.67 -22.00
C LYS A 57 19.37 63.54 -21.08
N ASN A 58 18.42 62.87 -20.44
CA ASN A 58 18.69 62.00 -19.30
C ASN A 58 18.53 60.55 -19.71
N VAL A 59 19.14 60.19 -20.85
CA VAL A 59 18.97 58.86 -21.40
C VAL A 59 20.27 58.10 -21.31
N LYS A 60 20.28 57.13 -20.41
CA LYS A 60 21.50 56.42 -20.04
C LYS A 60 21.66 55.07 -20.72
N VAL A 61 20.59 54.28 -20.74
CA VAL A 61 20.68 52.93 -21.26
C VAL A 61 20.44 52.91 -22.77
N LEU A 62 19.30 53.43 -23.19
CA LEU A 62 18.87 53.30 -24.59
C LEU A 62 19.42 54.44 -25.43
N GLY A 63 20.50 55.06 -24.94
CA GLY A 63 21.00 56.29 -25.52
C GLY A 63 21.31 56.20 -27.00
N ASN A 64 21.67 55.00 -27.46
CA ASN A 64 22.11 54.78 -28.84
C ASN A 64 20.94 54.69 -29.85
N LEU A 65 19.72 54.65 -29.34
CA LEU A 65 18.56 54.49 -30.19
C LEU A 65 18.28 55.80 -30.92
N THR A 66 17.88 55.71 -32.18
CA THR A 66 17.33 56.88 -32.82
C THR A 66 16.04 57.28 -32.11
N GLU A 67 15.66 58.53 -32.27
CA GLU A 67 14.46 59.06 -31.66
C GLU A 67 13.21 58.19 -31.86
N ALA A 68 12.91 57.83 -33.10
CA ALA A 68 11.72 57.05 -33.42
C ALA A 68 11.73 55.66 -32.77
N GLU A 69 12.88 55.00 -32.88
CA GLU A 69 13.10 53.74 -32.19
C GLU A 69 12.83 53.89 -30.70
N PHE A 70 13.36 54.93 -30.09
CA PHE A 70 13.26 55.13 -28.64
C PHE A 70 11.82 55.27 -28.14
N LEU A 71 11.02 56.09 -28.82
CA LEU A 71 9.64 56.30 -28.41
C LEU A 71 8.80 55.03 -28.66
N ARG A 72 9.23 54.24 -29.63
CA ARG A 72 8.62 52.93 -29.84
C ARG A 72 8.81 52.06 -28.60
N THR A 73 10.04 52.03 -28.08
CA THR A 73 10.35 51.33 -26.84
C THR A 73 9.50 51.85 -25.71
N MET A 74 9.48 53.18 -25.53
CA MET A 74 8.71 53.79 -24.44
C MET A 74 7.25 53.43 -24.54
N THR A 75 6.78 53.21 -25.77
CA THR A 75 5.40 52.80 -25.97
C THR A 75 5.17 51.34 -25.59
N ALA A 76 6.08 50.45 -25.99
CA ALA A 76 6.03 49.05 -25.58
C ALA A 76 6.13 48.93 -24.06
N ILE A 77 7.12 49.60 -23.48
CA ILE A 77 7.31 49.59 -22.04
C ILE A 77 6.00 49.98 -21.35
N THR A 78 5.37 51.02 -21.86
CA THR A 78 4.16 51.55 -21.24
C THR A 78 3.04 50.53 -21.34
N GLU A 79 3.01 49.84 -22.46
CA GLU A 79 1.97 48.88 -22.76
C GLU A 79 2.16 47.57 -21.96
N TRP A 80 3.39 47.29 -21.56
CA TRP A 80 3.70 46.08 -20.82
C TRP A 80 3.54 46.24 -19.32
N VAL A 81 3.91 47.40 -18.80
CA VAL A 81 4.02 47.60 -17.36
C VAL A 81 2.90 48.45 -16.79
N SER A 82 2.76 49.66 -17.31
CA SER A 82 1.79 50.63 -16.77
C SER A 82 0.80 51.10 -17.82
N PRO A 83 0.06 50.17 -18.45
CA PRO A 83 -0.86 50.51 -19.52
C PRO A 83 -2.04 51.34 -19.07
N GLN A 84 -2.59 51.01 -17.90
CA GLN A 84 -3.75 51.74 -17.43
C GLN A 84 -3.36 53.13 -16.95
N GLU A 85 -2.11 53.29 -16.58
CA GLU A 85 -1.63 54.53 -15.99
C GLU A 85 -1.07 55.48 -17.05
N GLY A 86 -0.48 54.92 -18.11
CA GLY A 86 0.05 55.73 -19.19
C GLY A 86 1.44 56.18 -18.85
N CYS A 87 2.08 56.93 -19.75
CA CYS A 87 3.48 57.37 -19.59
C CYS A 87 3.74 57.98 -18.25
N THR A 88 2.74 58.68 -17.73
CA THR A 88 2.90 59.49 -16.53
C THR A 88 3.21 58.72 -15.28
N TYR A 89 2.97 57.42 -15.30
CA TYR A 89 3.31 56.55 -14.18
C TYR A 89 4.75 56.79 -13.76
N CYS A 90 5.61 57.01 -14.75
CA CYS A 90 7.05 57.15 -14.57
C CYS A 90 7.60 58.55 -14.83
N HIS A 91 6.92 59.32 -15.67
CA HIS A 91 7.47 60.60 -16.12
C HIS A 91 6.82 61.74 -15.44
N ASP A 92 7.57 62.81 -15.27
CA ASP A 92 6.90 64.04 -14.89
C ASP A 92 6.19 64.56 -16.12
N GLU A 93 4.89 64.81 -15.94
CA GLU A 93 3.98 65.20 -17.02
C GLU A 93 4.64 66.22 -17.93
N ASN A 94 5.44 67.10 -17.33
CA ASN A 94 5.98 68.29 -18.01
C ASN A 94 7.46 68.19 -18.28
N ASN A 95 8.13 67.27 -17.58
CA ASN A 95 9.55 67.06 -17.78
C ASN A 95 9.86 65.57 -17.85
N LEU A 96 10.33 65.14 -19.00
CA LEU A 96 10.46 63.73 -19.27
C LEU A 96 11.82 63.19 -18.90
N ALA A 97 12.78 64.08 -18.68
CA ALA A 97 14.06 63.69 -18.11
C ALA A 97 13.98 63.55 -16.60
N SER A 98 12.85 63.96 -16.02
CA SER A 98 12.69 63.97 -14.57
C SER A 98 12.60 62.57 -13.96
N GLU A 99 13.51 62.34 -13.01
CA GLU A 99 13.57 61.13 -12.21
C GLU A 99 12.76 61.26 -10.95
N ALA A 100 11.90 62.26 -10.92
CA ALA A 100 11.17 62.62 -9.71
C ALA A 100 10.39 61.43 -9.09
N LYS A 101 9.84 60.57 -9.95
CA LYS A 101 8.98 59.48 -9.51
C LYS A 101 9.82 58.23 -9.47
N TYR A 102 9.62 57.40 -8.45
CA TYR A 102 10.44 56.20 -8.33
C TYR A 102 10.32 55.20 -9.52
N PRO A 103 9.11 55.03 -10.09
CA PRO A 103 9.03 54.16 -11.27
C PRO A 103 10.07 54.48 -12.32
N TYR A 104 10.46 55.75 -12.44
CA TYR A 104 11.49 56.09 -13.42
C TYR A 104 12.75 55.29 -13.16
N VAL A 105 13.31 55.45 -11.97
CA VAL A 105 14.64 54.91 -11.77
C VAL A 105 14.54 53.40 -11.66
N VAL A 106 13.43 52.93 -11.11
CA VAL A 106 13.22 51.50 -11.02
C VAL A 106 13.15 50.95 -12.45
N ALA A 107 12.28 51.53 -13.27
CA ALA A 107 12.20 51.20 -14.68
C ALA A 107 13.55 51.29 -15.34
N ARG A 108 14.38 52.27 -14.96
CA ARG A 108 15.71 52.38 -15.55
C ARG A 108 16.54 51.15 -15.26
N ARG A 109 16.53 50.73 -14.00
CA ARG A 109 17.28 49.55 -13.53
C ARG A 109 16.75 48.26 -14.17
N MET A 110 15.44 48.22 -14.40
CA MET A 110 14.77 47.07 -15.00
C MET A 110 15.07 46.89 -16.49
N LEU A 111 15.29 48.00 -17.20
CA LEU A 111 15.85 47.95 -18.56
C LEU A 111 17.23 47.31 -18.54
N GLU A 112 18.03 47.65 -17.53
CA GLU A 112 19.35 47.04 -17.36
C GLU A 112 19.26 45.54 -17.08
N MET A 113 18.47 45.18 -16.07
CA MET A 113 18.24 43.79 -15.70
C MET A 113 17.69 42.97 -16.86
N THR A 114 16.64 43.51 -17.49
CA THR A 114 16.06 42.91 -18.68
C THR A 114 17.13 42.65 -19.73
N ARG A 115 17.95 43.65 -20.02
CA ARG A 115 19.04 43.43 -20.96
C ARG A 115 20.08 42.42 -20.44
N ALA A 116 20.24 42.32 -19.13
CA ALA A 116 21.12 41.29 -18.54
C ALA A 116 20.58 39.90 -18.83
N ILE A 117 19.33 39.66 -18.44
CA ILE A 117 18.69 38.37 -18.67
C ILE A 117 18.83 37.91 -20.09
N ASN A 118 18.58 38.81 -21.02
CA ASN A 118 18.64 38.45 -22.42
C ASN A 118 20.03 38.29 -23.01
N THR A 119 21.02 38.81 -22.30
CA THR A 119 22.38 38.79 -22.82
C THR A 119 23.20 37.71 -22.14
N ASN A 120 23.01 37.54 -20.84
CA ASN A 120 23.93 36.75 -20.05
C ASN A 120 23.32 35.48 -19.52
N TRP A 121 22.00 35.39 -19.57
CA TRP A 121 21.30 34.21 -19.07
C TRP A 121 20.64 33.50 -20.20
N THR A 122 21.39 33.50 -21.27
CA THR A 122 21.06 32.84 -22.49
C THR A 122 20.91 31.32 -22.34
N GLN A 123 21.66 30.72 -21.42
N GLN A 123 21.67 30.74 -21.39
CA GLN A 123 21.58 29.28 -21.23
CA GLN A 123 21.61 29.29 -21.17
C GLN A 123 20.25 28.88 -20.60
C GLN A 123 20.30 28.88 -20.53
N HIS A 124 19.55 29.85 -20.03
CA HIS A 124 18.22 29.60 -19.56
C HIS A 124 17.17 30.09 -20.53
N VAL A 125 17.21 31.39 -20.84
CA VAL A 125 16.12 32.01 -21.62
C VAL A 125 16.31 31.80 -23.10
N ALA A 126 17.51 31.39 -23.48
CA ALA A 126 17.82 31.07 -24.86
C ALA A 126 17.48 32.23 -25.78
N GLN A 127 16.78 31.94 -26.88
CA GLN A 127 16.44 32.92 -27.90
C GLN A 127 14.95 33.31 -27.79
N THR A 128 14.31 32.89 -26.71
CA THR A 128 12.98 33.38 -26.36
C THR A 128 13.10 34.71 -25.63
N GLY A 129 13.99 34.76 -24.65
CA GLY A 129 14.26 36.01 -23.98
C GLY A 129 13.05 36.42 -23.16
N VAL A 130 13.23 37.36 -22.26
CA VAL A 130 12.09 37.97 -21.61
C VAL A 130 11.93 39.43 -22.07
N THR A 131 10.78 40.02 -21.79
CA THR A 131 10.56 41.44 -21.96
C THR A 131 9.95 41.86 -20.62
N CYS A 132 9.65 43.15 -20.45
CA CYS A 132 8.97 43.57 -19.23
C CYS A 132 7.65 42.82 -19.02
N TYR A 133 6.95 42.51 -20.12
CA TYR A 133 5.65 41.88 -20.03
C TYR A 133 5.71 40.50 -19.36
N THR A 134 6.85 39.82 -19.49
CA THR A 134 6.99 38.45 -19.02
C THR A 134 6.68 38.37 -17.53
N CYS A 135 7.17 39.32 -16.75
CA CYS A 135 6.85 39.36 -15.33
C CYS A 135 5.66 40.22 -15.02
N HIS A 136 5.63 41.42 -15.58
CA HIS A 136 4.63 42.43 -15.20
C HIS A 136 3.21 42.15 -15.68
N ARG A 137 3.06 41.50 -16.82
CA ARG A 137 1.74 41.18 -17.33
C ARG A 137 0.79 42.38 -17.28
N GLY A 138 1.28 43.56 -17.66
CA GLY A 138 0.41 44.73 -17.78
C GLY A 138 0.04 45.47 -16.51
N THR A 139 0.78 45.24 -15.43
CA THR A 139 0.63 46.01 -14.20
C THR A 139 1.97 46.31 -13.60
N PRO A 140 2.07 47.44 -12.89
CA PRO A 140 3.38 47.87 -12.41
C PRO A 140 3.95 46.87 -11.43
N LEU A 141 3.14 46.42 -10.49
CA LEU A 141 3.51 45.32 -9.62
C LEU A 141 3.24 44.02 -10.35
N PRO A 142 4.28 43.18 -10.57
CA PRO A 142 4.07 41.84 -11.12
C PRO A 142 3.16 40.98 -10.23
N PRO A 143 2.29 40.17 -10.84
CA PRO A 143 1.29 39.44 -10.05
C PRO A 143 1.87 38.35 -9.14
N TYR A 144 3.04 37.84 -9.51
CA TYR A 144 3.68 36.76 -8.78
C TYR A 144 5.07 37.15 -8.36
N VAL A 145 5.16 37.56 -7.10
CA VAL A 145 6.41 37.97 -6.49
C VAL A 145 6.54 37.28 -5.13
N ARG A 146 7.74 37.32 -4.57
CA ARG A 146 7.99 36.62 -3.33
C ARG A 146 8.64 37.59 -2.34
N TYR A 147 8.12 37.58 -1.11
CA TYR A 147 8.73 38.27 0.03
C TYR A 147 9.55 37.28 0.86
N LEU A 148 10.25 37.80 1.86
CA LEU A 148 11.11 36.96 2.69
C LEU A 148 10.26 36.16 3.66
N GLU A 149 8.96 36.16 3.45
CA GLU A 149 8.08 35.24 4.14
C GLU A 149 6.98 34.83 3.18
N PRO A 150 6.44 33.62 3.31
CA PRO A 150 5.33 33.21 2.45
C PRO A 150 4.15 34.15 2.58
N THR A 151 3.48 34.37 1.46
CA THR A 151 2.30 35.21 1.44
C THR A 151 1.25 34.51 0.58
N LEU A 152 -0.02 34.89 0.75
CA LEU A 152 -1.11 34.38 -0.08
C LEU A 152 -2.11 35.50 -0.35
N PRO A 153 -2.93 35.34 -1.39
CA PRO A 153 -2.89 34.42 -2.54
C PRO A 153 -1.63 34.63 -3.36
N LEU A 154 -1.21 33.60 -4.07
CA LEU A 154 0.02 33.68 -4.85
C LEU A 154 -0.10 34.81 -5.87
N ASN A 155 -1.28 34.93 -6.45
CA ASN A 155 -1.52 36.02 -7.35
C ASN A 155 -1.93 37.20 -6.50
N ASN A 156 -1.07 38.21 -6.48
CA ASN A 156 -1.30 39.35 -5.61
C ASN A 156 -2.41 40.26 -6.14
N ARG A 157 -2.99 39.88 -7.27
CA ARG A 157 -4.15 40.61 -7.77
C ARG A 157 -5.44 40.13 -7.10
N GLU A 158 -5.35 39.14 -6.21
CA GLU A 158 -6.52 38.66 -5.50
C GLU A 158 -6.54 39.23 -4.08
N THR A 159 -7.74 39.39 -3.52
CA THR A 159 -7.86 39.97 -2.17
C THR A 159 -7.61 38.90 -1.12
N PRO A 160 -6.67 39.15 -0.18
CA PRO A 160 -6.33 38.15 0.83
C PRO A 160 -7.51 37.95 1.74
N THR A 161 -7.72 36.72 2.21
CA THR A 161 -8.61 36.54 3.34
C THR A 161 -7.87 36.96 4.62
N HIS A 162 -8.58 36.93 5.74
CA HIS A 162 -7.98 37.33 6.99
C HIS A 162 -6.80 36.41 7.26
N VAL A 163 -7.10 35.11 7.18
CA VAL A 163 -6.16 34.06 7.50
C VAL A 163 -4.98 34.07 6.53
N GLU A 164 -5.22 34.54 5.30
CA GLU A 164 -4.15 34.64 4.31
C GLU A 164 -3.19 35.77 4.59
N ARG A 165 -3.69 36.80 5.25
CA ARG A 165 -2.86 37.97 5.54
C ARG A 165 -1.65 37.53 6.33
N VAL A 166 -0.49 38.06 5.96
CA VAL A 166 0.78 37.61 6.50
C VAL A 166 0.81 37.88 8.00
N GLU A 167 -0.11 38.72 8.47
CA GLU A 167 -0.19 39.09 9.87
C GLU A 167 -0.91 38.04 10.69
N THR A 168 -1.84 37.34 10.06
CA THR A 168 -2.62 36.30 10.73
C THR A 168 -1.79 35.01 10.91
N ARG A 169 -1.21 34.83 12.09
CA ARG A 169 -0.23 33.76 12.30
C ARG A 169 -0.82 32.37 12.21
N SER A 170 -2.07 32.24 12.64
CA SER A 170 -2.80 30.99 12.53
C SER A 170 -2.87 30.46 11.10
N GLY A 171 -2.56 31.32 10.14
CA GLY A 171 -2.63 30.95 8.75
C GLY A 171 -1.28 30.65 8.13
N TYR A 172 -0.24 30.56 8.97
CA TYR A 172 1.10 30.33 8.48
C TYR A 172 1.24 29.04 7.68
N VAL A 173 0.85 27.92 8.28
CA VAL A 173 1.04 26.60 7.71
C VAL A 173 0.41 26.50 6.32
N VAL A 174 -0.70 27.19 6.13
CA VAL A 174 -1.38 27.20 4.85
C VAL A 174 -0.66 28.08 3.85
N ARG A 175 -0.12 29.21 4.30
CA ARG A 175 0.63 30.10 3.41
C ARG A 175 1.75 29.31 2.83
N LEU A 176 2.29 28.40 3.65
CA LEU A 176 3.45 27.60 3.28
C LEU A 176 3.03 26.40 2.44
N ALA A 177 1.97 25.71 2.84
CA ALA A 177 1.44 24.58 2.06
C ALA A 177 1.16 25.00 0.61
N LYS A 178 0.59 26.18 0.45
CA LYS A 178 0.21 26.63 -0.87
C LYS A 178 1.40 27.08 -1.73
N TYR A 179 2.58 27.24 -1.13
CA TYR A 179 3.77 27.53 -1.91
C TYR A 179 4.54 26.26 -2.29
N THR A 180 4.27 25.15 -1.61
CA THR A 180 4.88 23.87 -1.93
C THR A 180 3.82 22.83 -2.36
N ALA A 181 2.94 23.24 -3.26
CA ALA A 181 1.94 22.38 -3.86
C ALA A 181 1.13 21.58 -2.84
N TYR A 182 0.87 22.22 -1.71
CA TYR A 182 -0.02 21.69 -0.68
C TYR A 182 0.59 20.65 0.23
N SER A 183 1.89 20.45 0.13
CA SER A 183 2.54 19.52 1.03
C SER A 183 2.56 20.17 2.40
N ALA A 184 2.91 19.40 3.42
CA ALA A 184 3.07 19.93 4.77
C ALA A 184 4.53 20.23 5.12
N LEU A 185 5.36 20.36 4.09
CA LEU A 185 6.79 20.47 4.28
C LEU A 185 7.07 21.78 4.93
N ASN A 186 7.74 21.70 6.05
CA ASN A 186 7.80 22.86 6.90
C ASN A 186 8.95 23.78 6.52
N TYR A 187 9.13 23.99 5.21
CA TYR A 187 10.24 24.84 4.74
C TYR A 187 9.80 25.83 3.69
N ASP A 188 10.48 26.97 3.61
CA ASP A 188 10.20 27.92 2.57
C ASP A 188 11.39 27.91 1.60
N PRO A 189 11.22 27.23 0.46
CA PRO A 189 12.31 27.09 -0.50
C PRO A 189 12.77 28.39 -1.12
N PHE A 190 11.95 29.43 -1.03
CA PHE A 190 12.29 30.69 -1.68
C PHE A 190 13.42 31.35 -0.93
N THR A 191 13.22 31.54 0.37
CA THR A 191 14.22 32.20 1.18
C THR A 191 15.45 31.30 1.43
N MET A 192 15.22 29.99 1.49
CA MET A 192 16.32 29.05 1.62
C MET A 192 17.18 28.93 0.38
N PHE A 193 16.56 28.97 -0.78
CA PHE A 193 17.23 28.57 -1.99
C PHE A 193 17.38 29.64 -3.03
N LEU A 194 16.32 30.42 -3.24
CA LEU A 194 16.25 31.30 -4.41
C LEU A 194 16.60 32.76 -4.15
N ALA A 195 16.58 33.17 -2.89
CA ALA A 195 16.85 34.55 -2.54
C ALA A 195 18.32 34.85 -2.73
N ASN A 196 19.15 33.84 -2.52
CA ASN A 196 20.59 34.00 -2.58
C ASN A 196 21.23 32.66 -2.87
N ASP A 197 22.56 32.66 -2.83
CA ASP A 197 23.31 31.46 -3.19
C ASP A 197 23.93 30.75 -1.99
N LYS A 198 23.35 30.95 -0.81
CA LYS A 198 23.94 30.42 0.42
C LYS A 198 23.81 28.91 0.59
N ARG A 199 22.69 28.34 0.14
CA ARG A 199 22.44 26.92 0.35
C ARG A 199 22.63 26.05 -0.90
N GLN A 200 22.94 24.78 -0.64
CA GLN A 200 23.21 23.80 -1.69
C GLN A 200 21.96 22.91 -1.85
N VAL A 201 21.49 22.76 -3.08
CA VAL A 201 20.25 22.05 -3.33
C VAL A 201 20.44 20.53 -3.24
N ARG A 202 21.62 20.05 -3.59
CA ARG A 202 21.87 18.61 -3.67
C ARG A 202 22.12 18.07 -2.29
N VAL A 203 21.42 17.00 -1.94
CA VAL A 203 21.48 16.44 -0.60
C VAL A 203 21.80 14.97 -0.61
N VAL A 204 21.87 14.39 -1.81
CA VAL A 204 22.00 12.94 -1.98
C VAL A 204 23.47 12.61 -2.17
N PRO A 205 23.95 11.54 -1.53
CA PRO A 205 25.34 11.07 -1.64
C PRO A 205 25.71 10.48 -3.00
N GLN A 206 26.96 10.62 -3.39
CA GLN A 206 27.39 10.14 -4.68
C GLN A 206 28.31 8.91 -4.56
N THR A 207 28.32 8.29 -3.38
CA THR A 207 29.05 7.06 -3.15
C THR A 207 28.07 6.09 -2.52
N ALA A 208 28.29 4.80 -2.72
CA ALA A 208 27.41 3.78 -2.17
C ALA A 208 27.50 3.74 -0.65
N LEU A 209 28.71 3.75 -0.11
CA LEU A 209 28.91 3.62 1.32
C LEU A 209 29.19 4.97 1.93
N PRO A 210 28.92 5.13 3.24
CA PRO A 210 29.14 6.41 3.89
C PRO A 210 30.63 6.67 4.00
N LEU A 211 31.10 7.81 3.48
CA LEU A 211 32.50 8.20 3.63
C LEU A 211 32.86 8.59 5.06
N VAL A 212 34.00 8.11 5.51
CA VAL A 212 34.46 8.33 6.86
C VAL A 212 34.91 9.76 6.94
N GLY A 213 34.34 10.49 7.88
CA GLY A 213 34.65 11.91 7.97
C GLY A 213 33.49 12.86 7.77
N VAL A 214 32.43 12.44 7.11
CA VAL A 214 31.28 13.33 6.92
C VAL A 214 29.99 12.62 7.27
N SER A 215 30.09 11.46 7.89
CA SER A 215 28.92 10.63 8.00
C SER A 215 28.45 10.40 9.40
N ARG A 216 28.98 11.14 10.36
CA ARG A 216 28.54 10.96 11.74
C ARG A 216 28.41 12.26 12.53
N GLY A 217 27.42 12.31 13.41
CA GLY A 217 27.29 13.43 14.32
C GLY A 217 27.17 14.76 13.62
N LYS A 218 27.81 15.79 14.17
CA LYS A 218 27.73 17.13 13.61
C LYS A 218 28.43 17.28 12.24
N GLU A 219 29.05 16.21 11.75
CA GLU A 219 29.69 16.31 10.44
C GLU A 219 28.60 16.32 9.38
N ARG A 220 27.44 15.81 9.78
CA ARG A 220 26.36 15.50 8.84
C ARG A 220 25.45 16.69 8.59
N ARG A 221 24.93 16.72 7.38
CA ARG A 221 23.82 17.59 7.09
C ARG A 221 22.59 16.95 7.71
N PRO A 222 21.77 17.77 8.37
CA PRO A 222 20.57 17.28 9.01
C PRO A 222 19.55 16.84 7.97
N LEU A 223 18.70 15.90 8.34
CA LEU A 223 17.76 15.32 7.41
C LEU A 223 16.85 16.42 6.91
N SER A 224 16.69 17.46 7.70
CA SER A 224 15.85 18.56 7.31
C SER A 224 16.24 19.12 5.96
N ASP A 225 17.52 19.00 5.58
CA ASP A 225 17.97 19.45 4.25
C ASP A 225 17.35 18.71 3.09
N ALA A 226 17.11 17.43 3.28
CA ALA A 226 16.39 16.65 2.30
C ALA A 226 14.92 17.12 2.19
N TYR A 227 14.27 17.35 3.32
CA TYR A 227 12.91 17.89 3.32
C TYR A 227 12.87 19.21 2.54
N ALA A 228 13.74 20.12 2.89
CA ALA A 228 13.86 21.40 2.21
C ALA A 228 13.93 21.26 0.69
N THR A 229 14.90 20.46 0.23
CA THR A 229 15.12 20.27 -1.19
C THR A 229 13.85 19.74 -1.85
N PHE A 230 13.19 18.80 -1.19
CA PHE A 230 11.93 18.25 -1.67
C PHE A 230 10.91 19.39 -1.83
N ALA A 231 10.86 20.26 -0.83
CA ALA A 231 9.96 21.41 -0.81
C ALA A 231 10.23 22.29 -2.02
N LEU A 232 11.49 22.63 -2.24
CA LEU A 232 11.89 23.39 -3.40
C LEU A 232 11.41 22.78 -4.70
N MET A 233 11.52 21.47 -4.83
CA MET A 233 11.13 20.79 -6.06
C MET A 233 9.63 20.73 -6.24
N MET A 234 8.91 20.57 -5.13
CA MET A 234 7.47 20.67 -5.14
C MET A 234 7.07 22.04 -5.67
N SER A 235 7.75 23.07 -5.21
CA SER A 235 7.49 24.44 -5.62
C SER A 235 7.75 24.65 -7.12
N ILE A 236 8.95 24.26 -7.57
CA ILE A 236 9.34 24.36 -8.98
C ILE A 236 8.33 23.65 -9.87
N SER A 237 8.00 22.42 -9.53
CA SER A 237 7.04 21.65 -10.30
C SER A 237 5.78 22.46 -10.49
N ASP A 238 5.23 22.94 -9.39
CA ASP A 238 3.96 23.66 -9.44
C ASP A 238 4.11 24.98 -10.20
N SER A 239 5.20 25.68 -9.97
CA SER A 239 5.51 26.87 -10.73
C SER A 239 5.50 26.63 -12.22
N LEU A 240 5.97 25.46 -12.64
CA LEU A 240 6.03 25.20 -14.07
C LEU A 240 4.79 24.46 -14.57
N GLY A 241 3.84 24.21 -13.66
CA GLY A 241 2.72 23.32 -13.98
C GLY A 241 3.14 21.96 -14.52
N THR A 242 4.12 21.33 -13.85
CA THR A 242 4.68 20.07 -14.32
C THR A 242 5.07 19.15 -13.14
N ASN A 243 5.50 17.93 -13.47
CA ASN A 243 5.84 16.95 -12.44
C ASN A 243 7.33 16.60 -12.50
N CYS A 244 7.79 15.87 -11.49
CA CYS A 244 9.19 15.57 -11.35
C CYS A 244 9.77 14.98 -12.63
N THR A 245 9.01 14.16 -13.33
CA THR A 245 9.56 13.43 -14.47
C THR A 245 9.69 14.28 -15.72
N PHE A 246 9.31 15.54 -15.62
CA PHE A 246 9.67 16.48 -16.65
C PHE A 246 11.18 16.61 -16.65
N CYS A 247 11.80 16.37 -15.49
CA CYS A 247 13.23 16.58 -15.35
C CYS A 247 14.04 15.38 -14.91
N HIS A 248 13.46 14.51 -14.08
CA HIS A 248 14.22 13.44 -13.44
C HIS A 248 13.70 12.11 -13.92
N ASN A 249 14.55 11.11 -13.94
CA ASN A 249 14.05 9.76 -13.86
C ASN A 249 14.23 9.40 -12.40
N ALA A 250 13.13 9.10 -11.72
CA ALA A 250 13.11 9.02 -10.27
C ALA A 250 13.91 7.86 -9.75
N GLN A 251 14.28 6.94 -10.64
CA GLN A 251 15.22 5.89 -10.30
C GLN A 251 16.42 6.45 -9.54
N THR A 252 16.97 7.56 -10.02
CA THR A 252 18.06 8.23 -9.32
C THR A 252 17.97 9.73 -9.62
N PHE A 253 17.41 10.44 -8.65
CA PHE A 253 17.18 11.87 -8.73
C PHE A 253 18.47 12.61 -8.84
N GLU A 254 19.51 12.03 -8.26
CA GLU A 254 20.82 12.68 -8.16
C GLU A 254 21.64 12.57 -9.42
N SER A 255 21.25 11.66 -10.32
CA SER A 255 22.02 11.39 -11.52
C SER A 255 21.65 12.23 -12.71
N TRP A 256 22.64 12.51 -13.53
CA TRP A 256 22.43 13.24 -14.74
C TRP A 256 22.66 12.26 -15.88
N GLY A 257 23.04 12.76 -17.05
CA GLY A 257 23.27 11.89 -18.18
C GLY A 257 21.96 11.38 -18.71
N LYS A 258 21.77 10.07 -18.75
CA LYS A 258 20.54 9.47 -19.25
C LYS A 258 19.41 9.56 -18.24
N LYS A 259 19.76 9.80 -16.97
CA LYS A 259 18.79 9.89 -15.90
C LYS A 259 18.16 11.27 -15.76
N SER A 260 18.55 12.20 -16.62
CA SER A 260 18.00 13.54 -16.55
C SER A 260 17.71 14.04 -17.96
N THR A 261 16.63 14.82 -18.09
CA THR A 261 16.23 15.40 -19.37
C THR A 261 16.91 16.75 -19.63
N PRO A 262 16.98 17.17 -20.90
CA PRO A 262 17.46 18.52 -21.22
C PRO A 262 16.86 19.63 -20.34
N GLN A 263 15.63 19.44 -19.89
CA GLN A 263 14.98 20.47 -19.11
C GLN A 263 15.51 20.65 -17.69
N ARG A 264 16.23 19.65 -17.20
CA ARG A 264 16.81 19.73 -15.86
C ARG A 264 18.03 20.63 -15.87
N ALA A 265 18.81 20.55 -16.94
CA ALA A 265 19.97 21.40 -17.03
C ALA A 265 19.53 22.83 -17.27
N ILE A 266 18.45 23.02 -18.05
CA ILE A 266 17.90 24.37 -18.21
C ILE A 266 17.39 24.88 -16.86
N ALA A 267 16.77 24.02 -16.07
CA ALA A 267 16.27 24.42 -14.76
C ALA A 267 17.42 24.75 -13.81
N TRP A 268 18.52 24.00 -13.94
CA TRP A 268 19.70 24.26 -13.16
C TRP A 268 20.14 25.68 -13.39
N TRP A 269 20.22 26.09 -14.65
CA TRP A 269 20.53 27.48 -15.01
C TRP A 269 19.56 28.52 -14.45
N GLY A 270 18.27 28.18 -14.47
CA GLY A 270 17.27 29.10 -13.98
C GLY A 270 17.37 29.41 -12.51
N ILE A 271 17.75 28.43 -11.70
CA ILE A 271 18.09 28.67 -10.31
C ILE A 271 19.22 29.70 -10.19
N ARG A 272 20.25 29.53 -11.01
CA ARG A 272 21.41 30.44 -10.98
C ARG A 272 20.95 31.83 -11.39
N MET A 273 20.19 31.89 -12.48
CA MET A 273 19.63 33.14 -12.97
C MET A 273 18.77 33.87 -11.93
N VAL A 274 17.81 33.17 -11.34
CA VAL A 274 16.96 33.76 -10.32
C VAL A 274 17.75 34.38 -9.16
N ARG A 275 18.83 33.72 -8.76
CA ARG A 275 19.63 34.17 -7.62
C ARG A 275 20.32 35.49 -7.96
N ASP A 276 20.84 35.56 -9.18
CA ASP A 276 21.45 36.77 -9.68
C ASP A 276 20.47 37.96 -9.73
N LEU A 277 19.31 37.77 -10.34
CA LEU A 277 18.33 38.84 -10.36
C LEU A 277 18.03 39.30 -8.95
N ASN A 278 17.70 38.37 -8.07
CA ASN A 278 17.35 38.68 -6.70
C ASN A 278 18.46 39.44 -5.94
N MET A 279 19.64 38.84 -5.92
CA MET A 279 20.74 39.43 -5.21
C MET A 279 21.22 40.74 -5.80
N ASN A 280 21.21 40.88 -7.11
CA ASN A 280 21.87 42.01 -7.76
C ASN A 280 21.01 43.08 -8.39
N TYR A 281 19.74 42.79 -8.62
CA TYR A 281 18.85 43.80 -9.18
C TYR A 281 17.66 44.06 -8.26
N LEU A 282 17.05 43.00 -7.76
CA LEU A 282 15.71 43.15 -7.22
C LEU A 282 15.75 43.48 -5.76
N ALA A 283 16.63 42.81 -5.02
CA ALA A 283 16.74 43.04 -3.59
C ALA A 283 17.15 44.47 -3.30
N PRO A 284 18.18 44.99 -4.00
CA PRO A 284 18.62 46.38 -3.82
C PRO A 284 17.52 47.44 -3.98
N LEU A 285 16.47 47.12 -4.73
CA LEU A 285 15.41 48.08 -4.96
C LEU A 285 14.62 48.48 -3.72
N ASN A 286 14.93 47.95 -2.55
CA ASN A 286 14.24 48.44 -1.36
C ASN A 286 14.69 49.84 -1.04
N ALA A 287 15.88 50.19 -1.54
CA ALA A 287 16.37 51.57 -1.49
C ALA A 287 15.42 52.51 -2.24
N SER A 288 15.03 52.11 -3.45
CA SER A 288 14.34 53.00 -4.36
C SER A 288 12.83 52.90 -4.31
N LEU A 289 12.28 52.05 -3.46
CA LEU A 289 10.83 51.86 -3.45
C LEU A 289 10.12 52.49 -2.26
N PRO A 290 8.84 52.83 -2.43
CA PRO A 290 8.05 53.31 -1.29
C PRO A 290 7.94 52.22 -0.27
N ALA A 291 7.75 52.60 0.98
CA ALA A 291 7.41 51.62 2.00
C ALA A 291 6.25 50.75 1.55
N SER A 292 5.29 51.37 0.87
CA SER A 292 4.08 50.70 0.37
C SER A 292 4.40 49.37 -0.30
N ARG A 293 5.58 49.30 -0.92
CA ARG A 293 5.98 48.14 -1.70
C ARG A 293 6.56 47.03 -0.85
N LEU A 294 7.27 47.41 0.21
CA LEU A 294 8.17 46.50 0.89
C LEU A 294 7.47 45.64 1.92
N GLY A 295 8.05 44.48 2.22
CA GLY A 295 7.44 43.55 3.15
C GLY A 295 7.85 43.77 4.59
N ARG A 296 7.62 42.77 5.43
CA ARG A 296 7.79 42.97 6.86
C ARG A 296 9.25 43.07 7.35
N GLN A 297 10.22 42.75 6.50
CA GLN A 297 11.60 43.06 6.85
C GLN A 297 12.23 44.10 5.94
N GLY A 298 11.39 44.94 5.35
CA GLY A 298 11.87 45.97 4.45
C GLY A 298 12.57 45.42 3.24
N GLU A 299 12.16 44.21 2.84
CA GLU A 299 12.63 43.60 1.60
C GLU A 299 11.75 44.01 0.43
N ALA A 300 12.37 44.39 -0.69
CA ALA A 300 11.65 44.56 -1.94
C ALA A 300 11.02 43.23 -2.33
N PRO A 301 9.89 43.27 -3.06
CA PRO A 301 9.35 42.06 -3.71
C PRO A 301 10.40 41.46 -4.63
N GLN A 302 10.47 40.13 -4.68
CA GLN A 302 11.45 39.48 -5.53
C GLN A 302 10.83 38.36 -6.38
N ALA A 303 11.66 37.70 -7.18
CA ALA A 303 11.23 36.77 -8.22
C ALA A 303 11.60 35.31 -7.91
N ASP A 304 10.72 34.39 -8.28
CA ASP A 304 11.03 32.98 -8.23
C ASP A 304 10.74 32.43 -9.62
N CYS A 305 10.46 31.13 -9.72
CA CYS A 305 10.24 30.53 -11.03
C CYS A 305 8.87 30.96 -11.56
N ARG A 306 7.92 31.14 -10.65
CA ARG A 306 6.59 31.56 -11.04
C ARG A 306 6.59 32.95 -11.69
N THR A 307 7.43 33.87 -11.21
CA THR A 307 7.33 35.27 -11.62
C THR A 307 7.27 35.39 -13.14
N CYS A 308 8.09 34.58 -13.81
CA CYS A 308 7.98 34.42 -15.25
C CYS A 308 7.02 33.33 -15.70
N HIS A 309 7.18 32.12 -15.18
CA HIS A 309 6.55 30.95 -15.76
C HIS A 309 5.05 30.92 -15.54
N GLN A 310 4.62 31.38 -14.37
CA GLN A 310 3.21 31.48 -14.04
C GLN A 310 2.46 30.23 -14.47
N GLY A 311 3.04 29.08 -14.18
CA GLY A 311 2.33 27.82 -14.36
C GLY A 311 2.54 27.08 -15.66
N VAL A 312 3.48 27.54 -16.48
CA VAL A 312 3.72 26.93 -17.80
C VAL A 312 5.21 26.61 -17.93
N THR A 313 5.54 25.48 -18.55
CA THR A 313 6.94 25.09 -18.67
C THR A 313 7.83 26.08 -19.44
N LYS A 314 7.27 26.73 -20.45
CA LYS A 314 7.91 27.92 -21.03
C LYS A 314 6.99 29.10 -20.79
N PRO A 315 7.52 30.21 -20.29
CA PRO A 315 6.71 31.41 -20.05
C PRO A 315 5.96 31.79 -21.30
N LEU A 316 4.67 32.09 -21.13
CA LEU A 316 3.80 32.48 -22.24
C LEU A 316 3.90 31.50 -23.40
N PHE A 317 4.08 30.22 -23.06
CA PHE A 317 4.14 29.15 -24.04
C PHE A 317 5.20 29.43 -25.11
N GLY A 318 6.25 30.14 -24.72
CA GLY A 318 7.40 30.30 -25.57
C GLY A 318 7.35 31.51 -26.47
N ALA A 319 6.31 32.34 -26.34
CA ALA A 319 6.21 33.57 -27.13
C ALA A 319 7.47 34.37 -26.93
N SER A 320 7.96 35.00 -28.00
CA SER A 320 9.14 35.87 -27.95
C SER A 320 8.85 37.21 -28.63
N ARG A 321 9.51 38.28 -28.18
CA ARG A 321 9.49 39.54 -28.91
C ARG A 321 10.91 40.00 -29.14
N LEU A 322 11.82 39.05 -29.16
CA LEU A 322 13.23 39.35 -28.97
C LEU A 322 13.82 40.04 -30.19
N LYS A 323 13.40 39.61 -31.37
CA LYS A 323 13.83 40.24 -32.61
C LYS A 323 13.07 41.54 -32.83
N ASP A 324 11.95 41.70 -32.13
CA ASP A 324 11.13 42.89 -32.25
C ASP A 324 11.63 44.02 -31.38
N TYR A 325 12.30 43.69 -30.27
CA TYR A 325 12.87 44.73 -29.42
C TYR A 325 14.32 44.44 -28.99
N PRO A 326 15.28 44.66 -29.91
CA PRO A 326 16.69 44.33 -29.72
C PRO A 326 17.35 45.15 -28.62
N GLU A 327 16.77 46.31 -28.34
CA GLU A 327 17.17 47.16 -27.21
C GLU A 327 17.31 46.34 -25.95
N LEU A 328 16.37 45.43 -25.78
CA LEU A 328 16.27 44.66 -24.57
C LEU A 328 17.25 43.51 -24.55
N GLY A 329 18.04 43.42 -25.62
CA GLY A 329 19.08 42.42 -25.66
C GLY A 329 18.72 41.30 -26.63
N PRO A 330 19.69 40.44 -26.98
CA PRO A 330 21.04 40.38 -26.40
C PRO A 330 21.88 41.57 -26.83
N ILE A 331 22.58 42.15 -25.88
CA ILE A 331 23.39 43.32 -26.16
C ILE A 331 24.81 42.86 -26.55
N LYS A 332 25.18 43.12 -27.81
CA LYS A 332 26.50 42.76 -28.33
C LYS A 332 27.66 43.28 -27.45
N ALA B 1 2.91 -41.14 -2.36
CA ALA B 1 2.38 -40.22 -3.42
C ALA B 1 0.99 -39.65 -3.11
N LEU B 2 0.16 -40.41 -2.38
CA LEU B 2 -1.11 -39.90 -1.83
C LEU B 2 -0.97 -39.64 -0.35
N LEU B 3 -1.52 -38.53 0.12
CA LEU B 3 -1.57 -38.29 1.56
C LEU B 3 -2.34 -39.45 2.21
N SER B 4 -2.17 -39.65 3.51
CA SER B 4 -2.75 -40.84 4.13
C SER B 4 -4.28 -40.92 4.00
N PHE B 5 -4.90 -39.75 3.85
CA PHE B 5 -6.36 -39.58 3.83
C PHE B 5 -6.90 -39.18 2.46
N GLU B 6 -6.02 -39.10 1.48
CA GLU B 6 -6.36 -38.45 0.24
C GLU B 6 -7.26 -39.31 -0.64
N ARG B 7 -7.07 -40.63 -0.59
CA ARG B 7 -7.63 -41.47 -1.65
C ARG B 7 -9.14 -41.41 -1.75
N LYS B 8 -9.81 -41.25 -0.62
CA LYS B 8 -11.26 -41.28 -0.64
C LYS B 8 -11.84 -40.04 -1.31
N TYR B 9 -11.03 -39.00 -1.48
CA TYR B 9 -11.48 -37.76 -2.09
C TYR B 9 -11.25 -37.73 -3.59
N ARG B 10 -10.40 -38.63 -4.07
CA ARG B 10 -10.03 -38.63 -5.48
C ARG B 10 -11.08 -39.21 -6.45
N VAL B 11 -12.28 -38.62 -6.41
CA VAL B 11 -13.39 -39.10 -7.22
C VAL B 11 -13.51 -38.22 -8.46
N ARG B 12 -14.03 -38.79 -9.54
CA ARG B 12 -14.30 -38.05 -10.76
C ARG B 12 -15.46 -37.09 -10.53
N GLY B 13 -15.44 -35.97 -11.24
CA GLY B 13 -16.54 -35.02 -11.19
C GLY B 13 -16.06 -33.62 -10.91
N GLY B 14 -16.94 -32.65 -11.11
CA GLY B 14 -16.63 -31.29 -10.67
C GLY B 14 -16.13 -30.35 -11.74
N THR B 15 -15.83 -30.87 -12.93
CA THR B 15 -15.27 -30.06 -14.00
C THR B 15 -16.21 -28.94 -14.43
N LEU B 16 -15.64 -27.78 -14.72
CA LEU B 16 -16.38 -26.70 -15.34
C LEU B 16 -16.59 -27.00 -16.78
N ILE B 17 -15.68 -27.76 -17.36
CA ILE B 17 -15.62 -27.91 -18.80
C ILE B 17 -14.65 -29.05 -19.05
N GLY B 18 -14.84 -29.79 -20.13
CA GLY B 18 -14.00 -30.94 -20.41
C GLY B 18 -14.57 -32.24 -19.88
N GLY B 19 -15.14 -32.21 -18.67
CA GLY B 19 -15.66 -33.43 -18.08
C GLY B 19 -14.56 -34.42 -17.81
N ASP B 20 -14.79 -35.66 -18.21
CA ASP B 20 -13.90 -36.77 -17.91
C ASP B 20 -12.53 -36.64 -18.57
N LEU B 21 -12.46 -35.86 -19.63
CA LEU B 21 -11.29 -35.83 -20.51
C LEU B 21 -9.98 -35.51 -19.79
N PHE B 22 -9.93 -34.41 -19.04
CA PHE B 22 -8.74 -34.02 -18.29
C PHE B 22 -8.94 -34.18 -16.81
N ASP B 23 -10.05 -34.80 -16.42
CA ASP B 23 -10.31 -35.07 -15.01
C ASP B 23 -9.34 -36.10 -14.43
N PHE B 24 -8.13 -35.67 -14.10
CA PHE B 24 -7.15 -36.57 -13.51
C PHE B 24 -5.95 -35.83 -12.92
N TRP B 25 -5.06 -36.57 -12.25
CA TRP B 25 -3.95 -35.98 -11.53
C TRP B 25 -2.66 -36.40 -12.17
N VAL B 26 -1.73 -35.46 -12.26
CA VAL B 26 -0.33 -35.72 -12.51
C VAL B 26 0.36 -35.46 -11.20
N GLY B 27 0.79 -36.51 -10.53
CA GLY B 27 1.36 -36.34 -9.20
C GLY B 27 0.28 -35.80 -8.27
N PRO B 28 0.55 -34.69 -7.59
CA PRO B 28 -0.43 -34.05 -6.71
C PRO B 28 -1.31 -33.06 -7.45
N TYR B 29 -0.91 -32.71 -8.67
CA TYR B 29 -1.59 -31.67 -9.39
C TYR B 29 -2.85 -32.25 -9.99
N PHE B 30 -3.98 -31.67 -9.65
CA PHE B 30 -5.13 -31.89 -10.49
C PHE B 30 -4.82 -31.20 -11.83
N VAL B 31 -5.20 -31.82 -12.93
CA VAL B 31 -5.08 -31.17 -14.22
C VAL B 31 -6.39 -30.46 -14.60
N GLY B 32 -7.31 -31.18 -15.24
CA GLY B 32 -8.51 -30.55 -15.73
C GLY B 32 -8.24 -29.71 -16.96
N PHE B 33 -9.29 -29.29 -17.63
CA PHE B 33 -9.15 -28.51 -18.82
C PHE B 33 -8.28 -27.28 -18.59
N PHE B 34 -8.46 -26.65 -17.43
CA PHE B 34 -7.78 -25.39 -17.16
C PHE B 34 -6.35 -25.57 -16.70
N GLY B 35 -6.04 -26.73 -16.13
CA GLY B 35 -4.66 -27.11 -15.93
C GLY B 35 -3.94 -27.11 -17.26
N VAL B 36 -4.64 -27.61 -18.28
CA VAL B 36 -4.08 -27.72 -19.62
C VAL B 36 -3.90 -26.37 -20.28
N SER B 37 -4.90 -25.50 -20.19
CA SER B 37 -4.67 -24.15 -20.70
C SER B 37 -3.68 -23.30 -19.86
N ALA B 38 -3.71 -23.42 -18.53
CA ALA B 38 -2.72 -22.75 -17.69
C ALA B 38 -1.32 -23.08 -18.18
N ILE B 39 -1.06 -24.37 -18.36
CA ILE B 39 0.26 -24.80 -18.74
C ILE B 39 0.64 -24.32 -20.16
N PHE B 40 -0.34 -24.25 -21.02
CA PHE B 40 -0.08 -23.83 -22.38
C PHE B 40 0.41 -22.38 -22.38
N PHE B 41 -0.30 -21.53 -21.62
CA PHE B 41 0.01 -20.10 -21.58
C PHE B 41 1.32 -19.84 -20.87
N ILE B 42 1.58 -20.60 -19.81
CA ILE B 42 2.78 -20.40 -19.02
C ILE B 42 3.94 -20.61 -19.96
N PHE B 43 3.88 -21.72 -20.66
CA PHE B 43 4.96 -22.09 -21.56
C PHE B 43 5.11 -21.06 -22.69
N LEU B 44 3.98 -20.62 -23.24
CA LEU B 44 3.97 -19.47 -24.13
C LEU B 44 4.68 -18.26 -23.50
N GLY B 45 4.16 -17.78 -22.38
CA GLY B 45 4.60 -16.51 -21.87
C GLY B 45 6.04 -16.57 -21.50
N VAL B 46 6.45 -17.70 -20.95
CA VAL B 46 7.83 -17.89 -20.50
C VAL B 46 8.78 -18.03 -21.67
N SER B 47 8.31 -18.63 -22.75
CA SER B 47 9.09 -18.66 -23.99
C SER B 47 9.32 -17.26 -24.55
N LEU B 48 8.28 -16.42 -24.55
CA LEU B 48 8.41 -15.06 -25.06
C LEU B 48 9.36 -14.28 -24.20
N ILE B 49 9.25 -14.47 -22.88
CA ILE B 49 10.15 -13.82 -21.95
C ILE B 49 11.60 -14.16 -22.27
N GLY B 50 11.83 -15.41 -22.66
CA GLY B 50 13.17 -15.84 -23.05
C GLY B 50 13.68 -15.19 -24.33
N TYR B 51 12.90 -15.29 -25.40
CA TYR B 51 13.32 -14.72 -26.65
C TYR B 51 13.49 -13.22 -26.52
N ALA B 52 12.48 -12.55 -25.98
CA ALA B 52 12.60 -11.13 -25.70
C ALA B 52 13.90 -10.86 -24.93
N ALA B 53 14.08 -11.53 -23.80
CA ALA B 53 15.24 -11.26 -22.94
C ALA B 53 16.54 -11.47 -23.69
N SER B 54 16.54 -12.40 -24.63
CA SER B 54 17.78 -12.82 -25.31
C SER B 54 18.15 -11.79 -26.35
N GLN B 55 17.13 -11.08 -26.83
CA GLN B 55 17.35 -10.00 -27.78
C GLN B 55 17.93 -8.76 -27.11
N GLY B 56 17.98 -8.76 -25.79
CA GLY B 56 18.46 -7.60 -25.07
C GLY B 56 19.84 -7.78 -24.46
N PRO B 57 20.32 -6.77 -23.72
CA PRO B 57 21.74 -6.51 -23.47
C PRO B 57 22.23 -7.12 -22.18
N THR B 58 21.46 -8.06 -21.66
CA THR B 58 21.66 -8.50 -20.30
C THR B 58 21.05 -9.85 -20.05
N TRP B 59 21.66 -10.58 -19.12
CA TRP B 59 21.04 -11.74 -18.53
C TRP B 59 21.12 -11.71 -17.00
N ASP B 60 21.53 -10.57 -16.44
CA ASP B 60 21.35 -10.35 -15.01
C ASP B 60 19.85 -10.28 -14.75
N PRO B 61 19.37 -11.10 -13.82
CA PRO B 61 17.94 -11.29 -13.58
C PRO B 61 17.28 -10.03 -13.04
N PHE B 62 18.02 -9.28 -12.23
CA PHE B 62 17.53 -8.03 -11.67
C PHE B 62 17.42 -6.94 -12.71
N ALA B 63 18.16 -7.10 -13.80
CA ALA B 63 18.31 -6.02 -14.77
C ALA B 63 17.59 -6.29 -16.09
N ILE B 64 17.20 -7.53 -16.31
CA ILE B 64 16.40 -7.85 -17.49
C ILE B 64 15.12 -7.03 -17.43
N SER B 65 14.65 -6.55 -18.57
CA SER B 65 13.42 -5.78 -18.63
C SER B 65 12.77 -5.81 -20.01
N ILE B 66 11.51 -6.20 -20.03
CA ILE B 66 10.70 -6.25 -21.23
C ILE B 66 9.60 -5.19 -21.07
N ASN B 67 9.64 -4.13 -21.87
CA ASN B 67 8.82 -2.94 -21.64
C ASN B 67 7.71 -2.76 -22.70
N PRO B 68 6.61 -2.07 -22.35
CA PRO B 68 5.55 -1.73 -23.29
C PRO B 68 6.03 -0.76 -24.35
N PRO B 69 5.17 -0.39 -25.29
CA PRO B 69 5.65 0.45 -26.39
C PRO B 69 5.65 1.91 -26.04
N ASP B 70 6.25 2.72 -26.91
CA ASP B 70 6.18 4.17 -26.76
C ASP B 70 4.74 4.59 -26.76
N LEU B 71 4.46 5.71 -26.10
CA LEU B 71 3.09 6.21 -26.05
C LEU B 71 2.47 6.34 -27.44
N LYS B 72 3.32 6.64 -28.42
CA LYS B 72 2.91 6.93 -29.79
C LYS B 72 2.18 5.79 -30.50
N TYR B 73 2.50 4.54 -30.17
CA TYR B 73 1.80 3.41 -30.76
C TYR B 73 0.38 3.31 -30.23
N GLY B 74 0.03 4.18 -29.30
CA GLY B 74 -1.32 4.18 -28.78
C GLY B 74 -1.74 2.80 -28.31
N LEU B 75 -2.99 2.46 -28.60
CA LEU B 75 -3.55 1.15 -28.25
C LEU B 75 -3.35 0.17 -29.38
N GLY B 76 -2.42 0.48 -30.27
CA GLY B 76 -2.17 -0.38 -31.41
C GLY B 76 -1.11 -1.41 -31.14
N ALA B 77 -0.91 -2.30 -32.11
CA ALA B 77 0.11 -3.34 -32.02
C ALA B 77 1.43 -2.71 -32.33
N ALA B 78 2.41 -3.00 -31.49
CA ALA B 78 3.71 -2.38 -31.59
C ALA B 78 4.71 -3.42 -32.02
N PRO B 79 5.81 -2.98 -32.64
CA PRO B 79 6.82 -3.91 -33.15
C PRO B 79 7.33 -4.85 -32.06
N LEU B 80 7.70 -6.05 -32.45
CA LEU B 80 7.95 -7.11 -31.49
C LEU B 80 8.94 -6.68 -30.42
N LEU B 81 10.06 -6.14 -30.87
CA LEU B 81 11.10 -5.81 -29.95
C LEU B 81 10.86 -4.49 -29.24
N GLU B 82 9.84 -3.75 -29.67
CA GLU B 82 9.59 -2.40 -29.18
C GLU B 82 8.26 -2.32 -28.48
N GLY B 83 7.93 -3.33 -27.68
CA GLY B 83 6.65 -3.36 -27.01
C GLY B 83 5.78 -4.51 -27.48
N GLY B 84 6.10 -5.05 -28.65
CA GLY B 84 5.35 -6.17 -29.15
C GLY B 84 5.40 -7.37 -28.22
N PHE B 85 6.60 -7.73 -27.78
CA PHE B 85 6.77 -8.84 -26.86
C PHE B 85 5.94 -8.59 -25.62
N TRP B 86 6.12 -7.40 -25.03
CA TRP B 86 5.43 -7.08 -23.78
C TRP B 86 3.94 -7.27 -23.97
N GLN B 87 3.45 -6.93 -25.15
CA GLN B 87 2.04 -7.08 -25.45
C GLN B 87 1.63 -8.56 -25.41
N ALA B 88 2.44 -9.40 -26.02
CA ALA B 88 2.13 -10.81 -26.07
C ALA B 88 2.23 -11.45 -24.69
N ILE B 89 3.27 -11.10 -23.94
CA ILE B 89 3.51 -11.68 -22.61
C ILE B 89 2.33 -11.34 -21.69
N THR B 90 1.75 -10.16 -21.89
CA THR B 90 0.61 -9.71 -21.09
C THR B 90 -0.63 -10.57 -21.30
N VAL B 91 -0.90 -10.88 -22.56
CA VAL B 91 -1.97 -11.78 -22.94
C VAL B 91 -1.79 -13.18 -22.35
N CYS B 92 -0.57 -13.69 -22.44
CA CYS B 92 -0.24 -14.96 -21.81
C CYS B 92 -0.38 -14.90 -20.30
N ALA B 93 -0.01 -13.78 -19.68
CA ALA B 93 -0.16 -13.67 -18.24
C ALA B 93 -1.63 -13.75 -17.88
N LEU B 94 -2.47 -13.00 -18.58
CA LEU B 94 -3.89 -13.02 -18.26
C LEU B 94 -4.48 -14.41 -18.44
N GLY B 95 -4.08 -15.08 -19.51
CA GLY B 95 -4.55 -16.43 -19.77
C GLY B 95 -4.13 -17.42 -18.70
N ALA B 96 -2.89 -17.27 -18.24
CA ALA B 96 -2.37 -18.10 -17.17
C ALA B 96 -3.17 -17.89 -15.90
N PHE B 97 -3.42 -16.63 -15.56
CA PHE B 97 -4.04 -16.31 -14.29
C PHE B 97 -5.49 -16.80 -14.23
N ILE B 98 -6.26 -16.50 -15.27
CA ILE B 98 -7.65 -16.92 -15.28
C ILE B 98 -7.80 -18.46 -15.33
N SER B 99 -6.96 -19.14 -16.11
CA SER B 99 -6.86 -20.59 -16.06
C SER B 99 -6.63 -21.08 -14.66
N TRP B 100 -5.73 -20.43 -13.94
CA TRP B 100 -5.37 -20.83 -12.59
C TRP B 100 -6.58 -20.66 -11.69
N MET B 101 -7.33 -19.60 -11.95
CA MET B 101 -8.54 -19.29 -11.19
C MET B 101 -9.68 -20.32 -11.43
N LEU B 102 -9.99 -20.55 -12.70
CA LEU B 102 -11.00 -21.53 -13.04
C LEU B 102 -10.63 -22.95 -12.62
N ARG B 103 -9.36 -23.33 -12.79
CA ARG B 103 -8.89 -24.60 -12.24
C ARG B 103 -9.15 -24.71 -10.75
N GLU B 104 -9.08 -23.61 -10.01
CA GLU B 104 -9.36 -23.66 -8.59
C GLU B 104 -10.84 -23.93 -8.32
N VAL B 105 -11.71 -23.44 -9.19
CA VAL B 105 -13.13 -23.72 -9.06
C VAL B 105 -13.43 -25.22 -9.21
N GLU B 106 -12.89 -25.83 -10.25
CA GLU B 106 -13.04 -27.25 -10.51
C GLU B 106 -12.57 -28.08 -9.34
N ILE B 107 -11.43 -27.73 -8.76
CA ILE B 107 -10.93 -28.42 -7.56
C ILE B 107 -11.91 -28.25 -6.41
N SER B 108 -12.40 -27.03 -6.19
CA SER B 108 -13.34 -26.76 -5.11
C SER B 108 -14.60 -27.61 -5.29
N ARG B 109 -15.10 -27.63 -6.53
CA ARG B 109 -16.30 -28.39 -6.89
C ARG B 109 -16.12 -29.86 -6.54
N LYS B 110 -15.00 -30.45 -6.94
CA LYS B 110 -14.77 -31.87 -6.70
C LYS B 110 -14.69 -32.19 -5.19
N LEU B 111 -14.19 -31.24 -4.41
CA LEU B 111 -14.02 -31.47 -2.97
C LEU B 111 -15.27 -31.08 -2.16
N GLY B 112 -16.27 -30.52 -2.85
CA GLY B 112 -17.50 -30.14 -2.19
C GLY B 112 -17.37 -28.97 -1.22
N ILE B 113 -16.40 -28.09 -1.46
CA ILE B 113 -16.18 -26.96 -0.58
C ILE B 113 -16.55 -25.67 -1.30
N GLY B 114 -16.64 -24.57 -0.55
CA GLY B 114 -16.95 -23.30 -1.17
C GLY B 114 -15.95 -22.86 -2.22
N TRP B 115 -16.39 -21.99 -3.12
CA TRP B 115 -15.52 -21.44 -4.14
C TRP B 115 -14.87 -20.15 -3.66
N HIS B 116 -14.73 -19.98 -2.35
CA HIS B 116 -14.27 -18.70 -1.81
C HIS B 116 -12.85 -18.36 -2.25
N VAL B 117 -12.01 -19.39 -2.47
CA VAL B 117 -10.60 -19.14 -2.78
C VAL B 117 -10.40 -18.55 -4.15
N PRO B 118 -10.87 -19.22 -5.21
CA PRO B 118 -10.78 -18.62 -6.55
C PRO B 118 -11.38 -17.24 -6.63
N LEU B 119 -12.45 -17.03 -5.85
CA LEU B 119 -13.06 -15.73 -5.74
C LEU B 119 -12.09 -14.73 -5.17
N ALA B 120 -11.52 -15.04 -4.02
CA ALA B 120 -10.50 -14.18 -3.44
C ALA B 120 -9.38 -13.95 -4.46
N PHE B 121 -9.05 -14.97 -5.24
CA PHE B 121 -7.97 -14.86 -6.19
C PHE B 121 -8.31 -13.91 -7.35
N CYS B 122 -9.59 -13.57 -7.52
CA CYS B 122 -9.98 -12.61 -8.57
C CYS B 122 -9.52 -11.20 -8.29
N VAL B 123 -9.39 -10.84 -7.01
CA VAL B 123 -8.91 -9.50 -6.66
C VAL B 123 -7.55 -9.16 -7.28
N PRO B 124 -6.53 -10.00 -7.08
CA PRO B 124 -5.24 -9.61 -7.66
C PRO B 124 -5.21 -9.60 -9.19
N ILE B 125 -5.98 -10.49 -9.82
CA ILE B 125 -6.13 -10.49 -11.27
C ILE B 125 -6.77 -9.18 -11.74
N PHE B 126 -7.88 -8.81 -11.10
CA PHE B 126 -8.49 -7.50 -11.25
C PHE B 126 -7.48 -6.37 -11.15
N MET B 127 -6.70 -6.30 -10.07
CA MET B 127 -5.72 -5.21 -9.94
C MET B 127 -4.70 -5.28 -11.07
N PHE B 128 -4.34 -6.48 -11.47
CA PHE B 128 -3.42 -6.62 -12.58
C PHE B 128 -4.00 -5.95 -13.80
N CYS B 129 -5.31 -6.10 -13.99
CA CYS B 129 -5.97 -5.52 -15.15
C CYS B 129 -6.09 -4.01 -15.03
N VAL B 130 -6.27 -3.50 -13.81
CA VAL B 130 -6.43 -2.07 -13.63
C VAL B 130 -5.15 -1.39 -14.12
N LEU B 131 -4.02 -1.92 -13.65
CA LEU B 131 -2.70 -1.40 -13.97
C LEU B 131 -2.34 -1.53 -15.42
N GLN B 132 -2.57 -2.68 -16.02
CA GLN B 132 -2.07 -3.00 -17.38
C GLN B 132 -3.08 -2.79 -18.49
N VAL B 133 -4.36 -2.93 -18.17
CA VAL B 133 -5.38 -2.87 -19.21
C VAL B 133 -6.30 -1.66 -19.14
N PHE B 134 -7.10 -1.57 -18.10
CA PHE B 134 -8.06 -0.49 -17.92
C PHE B 134 -7.45 0.89 -17.93
N ARG B 135 -6.50 1.12 -17.02
CA ARG B 135 -5.91 2.46 -16.93
C ARG B 135 -5.19 2.90 -18.25
N PRO B 136 -4.44 1.99 -18.90
CA PRO B 136 -3.99 2.26 -20.26
C PRO B 136 -5.08 2.53 -21.28
N LEU B 137 -6.22 1.84 -21.18
CA LEU B 137 -7.33 2.16 -22.07
C LEU B 137 -7.86 3.55 -21.79
N LEU B 138 -8.12 3.88 -20.53
CA LEU B 138 -8.59 5.22 -20.20
C LEU B 138 -7.64 6.29 -20.72
N LEU B 139 -6.34 6.08 -20.52
CA LEU B 139 -5.34 7.10 -20.87
C LEU B 139 -4.91 7.04 -22.35
N GLY B 140 -5.28 5.96 -23.03
CA GLY B 140 -5.14 5.98 -24.47
C GLY B 140 -3.96 5.25 -25.06
N SER B 141 -3.07 4.71 -24.25
CA SER B 141 -1.95 4.01 -24.84
C SER B 141 -1.52 2.86 -23.95
N TRP B 142 -1.09 1.76 -24.55
CA TRP B 142 -0.50 0.66 -23.79
C TRP B 142 0.81 1.12 -23.16
N GLY B 143 1.37 2.20 -23.67
CA GLY B 143 2.64 2.68 -23.16
C GLY B 143 2.64 3.13 -21.72
N HIS B 144 1.49 3.09 -21.04
CA HIS B 144 1.34 3.53 -19.64
C HIS B 144 1.44 2.39 -18.62
N ALA B 145 1.47 1.15 -19.11
CA ALA B 145 1.51 -0.04 -18.27
C ALA B 145 2.92 -0.24 -17.71
N PHE B 146 3.13 -1.22 -16.83
CA PHE B 146 4.44 -1.39 -16.25
C PHE B 146 5.26 -2.45 -16.96
N PRO B 147 6.59 -2.31 -16.92
CA PRO B 147 7.55 -3.19 -17.57
C PRO B 147 7.72 -4.49 -16.79
N TYR B 148 8.06 -5.56 -17.48
CA TYR B 148 8.23 -6.84 -16.83
C TYR B 148 9.70 -6.96 -16.55
N GLY B 149 10.09 -6.51 -15.36
CA GLY B 149 11.45 -6.65 -14.91
C GLY B 149 11.41 -6.56 -13.40
N ILE B 150 12.21 -7.40 -12.75
CA ILE B 150 12.24 -7.47 -11.30
C ILE B 150 12.47 -6.11 -10.66
N LEU B 151 13.43 -5.36 -11.18
CA LEU B 151 13.73 -4.03 -10.66
C LEU B 151 13.11 -2.88 -11.46
N SER B 152 13.01 -3.07 -12.77
CA SER B 152 12.49 -2.04 -13.64
C SER B 152 11.04 -1.75 -13.32
N HIS B 153 10.30 -2.75 -12.85
CA HIS B 153 8.90 -2.52 -12.51
C HIS B 153 8.79 -1.60 -11.29
N LEU B 154 9.86 -1.50 -10.52
CA LEU B 154 9.90 -0.59 -9.37
C LEU B 154 10.18 0.83 -9.83
N ASP B 155 11.07 0.97 -10.82
CA ASP B 155 11.32 2.27 -11.46
C ASP B 155 10.05 2.87 -12.07
N TRP B 156 9.17 2.02 -12.61
CA TRP B 156 7.87 2.46 -13.12
C TRP B 156 6.99 2.92 -11.96
N VAL B 157 6.82 2.09 -10.92
CA VAL B 157 6.08 2.49 -9.73
C VAL B 157 6.57 3.84 -9.15
N ASN B 158 7.88 3.97 -9.05
CA ASN B 158 8.52 5.20 -8.59
C ASN B 158 8.09 6.41 -9.43
N ASN B 159 8.32 6.36 -10.72
CA ASN B 159 8.03 7.51 -11.56
C ASN B 159 6.54 7.84 -11.64
N PHE B 160 5.71 6.79 -11.68
CA PHE B 160 4.26 6.94 -11.70
C PHE B 160 3.86 7.70 -10.45
N GLY B 161 4.45 7.34 -9.32
CA GLY B 161 4.10 8.01 -8.10
C GLY B 161 4.45 9.49 -8.19
N TYR B 162 5.67 9.79 -8.61
CA TYR B 162 6.14 11.17 -8.62
C TYR B 162 5.57 12.02 -9.75
N GLN B 163 4.91 11.39 -10.71
CA GLN B 163 4.09 12.15 -11.66
C GLN B 163 3.00 12.99 -10.99
N TYR B 164 2.58 12.58 -9.80
CA TYR B 164 1.58 13.31 -9.09
C TYR B 164 2.19 13.88 -7.84
N LEU B 165 3.45 14.30 -7.99
CA LEU B 165 4.21 15.05 -6.99
C LEU B 165 4.44 14.33 -5.67
N ASN B 166 3.38 13.94 -4.96
CA ASN B 166 3.50 13.06 -3.79
C ASN B 166 2.35 12.06 -3.71
N TRP B 167 2.62 10.85 -4.19
CA TRP B 167 1.62 9.81 -4.28
C TRP B 167 1.06 9.44 -2.90
N HIS B 168 1.77 9.81 -1.83
CA HIS B 168 1.34 9.41 -0.48
C HIS B 168 0.04 10.09 -0.09
N TYR B 169 -0.22 11.25 -0.71
CA TYR B 169 -1.43 12.00 -0.40
C TYR B 169 -2.62 11.51 -1.21
N ASN B 170 -2.43 10.48 -2.02
CA ASN B 170 -3.51 9.94 -2.86
C ASN B 170 -4.49 9.21 -1.95
N PRO B 171 -5.73 9.72 -1.80
CA PRO B 171 -6.70 9.13 -0.88
C PRO B 171 -6.97 7.63 -1.14
N GLY B 172 -7.07 7.22 -2.40
CA GLY B 172 -7.07 5.80 -2.70
C GLY B 172 -5.84 5.06 -2.17
N HIS B 173 -4.66 5.66 -2.30
CA HIS B 173 -3.45 5.06 -1.75
C HIS B 173 -3.51 4.96 -0.22
N MET B 174 -3.94 6.02 0.44
CA MET B 174 -4.01 5.99 1.89
C MET B 174 -4.89 4.85 2.41
N SER B 175 -6.00 4.61 1.73
CA SER B 175 -6.89 3.53 2.11
C SER B 175 -6.18 2.21 1.87
N SER B 176 -5.51 2.10 0.73
CA SER B 176 -4.78 0.90 0.38
C SER B 176 -3.70 0.51 1.41
N VAL B 177 -2.80 1.44 1.70
CA VAL B 177 -1.76 1.24 2.70
C VAL B 177 -2.33 0.80 4.05
N SER B 178 -3.42 1.42 4.46
CA SER B 178 -4.00 1.10 5.75
C SER B 178 -4.46 -0.33 5.77
N PHE B 179 -5.14 -0.75 4.72
CA PHE B 179 -5.50 -2.16 4.64
C PHE B 179 -4.28 -3.07 4.62
N LEU B 180 -3.24 -2.66 3.90
CA LEU B 180 -2.03 -3.48 3.84
C LEU B 180 -1.46 -3.68 5.25
N PHE B 181 -1.47 -2.62 6.05
CA PHE B 181 -0.89 -2.65 7.42
C PHE B 181 -1.82 -3.36 8.44
N VAL B 182 -3.12 -3.08 8.41
CA VAL B 182 -4.06 -3.81 9.27
C VAL B 182 -3.95 -5.30 9.03
N ASN B 183 -3.96 -5.69 7.76
CA ASN B 183 -4.05 -7.08 7.41
C ASN B 183 -2.82 -7.83 7.85
N ALA B 184 -1.67 -7.18 7.70
CA ALA B 184 -0.39 -7.72 8.15
C ALA B 184 -0.42 -7.94 9.65
N MET B 185 -0.88 -6.94 10.39
CA MET B 185 -1.06 -7.07 11.84
C MET B 185 -2.04 -8.17 12.22
N ALA B 186 -3.21 -8.18 11.60
CA ALA B 186 -4.24 -9.16 11.92
C ALA B 186 -3.83 -10.59 11.62
N LEU B 187 -3.10 -10.80 10.54
CA LEU B 187 -2.55 -12.11 10.23
C LEU B 187 -1.58 -12.51 11.32
N GLY B 188 -0.76 -11.57 11.77
CA GLY B 188 0.08 -11.80 12.93
C GLY B 188 -0.72 -12.20 14.15
N LEU B 189 -1.76 -11.44 14.47
CA LEU B 189 -2.56 -11.72 15.66
C LEU B 189 -3.29 -13.04 15.55
N HIS B 190 -3.99 -13.30 14.43
CA HIS B 190 -4.73 -14.57 14.24
C HIS B 190 -3.81 -15.80 14.29
N GLY B 191 -2.64 -15.70 13.64
CA GLY B 191 -1.64 -16.76 13.74
C GLY B 191 -1.09 -16.94 15.16
N GLY B 192 -0.67 -15.84 15.78
CA GLY B 192 -0.13 -15.93 17.12
C GLY B 192 -1.12 -16.50 18.12
N LEU B 193 -2.40 -16.19 17.94
CA LEU B 193 -3.40 -16.65 18.87
C LEU B 193 -3.62 -18.13 18.73
N ILE B 194 -3.93 -18.60 17.52
CA ILE B 194 -4.16 -20.01 17.33
C ILE B 194 -2.96 -20.83 17.79
N LEU B 195 -1.76 -20.35 17.50
CA LEU B 195 -0.57 -21.02 17.98
C LEU B 195 -0.46 -20.99 19.49
N SER B 196 -0.76 -19.85 20.13
CA SER B 196 -0.64 -19.74 21.60
C SER B 196 -1.59 -20.68 22.33
N VAL B 197 -2.77 -20.90 21.74
CA VAL B 197 -3.75 -21.80 22.34
C VAL B 197 -3.32 -23.25 22.16
N ALA B 198 -2.91 -23.64 20.95
CA ALA B 198 -2.52 -25.03 20.71
C ALA B 198 -1.15 -25.39 21.30
N ASN B 199 -0.33 -24.39 21.61
CA ASN B 199 1.04 -24.64 22.09
C ASN B 199 1.32 -23.76 23.29
N PRO B 200 0.72 -24.07 24.44
CA PRO B 200 0.82 -23.22 25.63
C PRO B 200 2.21 -23.17 26.28
N GLY B 201 3.03 -24.16 25.98
CA GLY B 201 4.36 -24.20 26.59
C GLY B 201 4.41 -25.27 27.67
N ASP B 202 5.62 -25.66 28.07
CA ASP B 202 5.86 -26.81 28.96
C ASP B 202 4.97 -28.02 28.61
N GLY B 203 4.25 -28.54 29.60
CA GLY B 203 3.34 -29.64 29.31
C GLY B 203 1.91 -29.26 29.59
N ASP B 204 1.62 -27.96 29.49
CA ASP B 204 0.35 -27.42 29.89
C ASP B 204 -0.71 -27.78 28.87
N LYS B 205 -1.97 -27.76 29.30
CA LYS B 205 -3.03 -28.29 28.45
C LYS B 205 -3.32 -27.34 27.28
N VAL B 206 -3.41 -27.91 26.09
CA VAL B 206 -4.05 -27.23 24.98
C VAL B 206 -5.34 -26.55 25.47
N LYS B 207 -5.49 -25.26 25.19
CA LYS B 207 -6.68 -24.52 25.62
C LYS B 207 -7.86 -24.61 24.66
N THR B 208 -8.76 -23.64 24.72
CA THR B 208 -10.10 -23.84 24.16
C THR B 208 -10.59 -22.59 23.44
N ALA B 209 -11.73 -22.73 22.75
CA ALA B 209 -12.45 -21.62 22.12
C ALA B 209 -12.74 -20.47 23.09
N GLU B 210 -13.09 -20.80 24.33
CA GLU B 210 -13.45 -19.79 25.34
C GLU B 210 -12.23 -18.96 25.75
N HIS B 211 -11.04 -19.52 25.63
CA HIS B 211 -9.82 -18.78 25.97
C HIS B 211 -9.48 -17.72 24.92
N GLU B 212 -9.67 -18.08 23.66
CA GLU B 212 -9.39 -17.20 22.53
C GLU B 212 -10.19 -15.92 22.70
N ASN B 213 -11.49 -16.10 22.95
CA ASN B 213 -12.44 -15.00 23.18
C ASN B 213 -12.00 -14.19 24.40
N GLN B 214 -11.61 -14.90 25.45
CA GLN B 214 -11.20 -14.25 26.69
C GLN B 214 -9.95 -13.42 26.52
N TYR B 215 -8.97 -13.93 25.79
CA TYR B 215 -7.72 -13.20 25.58
C TYR B 215 -7.96 -11.79 25.02
N PHE B 216 -8.73 -11.69 23.93
CA PHE B 216 -8.93 -10.40 23.27
C PHE B 216 -9.93 -9.48 23.94
N ARG B 217 -10.94 -10.06 24.60
CA ARG B 217 -11.83 -9.30 25.47
C ARG B 217 -11.01 -8.64 26.56
N ASP B 218 -10.01 -9.37 27.04
CA ASP B 218 -9.16 -8.86 28.09
C ASP B 218 -8.32 -7.74 27.54
N VAL B 219 -7.72 -7.98 26.37
CA VAL B 219 -6.67 -7.09 25.91
C VAL B 219 -7.24 -5.81 25.32
N VAL B 220 -8.28 -5.95 24.50
CA VAL B 220 -8.84 -4.82 23.75
C VAL B 220 -10.35 -4.62 23.98
N GLY B 221 -11.00 -5.57 24.67
CA GLY B 221 -12.39 -5.38 25.01
C GLY B 221 -13.31 -5.96 23.96
N TYR B 222 -12.74 -6.59 22.93
CA TYR B 222 -13.58 -7.25 21.94
C TYR B 222 -12.88 -8.44 21.25
N SER B 223 -13.62 -9.51 21.03
CA SER B 223 -13.12 -10.61 20.24
C SER B 223 -14.09 -10.92 19.11
N ILE B 224 -13.58 -10.94 17.89
CA ILE B 224 -14.42 -11.00 16.70
C ILE B 224 -14.92 -12.42 16.50
N GLY B 225 -14.36 -13.35 17.25
CA GLY B 225 -14.78 -14.72 17.16
C GLY B 225 -14.16 -15.47 16.00
N ALA B 226 -14.22 -16.80 16.09
CA ALA B 226 -13.40 -17.66 15.29
C ALA B 226 -13.78 -17.66 13.84
N LEU B 227 -15.05 -17.88 13.47
CA LEU B 227 -15.35 -17.82 12.03
C LEU B 227 -15.14 -16.41 11.55
N SER B 228 -15.45 -15.42 12.37
CA SER B 228 -15.45 -14.06 11.84
C SER B 228 -14.10 -13.44 11.58
N ILE B 229 -13.06 -13.85 12.30
CA ILE B 229 -11.71 -13.42 11.98
C ILE B 229 -11.21 -13.91 10.61
N HIS B 230 -11.69 -15.06 10.14
CA HIS B 230 -11.38 -15.48 8.78
C HIS B 230 -12.08 -14.62 7.73
N ARG B 231 -13.37 -14.37 7.93
CA ARG B 231 -14.12 -13.45 7.07
C ARG B 231 -13.51 -12.04 7.10
N LEU B 232 -13.06 -11.58 8.26
CA LEU B 232 -12.36 -10.31 8.31
C LEU B 232 -11.06 -10.33 7.48
N GLY B 233 -10.23 -11.34 7.70
CA GLY B 233 -8.95 -11.40 7.04
C GLY B 233 -9.14 -11.35 5.55
N LEU B 234 -10.15 -12.03 5.04
CA LEU B 234 -10.39 -12.06 3.60
C LEU B 234 -10.85 -10.69 3.10
N PHE B 235 -11.57 -9.98 3.96
CA PHE B 235 -12.01 -8.61 3.67
C PHE B 235 -10.86 -7.60 3.72
N LEU B 236 -10.09 -7.58 4.82
CA LEU B 236 -9.00 -6.61 4.96
C LEU B 236 -8.01 -6.80 3.80
N ALA B 237 -7.68 -8.05 3.54
CA ALA B 237 -6.71 -8.35 2.51
C ALA B 237 -7.23 -7.85 1.17
N SER B 238 -8.47 -8.24 0.83
CA SER B 238 -9.02 -7.97 -0.51
C SER B 238 -9.17 -6.50 -0.78
N ASN B 239 -9.22 -5.72 0.29
CA ASN B 239 -9.56 -4.33 0.20
C ASN B 239 -8.33 -3.49 -0.06
N ILE B 240 -7.17 -4.11 0.14
CA ILE B 240 -5.92 -3.52 -0.26
C ILE B 240 -5.99 -3.15 -1.75
N PHE B 241 -6.58 -4.02 -2.55
CA PHE B 241 -6.66 -3.78 -3.99
C PHE B 241 -7.97 -3.15 -4.40
N LEU B 242 -9.05 -3.50 -3.71
CA LEU B 242 -10.34 -2.99 -4.14
C LEU B 242 -10.44 -1.50 -3.92
N THR B 243 -9.86 -0.99 -2.83
CA THR B 243 -9.86 0.45 -2.63
C THR B 243 -8.70 1.14 -3.36
N GLY B 244 -7.57 0.44 -3.43
CA GLY B 244 -6.43 0.95 -4.18
C GLY B 244 -6.69 1.15 -5.68
N ALA B 245 -7.53 0.29 -6.26
CA ALA B 245 -7.88 0.41 -7.67
C ALA B 245 -8.42 1.81 -8.03
N PHE B 246 -9.05 2.48 -7.07
CA PHE B 246 -9.62 3.80 -7.34
C PHE B 246 -8.55 4.86 -7.37
N GLY B 247 -7.62 4.77 -6.42
CA GLY B 247 -6.50 5.67 -6.42
C GLY B 247 -5.71 5.56 -7.70
N THR B 248 -5.52 4.33 -8.17
CA THR B 248 -4.74 4.11 -9.38
C THR B 248 -5.50 4.62 -10.58
N ILE B 249 -6.80 4.30 -10.67
CA ILE B 249 -7.57 4.62 -11.86
C ILE B 249 -7.78 6.11 -11.97
N ALA B 250 -7.80 6.78 -10.82
CA ALA B 250 -8.11 8.18 -10.80
C ALA B 250 -6.95 9.00 -11.34
N SER B 251 -5.75 8.44 -11.25
CA SER B 251 -4.54 9.21 -11.51
C SER B 251 -4.28 9.31 -13.01
N GLY B 252 -4.45 10.50 -13.55
CA GLY B 252 -4.38 10.68 -14.98
C GLY B 252 -5.75 10.82 -15.59
N PRO B 253 -6.58 9.76 -15.56
CA PRO B 253 -7.87 9.92 -16.21
C PRO B 253 -8.83 10.84 -15.46
N PHE B 254 -8.64 11.04 -14.16
CA PHE B 254 -9.55 11.86 -13.33
C PHE B 254 -8.87 12.89 -12.43
N TRP B 255 -7.55 12.89 -12.42
CA TRP B 255 -6.81 13.88 -11.65
C TRP B 255 -5.46 14.00 -12.30
N THR B 256 -5.09 15.23 -12.67
CA THR B 256 -3.85 15.45 -13.38
C THR B 256 -2.85 16.27 -12.58
N ARG B 257 -3.28 16.75 -11.41
CA ARG B 257 -2.43 17.56 -10.56
C ARG B 257 -1.71 16.71 -9.51
N GLY B 258 -0.90 17.34 -8.67
CA GLY B 258 -0.30 16.62 -7.56
C GLY B 258 -1.40 16.15 -6.62
N TRP B 259 -1.14 15.08 -5.90
CA TRP B 259 -2.15 14.60 -4.95
C TRP B 259 -2.33 15.44 -3.68
N PRO B 260 -1.26 16.07 -3.17
CA PRO B 260 -1.53 17.00 -2.08
C PRO B 260 -2.64 18.00 -2.40
N GLU B 261 -2.59 18.61 -3.59
CA GLU B 261 -3.58 19.63 -3.99
C GLU B 261 -5.01 19.13 -4.00
N TRP B 262 -5.19 17.85 -4.26
CA TRP B 262 -6.51 17.27 -4.18
C TRP B 262 -7.17 17.64 -2.86
N TRP B 263 -6.41 17.63 -1.78
CA TRP B 263 -6.97 17.87 -0.45
C TRP B 263 -7.42 19.29 -0.23
N GLY B 264 -7.14 20.15 -1.20
CA GLY B 264 -7.61 21.51 -1.17
C GLY B 264 -9.13 21.59 -1.09
N TRP B 265 -9.83 20.59 -1.61
CA TRP B 265 -11.27 20.50 -1.42
C TRP B 265 -11.65 20.65 0.06
N TRP B 266 -10.75 20.25 0.96
CA TRP B 266 -10.95 20.48 2.37
C TRP B 266 -10.32 21.80 2.78
N LEU B 267 -9.03 21.92 2.55
CA LEU B 267 -8.30 23.06 3.02
C LEU B 267 -8.99 24.36 2.65
N ASP B 268 -9.54 24.43 1.45
CA ASP B 268 -10.04 25.70 0.91
C ASP B 268 -11.56 25.93 1.05
N ILE B 269 -12.25 25.16 1.89
CA ILE B 269 -13.63 25.49 2.20
C ILE B 269 -13.62 26.92 2.73
N PRO B 270 -14.34 27.83 2.08
CA PRO B 270 -14.03 29.25 2.26
C PRO B 270 -14.46 29.75 3.64
N PHE B 271 -15.41 29.02 4.23
CA PHE B 271 -15.76 29.13 5.64
C PHE B 271 -14.57 29.36 6.56
N TRP B 272 -13.48 28.64 6.31
CA TRP B 272 -12.33 28.77 7.19
C TRP B 272 -11.07 29.21 6.49
N SER B 273 -11.21 29.66 5.23
CA SER B 273 -10.08 30.05 4.41
C SER B 273 -9.55 31.45 4.74
N ALA C 1 -25.21 -21.76 -1.90
CA ALA C 1 -24.17 -20.89 -1.30
C ALA C 1 -24.23 -21.05 0.20
N ASP C 2 -23.18 -20.60 0.87
CA ASP C 2 -23.16 -20.68 2.29
C ASP C 2 -23.34 -19.29 2.86
N TYR C 3 -24.54 -18.95 3.32
CA TYR C 3 -24.80 -17.59 3.79
C TYR C 3 -24.10 -17.30 5.09
N GLN C 4 -23.80 -18.38 5.81
CA GLN C 4 -23.14 -18.26 7.10
C GLN C 4 -21.77 -17.60 6.92
N THR C 5 -21.13 -17.84 5.78
CA THR C 5 -19.78 -17.36 5.56
C THR C 5 -19.86 -15.87 5.28
N ILE C 6 -21.02 -15.40 4.80
CA ILE C 6 -21.29 -13.96 4.60
C ILE C 6 -21.75 -13.23 5.87
N TYR C 7 -22.68 -13.84 6.61
CA TYR C 7 -23.14 -13.28 7.88
C TYR C 7 -23.95 -14.33 8.62
N THR C 8 -24.09 -14.12 9.92
CA THR C 8 -24.83 -15.00 10.81
C THR C 8 -26.36 -14.87 10.62
N GLN C 9 -26.95 -15.75 9.83
CA GLN C 9 -28.40 -15.76 9.61
C GLN C 9 -29.28 -15.71 10.89
N ILE C 10 -29.01 -16.57 11.88
CA ILE C 10 -29.78 -16.58 13.13
C ILE C 10 -28.84 -16.48 14.30
N GLN C 11 -28.83 -15.34 14.97
CA GLN C 11 -27.90 -15.11 16.06
C GLN C 11 -28.44 -15.80 17.28
N ALA C 12 -27.53 -16.14 18.19
CA ALA C 12 -27.86 -16.84 19.41
C ALA C 12 -27.40 -15.98 20.58
N ARG C 13 -28.19 -15.98 21.62
CA ARG C 13 -27.89 -15.21 22.80
C ARG C 13 -27.86 -16.18 23.96
N GLY C 14 -26.98 -15.92 24.91
CA GLY C 14 -26.77 -16.85 25.98
C GLY C 14 -25.98 -16.14 27.06
N PRO C 15 -25.88 -16.75 28.24
CA PRO C 15 -25.15 -16.18 29.38
C PRO C 15 -23.69 -15.86 29.04
N HIS C 16 -23.22 -14.73 29.51
CA HIS C 16 -21.85 -14.30 29.21
C HIS C 16 -20.84 -15.21 29.92
N ILE C 17 -19.87 -15.73 29.15
CA ILE C 17 -18.82 -16.63 29.65
C ILE C 17 -17.61 -15.84 30.21
N THR C 18 -16.96 -16.40 31.22
CA THR C 18 -15.69 -15.85 31.71
C THR C 18 -14.67 -16.93 32.05
N VAL C 19 -13.56 -16.93 31.30
CA VAL C 19 -12.47 -17.87 31.53
C VAL C 19 -11.52 -17.18 32.49
N SER C 20 -11.23 -17.84 33.61
CA SER C 20 -10.54 -17.17 34.70
C SER C 20 -9.04 -17.07 34.50
N GLY C 21 -8.52 -15.85 34.67
CA GLY C 21 -7.10 -15.63 34.67
C GLY C 21 -6.43 -16.18 35.91
N GLU C 22 -5.11 -16.37 35.83
CA GLU C 22 -4.29 -16.78 36.98
C GLU C 22 -4.04 -15.57 37.87
N TRP C 23 -4.42 -14.40 37.39
CA TRP C 23 -4.56 -13.21 38.22
C TRP C 23 -5.43 -12.15 37.54
N GLY C 24 -5.85 -11.19 38.37
CA GLY C 24 -6.53 -10.01 37.88
C GLY C 24 -7.95 -10.21 37.37
N ASP C 25 -8.55 -11.37 37.65
CA ASP C 25 -9.96 -11.58 37.30
C ASP C 25 -10.84 -10.48 37.89
N ASN C 26 -10.29 -9.79 38.89
CA ASN C 26 -10.98 -8.73 39.61
C ASN C 26 -10.76 -7.35 38.97
N ASP C 27 -10.00 -7.29 37.89
CA ASP C 27 -9.76 -6.02 37.19
C ASP C 27 -10.54 -5.96 35.91
N ARG C 28 -11.27 -7.02 35.59
CA ARG C 28 -12.14 -6.97 34.44
C ARG C 28 -13.36 -6.12 34.78
N VAL C 29 -13.36 -4.89 34.27
CA VAL C 29 -14.46 -3.97 34.51
C VAL C 29 -15.44 -3.98 33.35
N GLY C 30 -16.65 -3.50 33.61
CA GLY C 30 -17.59 -3.30 32.54
C GLY C 30 -18.63 -4.41 32.50
N LYS C 31 -19.78 -4.07 31.93
CA LYS C 31 -20.85 -5.02 31.69
C LYS C 31 -20.82 -5.35 30.22
N PRO C 32 -20.69 -6.64 29.91
CA PRO C 32 -20.98 -7.18 28.58
C PRO C 32 -22.26 -6.59 28.05
N PHE C 33 -22.19 -5.97 26.88
CA PHE C 33 -23.39 -5.61 26.20
C PHE C 33 -23.30 -6.07 24.76
N TYR C 34 -24.45 -6.24 24.13
CA TYR C 34 -24.51 -6.96 22.89
C TYR C 34 -25.01 -6.03 21.79
N SER C 35 -24.39 -6.10 20.63
CA SER C 35 -24.84 -5.33 19.49
C SER C 35 -25.41 -6.29 18.46
N TYR C 36 -26.62 -5.99 18.01
CA TYR C 36 -27.31 -6.88 17.08
C TYR C 36 -26.67 -6.87 15.70
N TRP C 37 -26.30 -5.68 15.23
CA TRP C 37 -25.71 -5.59 13.92
C TRP C 37 -24.26 -6.07 13.92
N LEU C 38 -23.54 -5.79 15.00
CA LEU C 38 -22.24 -6.41 15.21
C LEU C 38 -22.36 -7.93 15.15
N GLY C 39 -23.35 -8.48 15.85
CA GLY C 39 -23.52 -9.91 15.86
C GLY C 39 -23.75 -10.53 14.49
N LYS C 40 -24.03 -9.70 13.49
CA LYS C 40 -24.37 -10.24 12.19
C LYS C 40 -23.12 -10.72 11.44
N ILE C 41 -22.00 -10.06 11.70
CA ILE C 41 -20.73 -10.41 11.04
C ILE C 41 -19.58 -10.61 12.03
N GLY C 42 -19.88 -10.58 13.33
CA GLY C 42 -18.91 -10.82 14.37
C GLY C 42 -19.58 -11.42 15.60
N ASP C 43 -18.83 -11.56 16.68
CA ASP C 43 -19.43 -11.88 17.97
C ASP C 43 -20.16 -10.61 18.42
N ALA C 44 -21.37 -10.77 18.98
CA ALA C 44 -22.17 -9.63 19.40
C ALA C 44 -21.76 -8.92 20.71
N GLN C 45 -21.15 -9.65 21.63
CA GLN C 45 -20.79 -9.07 22.93
C GLN C 45 -19.68 -8.07 22.73
N ILE C 46 -19.89 -6.85 23.19
CA ILE C 46 -18.79 -5.94 23.42
C ILE C 46 -18.47 -5.88 24.91
N GLY C 47 -17.18 -5.70 25.25
CA GLY C 47 -16.75 -5.69 26.64
C GLY C 47 -16.96 -7.04 27.33
N PRO C 48 -16.65 -7.17 28.63
CA PRO C 48 -15.90 -6.30 29.54
C PRO C 48 -14.46 -6.16 29.08
N ILE C 49 -13.71 -5.32 29.77
CA ILE C 49 -12.30 -5.18 29.48
C ILE C 49 -11.48 -5.26 30.76
N TYR C 50 -10.26 -5.74 30.63
CA TYR C 50 -9.39 -5.92 31.76
C TYR C 50 -8.56 -4.64 31.98
N LEU C 51 -8.61 -4.09 33.18
CA LEU C 51 -7.78 -2.96 33.50
C LEU C 51 -6.33 -3.37 33.64
N GLY C 52 -5.81 -3.33 34.86
CA GLY C 52 -4.48 -3.85 35.10
C GLY C 52 -3.46 -2.74 35.19
N ALA C 53 -2.28 -3.04 35.71
CA ALA C 53 -1.23 -2.06 35.89
C ALA C 53 -0.55 -1.69 34.58
N SER C 54 -0.14 -2.72 33.83
CA SER C 54 0.52 -2.51 32.57
C SER C 54 -0.39 -1.67 31.66
N GLY C 55 -1.65 -2.07 31.55
CA GLY C 55 -2.65 -1.33 30.79
C GLY C 55 -2.83 0.14 31.20
N ILE C 56 -3.08 0.38 32.48
CA ILE C 56 -3.19 1.75 33.00
C ILE C 56 -1.91 2.54 32.72
N ALA C 57 -0.76 1.91 32.98
CA ALA C 57 0.53 2.52 32.68
C ALA C 57 0.59 2.95 31.21
N ALA C 58 0.27 2.00 30.33
CA ALA C 58 0.27 2.22 28.90
C ALA C 58 -0.59 3.43 28.59
N PHE C 59 -1.83 3.44 29.08
N PHE C 59 -1.80 3.46 29.15
CA PHE C 59 -2.74 4.56 28.86
CA PHE C 59 -2.75 4.55 28.89
C PHE C 59 -2.15 5.89 29.37
C PHE C 59 -2.36 5.88 29.51
N ALA C 60 -1.51 5.85 30.52
CA ALA C 60 -1.03 7.07 31.14
C ALA C 60 0.02 7.70 30.28
N PHE C 61 1.03 6.91 29.91
CA PHE C 61 2.11 7.36 29.02
C PHE C 61 1.62 7.86 27.66
N GLY C 62 0.76 7.07 27.01
CA GLY C 62 0.29 7.41 25.68
C GLY C 62 -0.49 8.71 25.68
N SER C 63 -1.30 8.91 26.71
CA SER C 63 -2.03 10.14 26.89
C SER C 63 -1.11 11.34 27.05
N THR C 64 0.02 11.17 27.73
CA THR C 64 0.98 12.27 27.84
C THR C 64 1.65 12.57 26.51
N ALA C 65 2.03 11.53 25.80
CA ALA C 65 2.63 11.66 24.48
C ALA C 65 1.70 12.54 23.69
N ILE C 66 0.44 12.15 23.70
CA ILE C 66 -0.55 12.83 22.89
C ILE C 66 -0.73 14.29 23.31
N LEU C 67 -0.74 14.58 24.62
CA LEU C 67 -0.91 15.96 25.04
C LEU C 67 0.21 16.88 24.55
N ILE C 68 1.43 16.34 24.50
CA ILE C 68 2.58 17.11 24.02
C ILE C 68 2.46 17.40 22.51
N ILE C 69 2.08 16.38 21.73
CA ILE C 69 1.92 16.55 20.30
C ILE C 69 0.79 17.54 20.01
N LEU C 70 -0.36 17.33 20.62
CA LEU C 70 -1.51 18.19 20.38
C LEU C 70 -1.25 19.63 20.80
N PHE C 71 -0.57 19.83 21.92
CA PHE C 71 -0.30 21.17 22.39
C PHE C 71 0.61 21.94 21.44
N ASN C 72 1.64 21.27 20.94
CA ASN C 72 2.55 21.88 19.98
C ASN C 72 1.84 22.11 18.66
N MET C 73 1.08 21.10 18.23
CA MET C 73 0.30 21.23 17.01
C MET C 73 -0.58 22.44 17.16
N ALA C 74 -1.20 22.59 18.34
CA ALA C 74 -2.06 23.73 18.65
C ALA C 74 -1.28 25.03 18.63
N ALA C 75 -0.03 24.99 19.06
CA ALA C 75 0.82 26.17 18.98
C ALA C 75 1.00 26.59 17.53
N GLU C 76 1.06 25.61 16.62
CA GLU C 76 1.33 25.85 15.20
C GLU C 76 0.31 26.77 14.49
N VAL C 77 -0.99 26.55 14.73
CA VAL C 77 -2.03 27.47 14.26
C VAL C 77 -2.28 28.55 15.30
N HIS C 78 -1.25 28.81 16.11
CA HIS C 78 -1.29 29.85 17.11
C HIS C 78 -2.59 29.82 17.90
N PHE C 79 -2.94 28.60 18.32
CA PHE C 79 -4.04 28.37 19.22
C PHE C 79 -5.40 28.79 18.70
N ASP C 80 -5.48 29.09 17.41
CA ASP C 80 -6.80 29.25 16.82
C ASP C 80 -7.43 27.89 16.60
N PRO C 81 -8.55 27.64 17.26
CA PRO C 81 -9.39 26.45 17.16
C PRO C 81 -9.81 26.08 15.76
N LEU C 82 -10.38 27.04 15.04
CA LEU C 82 -10.95 26.68 13.77
C LEU C 82 -9.86 26.33 12.77
N GLN C 83 -8.78 27.12 12.79
CA GLN C 83 -7.61 26.85 11.94
C GLN C 83 -6.90 25.56 12.34
N PHE C 84 -6.95 25.26 13.62
CA PHE C 84 -6.48 24.00 14.15
C PHE C 84 -7.23 22.84 13.51
N PHE C 85 -8.55 22.85 13.65
N PHE C 85 -8.56 22.83 13.67
CA PHE C 85 -9.39 21.77 13.14
CA PHE C 85 -9.37 21.76 13.12
C PHE C 85 -9.27 21.69 11.62
C PHE C 85 -9.11 21.67 11.63
N ARG C 86 -9.04 22.83 10.99
CA ARG C 86 -8.89 22.91 9.53
C ARG C 86 -7.57 22.31 9.08
N GLN C 87 -6.50 22.74 9.74
CA GLN C 87 -5.17 22.38 9.29
C GLN C 87 -4.59 21.16 9.98
N PHE C 88 -5.45 20.29 10.53
CA PHE C 88 -4.96 19.27 11.44
C PHE C 88 -3.90 18.39 10.80
N PHE C 89 -4.24 17.81 9.65
CA PHE C 89 -3.33 16.94 8.93
C PHE C 89 -1.98 17.53 8.71
N TRP C 90 -1.93 18.81 8.37
CA TRP C 90 -0.66 19.46 7.99
C TRP C 90 0.20 19.72 9.19
N LEU C 91 -0.44 19.72 10.35
CA LEU C 91 0.20 20.10 11.60
C LEU C 91 1.10 18.96 12.07
N GLY C 92 2.24 19.32 12.67
CA GLY C 92 3.10 18.29 13.20
C GLY C 92 4.02 18.79 14.28
N LEU C 93 4.71 17.84 14.93
CA LEU C 93 5.72 18.09 15.95
C LEU C 93 7.04 17.52 15.42
N TYR C 94 8.00 18.38 15.08
CA TYR C 94 9.19 17.95 14.35
C TYR C 94 10.42 17.71 15.22
N PRO C 95 11.28 16.79 14.78
CA PRO C 95 12.62 16.60 15.35
C PRO C 95 13.53 17.78 15.03
N PRO C 96 14.75 17.82 15.61
CA PRO C 96 15.67 18.93 15.33
C PRO C 96 15.75 19.20 13.84
N LYS C 97 15.44 20.43 13.45
CA LYS C 97 15.82 20.89 12.13
C LYS C 97 17.32 21.16 12.02
N ALA C 98 17.93 21.59 13.12
CA ALA C 98 19.37 21.84 13.11
C ALA C 98 20.19 20.63 13.53
N GLN C 99 21.44 20.63 13.10
CA GLN C 99 22.37 19.58 13.46
C GLN C 99 22.86 19.85 14.86
N TYR C 100 22.27 19.15 15.82
CA TYR C 100 22.75 19.18 17.19
C TYR C 100 23.57 17.93 17.47
N GLY C 101 23.79 17.11 16.44
CA GLY C 101 24.40 15.81 16.64
C GLY C 101 23.48 14.99 17.51
N MET C 102 24.05 14.34 18.52
CA MET C 102 23.25 13.60 19.48
C MET C 102 22.92 14.46 20.70
N GLY C 103 23.20 15.74 20.59
CA GLY C 103 22.91 16.67 21.67
C GLY C 103 21.42 16.82 21.83
N ILE C 104 21.00 17.00 23.08
CA ILE C 104 19.60 17.22 23.41
C ILE C 104 19.18 18.56 22.80
N PRO C 105 18.22 18.51 21.85
CA PRO C 105 17.80 19.74 21.19
C PRO C 105 16.95 20.59 22.14
N PRO C 106 16.98 21.91 21.98
CA PRO C 106 16.04 22.79 22.69
C PRO C 106 14.59 22.41 22.41
N LEU C 107 13.67 22.82 23.29
CA LEU C 107 12.25 22.46 23.14
C LEU C 107 11.65 22.99 21.84
N HIS C 108 12.15 24.14 21.44
CA HIS C 108 11.68 24.78 20.22
C HIS C 108 12.19 24.07 18.96
N ASP C 109 13.34 23.40 19.05
CA ASP C 109 13.88 22.65 17.93
C ASP C 109 14.08 21.17 18.26
N GLY C 110 12.99 20.49 18.54
CA GLY C 110 13.05 19.06 18.69
C GLY C 110 13.05 18.54 20.12
N GLY C 111 13.24 19.46 21.08
CA GLY C 111 13.19 19.09 22.47
C GLY C 111 11.90 18.40 22.82
N TRP C 112 10.78 19.01 22.47
CA TRP C 112 9.47 18.41 22.69
C TRP C 112 9.25 17.08 21.94
N TRP C 113 9.90 16.93 20.79
CA TRP C 113 9.70 15.76 19.95
C TRP C 113 10.28 14.55 20.67
N LEU C 114 11.49 14.73 21.21
CA LEU C 114 12.12 13.71 22.05
C LEU C 114 11.22 13.26 23.20
N MET C 115 10.62 14.24 23.86
CA MET C 115 9.75 14.02 25.01
C MET C 115 8.68 13.04 24.66
N ALA C 116 7.88 13.45 23.68
CA ALA C 116 6.81 12.62 23.17
C ALA C 116 7.36 11.27 22.72
N GLY C 117 8.56 11.28 22.14
CA GLY C 117 9.18 10.05 21.71
C GLY C 117 9.36 9.11 22.89
N LEU C 118 9.81 9.67 24.02
CA LEU C 118 10.00 8.94 25.28
C LEU C 118 8.72 8.32 25.79
N PHE C 119 7.68 9.13 25.90
CA PHE C 119 6.47 8.68 26.52
C PHE C 119 5.77 7.64 25.65
N MET C 120 5.92 7.78 24.34
CA MET C 120 5.37 6.80 23.41
C MET C 120 6.07 5.47 23.61
N THR C 121 7.38 5.51 23.82
CA THR C 121 8.18 4.30 24.04
C THR C 121 7.67 3.53 25.28
N LEU C 122 7.45 4.27 26.37
CA LEU C 122 7.01 3.70 27.63
C LEU C 122 5.58 3.22 27.49
N SER C 123 4.76 3.99 26.77
CA SER C 123 3.41 3.58 26.40
C SER C 123 3.42 2.20 25.70
N LEU C 124 4.20 2.10 24.61
CA LEU C 124 4.37 0.84 23.88
C LEU C 124 4.92 -0.25 24.77
N GLY C 125 5.92 0.10 25.58
CA GLY C 125 6.45 -0.83 26.57
C GLY C 125 5.42 -1.45 27.52
N SER C 126 4.71 -0.61 28.26
CA SER C 126 3.67 -1.08 29.16
C SER C 126 2.66 -1.94 28.43
N TRP C 127 2.28 -1.52 27.23
CA TRP C 127 1.31 -2.32 26.49
C TRP C 127 1.87 -3.69 26.10
N TRP C 128 3.16 -3.76 25.83
CA TRP C 128 3.75 -5.03 25.49
C TRP C 128 3.56 -5.95 26.69
N ILE C 129 3.92 -5.44 27.87
CA ILE C 129 3.79 -6.20 29.11
C ILE C 129 2.37 -6.75 29.26
N ARG C 130 1.37 -5.91 29.03
CA ARG C 130 -0.01 -6.33 29.16
C ARG C 130 -0.34 -7.46 28.19
N VAL C 131 0.25 -7.41 26.99
CA VAL C 131 -0.04 -8.37 25.90
C VAL C 131 0.59 -9.71 26.22
N TYR C 132 1.70 -9.63 26.93
CA TYR C 132 2.47 -10.78 27.32
C TYR C 132 1.82 -11.51 28.51
N SER C 133 1.48 -10.72 29.54
CA SER C 133 0.77 -11.19 30.73
C SER C 133 -0.56 -11.87 30.47
N ARG C 134 -1.49 -11.18 29.81
CA ARG C 134 -2.81 -11.78 29.60
C ARG C 134 -2.67 -13.19 29.04
N ALA C 135 -1.67 -13.39 28.21
CA ALA C 135 -1.41 -14.69 27.63
C ALA C 135 -0.99 -15.63 28.73
N ARG C 136 0.02 -15.20 29.49
CA ARG C 136 0.50 -15.98 30.62
C ARG C 136 -0.62 -16.30 31.60
N ALA C 137 -1.34 -15.27 32.03
CA ALA C 137 -2.46 -15.39 32.94
C ALA C 137 -3.48 -16.41 32.50
N LEU C 138 -3.70 -16.50 31.20
CA LEU C 138 -4.75 -17.37 30.69
C LEU C 138 -4.19 -18.71 30.31
N GLY C 139 -2.91 -18.91 30.62
CA GLY C 139 -2.27 -20.20 30.34
C GLY C 139 -1.99 -20.44 28.87
N LEU C 140 -1.68 -19.36 28.15
CA LEU C 140 -1.52 -19.36 26.71
C LEU C 140 -0.04 -19.14 26.35
N GLY C 141 0.37 -19.56 25.16
CA GLY C 141 1.68 -19.18 24.66
C GLY C 141 1.78 -17.68 24.35
N THR C 142 3.00 -17.18 24.22
CA THR C 142 3.27 -15.74 24.05
C THR C 142 3.62 -15.32 22.61
N HIS C 143 3.12 -16.09 21.65
CA HIS C 143 3.45 -15.87 20.24
C HIS C 143 3.06 -14.45 19.80
N ILE C 144 1.91 -13.98 20.28
CA ILE C 144 1.47 -12.61 20.02
C ILE C 144 2.48 -11.61 20.60
N ALA C 145 2.85 -11.75 21.87
CA ALA C 145 3.78 -10.79 22.45
C ALA C 145 5.07 -10.76 21.64
N TRP C 146 5.47 -11.90 21.11
CA TRP C 146 6.69 -11.93 20.34
C TRP C 146 6.61 -11.26 19.00
N ASN C 147 5.49 -11.42 18.32
CA ASN C 147 5.22 -10.75 17.05
C ASN C 147 5.14 -9.23 17.25
N PHE C 148 4.60 -8.81 18.39
CA PHE C 148 4.47 -7.39 18.76
C PHE C 148 5.84 -6.78 19.04
N ALA C 149 6.73 -7.54 19.66
CA ALA C 149 8.07 -7.06 19.97
C ALA C 149 8.76 -6.55 18.71
N ALA C 150 8.60 -7.30 17.62
CA ALA C 150 9.28 -7.00 16.37
C ALA C 150 8.74 -5.69 15.82
N ALA C 151 7.41 -5.54 15.90
CA ALA C 151 6.75 -4.30 15.50
C ALA C 151 7.27 -3.15 16.34
N ILE C 152 7.28 -3.32 17.66
CA ILE C 152 7.79 -2.26 18.51
C ILE C 152 9.24 -1.97 18.17
N PHE C 153 10.01 -2.98 17.84
CA PHE C 153 11.41 -2.76 17.61
C PHE C 153 11.63 -1.94 16.35
N PHE C 154 10.76 -2.14 15.36
CA PHE C 154 10.85 -1.39 14.12
C PHE C 154 10.74 0.10 14.40
N VAL C 155 9.72 0.45 15.17
CA VAL C 155 9.44 1.83 15.59
C VAL C 155 10.67 2.38 16.28
N LEU C 156 11.23 1.58 17.18
CA LEU C 156 12.43 1.96 17.89
C LEU C 156 13.50 2.29 16.86
N CYS C 157 13.59 1.48 15.80
CA CYS C 157 14.66 1.64 14.82
C CYS C 157 14.57 2.97 14.10
N ILE C 158 13.40 3.28 13.56
CA ILE C 158 13.19 4.53 12.82
C ILE C 158 13.05 5.76 13.73
N GLY C 159 12.60 5.56 14.96
CA GLY C 159 12.44 6.67 15.90
C GLY C 159 13.69 7.04 16.69
N CYS C 160 14.46 6.03 17.11
CA CYS C 160 15.60 6.22 18.02
C CYS C 160 16.88 5.71 17.42
N ILE C 161 16.89 4.44 17.13
CA ILE C 161 18.15 3.75 17.00
C ILE C 161 18.93 4.20 15.77
N HIS C 162 18.24 4.31 14.65
CA HIS C 162 18.91 4.82 13.46
C HIS C 162 19.44 6.25 13.67
N PRO C 163 18.71 7.12 14.38
CA PRO C 163 19.27 8.46 14.60
C PRO C 163 20.48 8.43 15.53
N THR C 164 20.45 7.53 16.49
CA THR C 164 21.57 7.35 17.38
C THR C 164 22.79 6.83 16.65
N LEU C 165 22.56 5.86 15.78
CA LEU C 165 23.63 5.19 15.06
C LEU C 165 24.40 6.19 14.20
N VAL C 166 23.69 6.97 13.40
CA VAL C 166 24.33 8.01 12.56
C VAL C 166 24.71 9.26 13.38
N GLY C 167 24.07 9.41 14.54
CA GLY C 167 24.47 10.45 15.46
C GLY C 167 23.74 11.74 15.22
N SER C 168 22.52 11.68 14.66
CA SER C 168 21.70 12.87 14.55
C SER C 168 20.22 12.65 14.83
N TRP C 169 19.69 13.43 15.77
CA TRP C 169 18.29 13.36 16.10
C TRP C 169 17.44 13.90 14.98
N SER C 170 18.07 14.65 14.07
CA SER C 170 17.34 15.31 12.98
C SER C 170 16.67 14.30 12.05
N GLU C 171 17.05 13.03 12.18
CA GLU C 171 16.63 11.99 11.25
C GLU C 171 15.32 11.29 11.64
N GLY C 172 14.81 11.59 12.84
CA GLY C 172 13.66 10.85 13.36
C GLY C 172 12.35 11.16 12.66
N VAL C 173 11.29 10.48 13.04
CA VAL C 173 10.01 10.58 12.36
C VAL C 173 9.18 11.60 13.12
N PRO C 174 8.76 12.68 12.46
CA PRO C 174 7.89 13.70 13.04
C PRO C 174 6.57 13.08 13.47
N PHE C 175 5.88 13.69 14.43
CA PHE C 175 4.50 13.30 14.73
C PHE C 175 3.55 14.20 13.96
N GLY C 176 2.54 13.61 13.33
CA GLY C 176 1.55 14.40 12.61
C GLY C 176 1.19 13.63 11.37
N ILE C 177 -0.04 13.83 10.87
CA ILE C 177 -0.55 13.01 9.79
C ILE C 177 0.23 13.13 8.47
N TRP C 178 0.22 14.30 7.83
CA TRP C 178 1.06 14.50 6.66
C TRP C 178 2.54 14.51 7.01
N PRO C 179 2.94 15.10 8.17
CA PRO C 179 4.37 15.16 8.46
C PRO C 179 5.11 13.81 8.56
N HIS C 180 4.51 12.82 9.22
CA HIS C 180 5.11 11.49 9.27
C HIS C 180 5.23 10.86 7.87
N ILE C 181 4.38 11.34 6.95
CA ILE C 181 4.34 10.85 5.57
C ILE C 181 5.44 11.52 4.74
N ASP C 182 5.66 12.81 4.95
CA ASP C 182 6.67 13.54 4.18
C ASP C 182 8.07 13.02 4.51
N TRP C 183 8.25 12.56 5.74
CA TRP C 183 9.49 11.97 6.21
C TRP C 183 9.91 10.81 5.31
N LEU C 184 8.93 10.03 4.88
CA LEU C 184 9.16 8.85 4.06
C LEU C 184 9.92 9.21 2.79
N THR C 185 9.59 10.34 2.20
CA THR C 185 10.29 10.76 0.99
C THR C 185 11.58 11.46 1.35
N ALA C 186 11.58 12.21 2.44
CA ALA C 186 12.81 12.85 2.88
C ALA C 186 13.88 11.76 3.09
N PHE C 187 13.49 10.67 3.74
CA PHE C 187 14.41 9.62 4.16
C PHE C 187 14.90 8.83 2.95
N SER C 188 13.97 8.44 2.08
CA SER C 188 14.32 7.67 0.91
C SER C 188 15.22 8.47 -0.04
N ILE C 189 14.95 9.75 -0.19
CA ILE C 189 15.73 10.64 -1.05
C ILE C 189 17.17 10.73 -0.56
N ARG C 190 17.36 11.01 0.72
CA ARG C 190 18.70 11.19 1.29
C ARG C 190 19.51 9.90 1.20
N TYR C 191 18.82 8.76 1.29
CA TYR C 191 19.47 7.48 1.26
C TYR C 191 19.37 6.81 -0.09
N GLY C 192 19.14 7.62 -1.11
CA GLY C 192 19.31 7.19 -2.48
C GLY C 192 18.32 6.18 -3.01
N ASN C 193 17.04 6.34 -2.68
CA ASN C 193 15.93 5.57 -3.27
C ASN C 193 15.75 4.22 -2.59
N PHE C 194 14.85 4.15 -1.62
CA PHE C 194 14.59 2.91 -0.88
C PHE C 194 14.09 1.75 -1.77
N TYR C 195 13.72 2.01 -3.02
CA TYR C 195 13.33 0.89 -3.88
C TYR C 195 14.51 -0.04 -4.09
N TYR C 196 15.71 0.51 -3.94
CA TYR C 196 16.94 -0.23 -4.19
C TYR C 196 17.57 -0.72 -2.88
N CYS C 197 16.80 -0.66 -1.79
CA CYS C 197 17.19 -1.29 -0.53
C CYS C 197 16.68 -2.71 -0.55
N PRO C 198 17.59 -3.69 -0.51
CA PRO C 198 17.13 -5.08 -0.54
C PRO C 198 16.12 -5.41 0.57
N TRP C 199 16.29 -4.86 1.76
CA TRP C 199 15.42 -5.15 2.91
C TRP C 199 14.06 -4.45 2.82
N HIS C 200 14.00 -3.29 2.17
CA HIS C 200 12.74 -2.72 1.75
C HIS C 200 12.00 -3.72 0.86
N GLY C 201 12.72 -4.32 -0.08
CA GLY C 201 12.18 -5.40 -0.89
C GLY C 201 11.70 -6.62 -0.11
N PHE C 202 12.50 -7.15 0.81
CA PHE C 202 12.05 -8.32 1.57
C PHE C 202 10.77 -7.95 2.31
N SER C 203 10.82 -6.81 3.00
CA SER C 203 9.68 -6.35 3.78
C SER C 203 8.40 -6.31 2.92
N ILE C 204 8.46 -5.67 1.77
CA ILE C 204 7.29 -5.61 0.89
C ILE C 204 6.86 -7.00 0.47
N GLY C 205 7.84 -7.87 0.28
CA GLY C 205 7.59 -9.23 -0.12
C GLY C 205 6.77 -9.92 0.93
N PHE C 206 7.16 -9.74 2.18
CA PHE C 206 6.39 -10.29 3.28
C PHE C 206 5.04 -9.59 3.49
N ALA C 207 4.97 -8.30 3.23
CA ALA C 207 3.72 -7.57 3.39
C ALA C 207 2.69 -8.02 2.35
N TYR C 208 3.11 -8.10 1.09
CA TYR C 208 2.25 -8.64 0.05
C TYR C 208 1.90 -10.08 0.39
N GLY C 209 2.87 -10.80 0.94
CA GLY C 209 2.68 -12.20 1.31
C GLY C 209 1.64 -12.37 2.40
N CYS C 210 1.56 -11.40 3.30
CA CYS C 210 0.51 -11.42 4.31
C CYS C 210 -0.85 -11.24 3.71
N GLY C 211 -0.94 -10.31 2.76
CA GLY C 211 -2.13 -10.20 1.97
C GLY C 211 -2.44 -11.48 1.24
N LEU C 212 -1.45 -12.09 0.62
CA LEU C 212 -1.72 -13.33 -0.11
C LEU C 212 -2.22 -14.40 0.87
N LEU C 213 -1.51 -14.56 1.98
CA LEU C 213 -1.79 -15.62 2.93
C LEU C 213 -3.12 -15.41 3.67
N PHE C 214 -3.43 -14.17 4.08
CA PHE C 214 -4.66 -13.96 4.83
C PHE C 214 -5.91 -13.97 3.94
N ALA C 215 -5.77 -13.54 2.69
CA ALA C 215 -6.84 -13.83 1.70
C ALA C 215 -7.02 -15.34 1.49
N ALA C 216 -5.93 -16.09 1.37
CA ALA C 216 -5.96 -17.53 1.06
C ALA C 216 -6.49 -18.33 2.24
N HIS C 217 -6.01 -18.00 3.43
CA HIS C 217 -6.40 -18.69 4.64
C HIS C 217 -7.85 -18.35 5.00
N GLY C 218 -8.18 -17.06 5.02
CA GLY C 218 -9.54 -16.68 5.34
C GLY C 218 -10.53 -17.37 4.41
N ALA C 219 -10.25 -17.30 3.11
CA ALA C 219 -11.15 -17.91 2.14
C ALA C 219 -11.21 -19.41 2.31
N THR C 220 -10.08 -20.03 2.66
CA THR C 220 -10.03 -21.47 2.79
C THR C 220 -10.98 -21.89 3.91
N ILE C 221 -10.90 -21.16 5.02
CA ILE C 221 -11.75 -21.49 6.14
C ILE C 221 -13.24 -21.28 5.87
N LEU C 222 -13.60 -20.10 5.37
CA LEU C 222 -14.99 -19.87 5.02
C LEU C 222 -15.44 -20.98 4.06
N ALA C 223 -14.56 -21.45 3.19
CA ALA C 223 -14.95 -22.44 2.18
C ALA C 223 -15.20 -23.80 2.78
N VAL C 224 -14.59 -24.07 3.93
CA VAL C 224 -14.89 -25.28 4.70
C VAL C 224 -15.60 -24.99 6.04
N ALA C 225 -16.30 -23.87 6.12
CA ALA C 225 -17.14 -23.57 7.27
C ALA C 225 -18.25 -24.63 7.45
N ARG C 226 -18.72 -25.22 6.35
CA ARG C 226 -19.76 -26.24 6.46
C ARG C 226 -19.32 -27.47 7.25
N PHE C 227 -18.01 -27.69 7.35
CA PHE C 227 -17.48 -28.86 8.05
C PHE C 227 -16.82 -28.39 9.32
N GLY C 228 -17.20 -27.22 9.81
CA GLY C 228 -16.75 -26.77 11.11
C GLY C 228 -15.29 -26.38 11.12
N GLY C 229 -14.78 -25.97 9.95
CA GLY C 229 -13.38 -25.58 9.80
C GLY C 229 -12.92 -24.43 10.69
N ASP C 230 -13.85 -23.57 11.11
CA ASP C 230 -13.55 -22.44 11.99
C ASP C 230 -13.03 -22.82 13.36
N ARG C 231 -13.38 -24.03 13.80
CA ARG C 231 -12.97 -24.52 15.12
C ARG C 231 -11.57 -25.10 15.02
N GLU C 232 -10.59 -24.20 14.89
CA GLU C 232 -9.29 -24.56 14.37
C GLU C 232 -8.49 -25.34 15.39
N ILE C 233 -8.65 -24.99 16.67
CA ILE C 233 -7.98 -25.71 17.75
C ILE C 233 -8.26 -27.20 17.71
N GLU C 234 -9.53 -27.57 17.58
CA GLU C 234 -9.91 -28.98 17.56
C GLU C 234 -9.70 -29.65 16.21
N GLN C 235 -9.52 -28.86 15.14
CA GLN C 235 -9.09 -29.42 13.86
C GLN C 235 -7.58 -29.72 13.93
N ILE C 236 -6.90 -29.06 14.87
CA ILE C 236 -5.50 -29.32 15.17
C ILE C 236 -5.31 -30.65 15.92
N THR C 237 -5.91 -30.77 17.10
CA THR C 237 -5.73 -31.96 17.93
C THR C 237 -6.52 -33.12 17.39
N ASP C 238 -7.42 -32.88 16.45
CA ASP C 238 -8.12 -34.00 15.87
C ASP C 238 -8.57 -33.68 14.47
N ARG C 239 -7.63 -33.78 13.52
CA ARG C 239 -7.90 -33.53 12.12
C ARG C 239 -9.29 -34.01 11.71
N GLY C 240 -10.09 -33.12 11.11
CA GLY C 240 -11.37 -33.49 10.52
C GLY C 240 -11.51 -33.20 9.03
N THR C 241 -12.65 -33.53 8.42
CA THR C 241 -12.78 -33.47 6.97
C THR C 241 -12.56 -32.05 6.45
N ALA C 242 -12.80 -31.07 7.30
CA ALA C 242 -12.60 -29.67 6.97
C ALA C 242 -11.16 -29.42 6.51
N VAL C 243 -10.22 -29.62 7.42
CA VAL C 243 -8.82 -29.40 7.13
C VAL C 243 -8.21 -30.52 6.26
N GLU C 244 -8.93 -31.61 6.03
CA GLU C 244 -8.43 -32.57 5.06
C GLU C 244 -8.70 -31.99 3.71
N ARG C 245 -9.89 -31.43 3.55
CA ARG C 245 -10.33 -30.88 2.28
C ARG C 245 -9.58 -29.58 2.02
N ALA C 246 -9.26 -28.83 3.07
CA ALA C 246 -8.48 -27.60 2.91
C ALA C 246 -7.10 -27.96 2.37
N ALA C 247 -6.51 -29.01 2.92
CA ALA C 247 -5.19 -29.44 2.52
C ALA C 247 -5.20 -29.96 1.10
N LEU C 248 -6.16 -30.80 0.75
CA LEU C 248 -6.17 -31.36 -0.59
C LEU C 248 -6.46 -30.32 -1.65
N PHE C 249 -7.23 -29.29 -1.30
CA PHE C 249 -7.44 -28.17 -2.22
C PHE C 249 -6.08 -27.60 -2.58
N TRP C 250 -5.30 -27.28 -1.56
CA TRP C 250 -4.02 -26.66 -1.79
C TRP C 250 -2.96 -27.58 -2.38
N ARG C 251 -3.02 -28.85 -2.03
CA ARG C 251 -2.10 -29.82 -2.61
C ARG C 251 -2.36 -29.95 -4.10
N TRP C 252 -3.64 -29.94 -4.48
CA TRP C 252 -4.01 -30.23 -5.87
C TRP C 252 -3.79 -29.04 -6.76
N THR C 253 -3.85 -27.86 -6.15
CA THR C 253 -3.61 -26.63 -6.86
C THR C 253 -2.13 -26.35 -7.01
N ILE C 254 -1.40 -26.24 -5.90
CA ILE C 254 0.00 -25.82 -5.95
C ILE C 254 1.02 -26.91 -5.71
N GLY C 255 0.57 -28.08 -5.28
CA GLY C 255 1.43 -29.24 -5.29
C GLY C 255 1.95 -29.69 -3.94
N PHE C 256 1.96 -28.77 -2.97
CA PHE C 256 2.32 -29.09 -1.58
C PHE C 256 1.26 -28.46 -0.71
N ASN C 257 1.30 -28.68 0.59
CA ASN C 257 0.23 -28.19 1.47
C ASN C 257 0.69 -28.05 2.89
N ALA C 258 0.09 -27.13 3.61
CA ALA C 258 0.33 -26.97 5.04
C ALA C 258 -0.59 -27.91 5.80
N THR C 259 -0.62 -27.75 7.12
CA THR C 259 -1.69 -28.29 7.97
C THR C 259 -2.45 -27.09 8.59
N ILE C 260 -3.46 -27.39 9.39
CA ILE C 260 -4.23 -26.31 9.99
C ILE C 260 -3.43 -25.57 11.07
N GLU C 261 -2.47 -26.23 11.72
CA GLU C 261 -1.63 -25.50 12.64
C GLU C 261 -0.54 -24.76 11.90
N SER C 262 0.09 -25.45 10.95
CA SER C 262 1.33 -24.91 10.39
C SER C 262 1.05 -23.67 9.57
N VAL C 263 -0.13 -23.62 8.92
CA VAL C 263 -0.50 -22.44 8.15
C VAL C 263 -0.59 -21.18 9.00
N HIS C 264 -0.84 -21.33 10.29
CA HIS C 264 -0.77 -20.17 11.18
C HIS C 264 0.66 -19.84 11.52
N ARG C 265 1.53 -20.86 11.44
CA ARG C 265 2.96 -20.64 11.58
C ARG C 265 3.49 -19.86 10.39
N TRP C 266 3.20 -20.32 9.18
CA TRP C 266 3.55 -19.56 7.98
C TRP C 266 3.02 -18.13 8.08
N GLY C 267 1.81 -18.01 8.59
CA GLY C 267 1.20 -16.71 8.76
C GLY C 267 1.94 -15.85 9.75
N TRP C 268 2.25 -16.40 10.91
CA TRP C 268 2.90 -15.63 11.96
C TRP C 268 4.27 -15.19 11.48
N PHE C 269 4.93 -16.10 10.79
CA PHE C 269 6.31 -15.91 10.36
C PHE C 269 6.34 -14.77 9.35
N PHE C 270 5.48 -14.85 8.33
CA PHE C 270 5.40 -13.79 7.35
C PHE C 270 5.13 -12.43 8.00
N SER C 271 4.26 -12.41 9.00
CA SER C 271 3.91 -11.15 9.65
C SER C 271 5.12 -10.62 10.36
N LEU C 272 5.74 -11.49 11.13
CA LEU C 272 6.94 -11.15 11.85
C LEU C 272 8.03 -10.57 10.93
N MET C 273 8.22 -11.19 9.77
CA MET C 273 9.35 -10.82 8.93
C MET C 273 9.19 -9.46 8.27
N VAL C 274 7.96 -9.02 8.08
CA VAL C 274 7.71 -7.66 7.59
C VAL C 274 8.43 -6.67 8.49
N MET C 275 8.36 -6.91 9.79
CA MET C 275 8.91 -6.00 10.76
C MET C 275 10.39 -6.25 10.96
N VAL C 276 10.77 -7.51 10.91
CA VAL C 276 12.16 -7.93 11.03
C VAL C 276 13.01 -7.44 9.83
N SER C 277 12.55 -7.70 8.62
CA SER C 277 13.30 -7.32 7.42
C SER C 277 13.46 -5.83 7.42
N ALA C 278 12.42 -5.12 7.85
CA ALA C 278 12.40 -3.67 7.81
C ALA C 278 13.39 -3.05 8.79
N SER C 279 13.46 -3.58 10.02
CA SER C 279 14.44 -3.11 11.01
C SER C 279 15.86 -3.28 10.51
N VAL C 280 16.16 -4.43 9.90
CA VAL C 280 17.50 -4.67 9.38
C VAL C 280 17.86 -3.61 8.35
N GLY C 281 16.95 -3.38 7.41
CA GLY C 281 17.19 -2.36 6.40
C GLY C 281 17.40 -0.99 7.02
N ILE C 282 16.70 -0.68 8.10
CA ILE C 282 16.92 0.62 8.73
C ILE C 282 18.26 0.67 9.46
N LEU C 283 18.66 -0.45 10.05
CA LEU C 283 19.88 -0.49 10.83
C LEU C 283 21.05 -0.34 9.91
N LEU C 284 20.96 -0.91 8.72
CA LEU C 284 22.05 -0.77 7.76
C LEU C 284 22.15 0.63 7.13
N THR C 285 21.02 1.33 7.04
CA THR C 285 20.92 2.58 6.28
C THR C 285 21.60 3.71 7.04
N GLY C 286 22.53 4.40 6.37
CA GLY C 286 23.26 5.50 7.00
C GLY C 286 24.49 5.05 7.77
N THR C 287 24.34 3.98 8.54
CA THR C 287 25.47 3.31 9.12
C THR C 287 26.45 2.79 8.08
N PHE C 288 25.96 1.97 7.14
CA PHE C 288 26.84 1.27 6.21
C PHE C 288 26.53 1.43 4.73
N VAL C 289 25.38 1.99 4.43
CA VAL C 289 25.05 2.30 3.04
C VAL C 289 24.52 3.73 3.02
N ASP C 290 25.09 4.55 2.13
CA ASP C 290 24.66 5.94 1.99
C ASP C 290 23.63 6.09 0.84
N ASN C 291 23.80 5.33 -0.23
CA ASN C 291 22.99 5.50 -1.39
C ASN C 291 22.67 4.13 -1.97
N TRP C 292 21.44 3.68 -1.78
CA TRP C 292 21.13 2.30 -2.13
C TRP C 292 21.15 2.05 -3.62
N TYR C 293 20.71 3.01 -4.43
CA TYR C 293 20.81 2.83 -5.87
C TYR C 293 22.27 2.57 -6.25
N LEU C 294 23.18 3.35 -5.69
CA LEU C 294 24.61 3.26 -6.03
C LEU C 294 25.22 2.00 -5.45
N TRP C 295 24.76 1.59 -4.29
CA TRP C 295 25.16 0.30 -3.74
C TRP C 295 24.76 -0.79 -4.73
N CYS C 296 23.54 -0.74 -5.23
CA CYS C 296 23.08 -1.73 -6.19
C CYS C 296 23.86 -1.70 -7.48
N VAL C 297 24.01 -0.51 -8.04
CA VAL C 297 24.90 -0.26 -9.17
C VAL C 297 26.29 -0.83 -8.90
N LYS C 298 26.78 -0.61 -7.68
CA LYS C 298 28.09 -1.13 -7.31
C LYS C 298 28.11 -2.65 -7.47
N HIS C 299 27.01 -3.31 -7.13
CA HIS C 299 27.03 -4.75 -7.05
C HIS C 299 26.39 -5.44 -8.24
N GLY C 300 26.06 -4.68 -9.28
CA GLY C 300 25.61 -5.28 -10.54
C GLY C 300 24.11 -5.50 -10.74
N ALA C 301 23.30 -5.15 -9.75
CA ALA C 301 21.89 -5.46 -9.84
C ALA C 301 21.07 -4.46 -10.67
N ALA C 302 21.43 -3.17 -10.63
CA ALA C 302 20.57 -2.10 -11.16
C ALA C 302 20.24 -2.18 -12.64
N PRO C 303 18.97 -1.97 -13.01
CA PRO C 303 18.61 -1.86 -14.43
C PRO C 303 19.08 -0.54 -15.04
N ASP C 304 19.22 -0.53 -16.36
CA ASP C 304 19.61 0.69 -17.08
C ASP C 304 18.88 0.77 -18.40
N TYR C 305 18.67 2.00 -18.88
CA TYR C 305 17.78 2.28 -19.99
C TYR C 305 18.46 3.24 -20.95
N PRO C 306 18.19 3.07 -22.26
CA PRO C 306 18.49 4.07 -23.29
C PRO C 306 18.05 5.48 -22.93
N ALA C 307 18.79 6.44 -23.42
CA ALA C 307 18.33 7.80 -23.37
C ALA C 307 17.10 7.83 -24.23
N TYR C 308 16.12 8.62 -23.85
CA TYR C 308 14.98 8.84 -24.72
C TYR C 308 14.99 10.29 -25.18
N LEU C 309 14.81 11.23 -24.26
CA LEU C 309 15.32 12.57 -24.52
C LEU C 309 16.84 12.48 -24.40
N PRO C 310 17.56 13.38 -25.09
CA PRO C 310 19.02 13.43 -25.08
C PRO C 310 19.63 13.43 -23.67
N ALA C 311 20.72 12.69 -23.53
CA ALA C 311 21.43 12.62 -22.28
C ALA C 311 21.91 14.01 -21.87
N THR C 312 21.75 14.34 -20.60
CA THR C 312 21.98 15.67 -20.13
C THR C 312 23.10 15.70 -19.10
N PRO C 313 24.27 16.14 -19.54
CA PRO C 313 25.42 16.41 -18.66
C PRO C 313 25.01 17.31 -17.55
N ASP C 314 25.63 17.09 -16.41
CA ASP C 314 25.52 18.01 -15.27
C ASP C 314 26.11 19.38 -15.66
N PRO C 315 25.28 20.44 -15.58
CA PRO C 315 25.79 21.75 -16.01
C PRO C 315 26.90 22.16 -15.08
N ALA C 316 26.73 21.80 -13.82
CA ALA C 316 27.61 22.27 -12.77
C ALA C 316 29.05 21.87 -13.02
N SER C 317 29.26 20.86 -13.87
CA SER C 317 30.59 20.32 -14.12
C SER C 317 31.21 20.82 -15.42
N LEU C 318 30.40 21.46 -16.26
CA LEU C 318 30.95 22.15 -17.41
C LEU C 318 31.99 23.17 -17.07
N PRO C 319 32.62 23.43 -18.18
CA PRO C 319 33.61 24.47 -18.34
C PRO C 319 32.97 25.80 -17.90
N GLY C 320 33.39 26.28 -16.73
CA GLY C 320 33.00 27.60 -16.28
C GLY C 320 31.51 27.73 -16.09
N ALA C 321 30.91 26.72 -15.47
CA ALA C 321 29.57 26.86 -14.92
C ALA C 321 29.77 27.60 -13.61
N PRO C 322 28.81 28.44 -13.22
CA PRO C 322 28.77 28.90 -11.84
C PRO C 322 28.69 27.74 -10.86
N LYS C 323 28.47 28.07 -9.60
CA LYS C 323 28.44 27.08 -8.54
C LYS C 323 27.01 26.84 -8.07
N FME D 1 37.96 6.89 3.51
CN FME D 1 38.05 7.14 2.16
O1 FME D 1 38.78 6.35 1.56
CA FME D 1 37.61 5.50 3.81
CB FME D 1 38.34 5.09 5.09
CG FME D 1 39.84 4.87 4.85
SD FME D 1 41.02 5.63 6.01
CE FME D 1 40.19 5.19 7.53
C FME D 1 36.10 5.39 3.99
O FME D 1 35.43 6.41 4.13
N TYR D 2 35.56 4.18 3.94
CA TYR D 2 34.10 4.01 4.02
C TYR D 2 33.64 3.16 5.16
N HIS D 3 32.55 3.60 5.79
CA HIS D 3 31.85 2.79 6.76
C HIS D 3 31.27 1.61 6.03
N GLY D 4 31.52 0.42 6.53
CA GLY D 4 30.91 -0.77 5.99
C GLY D 4 31.82 -1.55 5.05
N ALA D 5 32.80 -0.87 4.47
CA ALA D 5 33.72 -1.49 3.51
C ALA D 5 34.57 -2.55 4.22
N LEU D 6 34.64 -3.76 3.64
CA LEU D 6 35.33 -4.87 4.27
C LEU D 6 36.61 -5.30 3.57
N ALA D 7 36.64 -5.14 2.25
CA ALA D 7 37.80 -5.59 1.50
C ALA D 7 37.83 -4.83 0.19
N GLN D 8 38.74 -5.24 -0.69
CA GLN D 8 38.83 -4.69 -2.04
C GLN D 8 37.45 -4.62 -2.70
N HIS D 9 36.57 -5.57 -2.36
CA HIS D 9 35.24 -5.56 -2.92
C HIS D 9 34.13 -6.19 -2.07
N LEU D 10 34.22 -6.00 -0.76
CA LEU D 10 33.26 -6.59 0.15
C LEU D 10 32.71 -5.48 1.00
N ASP D 11 31.45 -5.61 1.40
CA ASP D 11 30.94 -4.72 2.41
C ASP D 11 29.86 -5.39 3.22
N ILE D 12 29.58 -4.79 4.38
CA ILE D 12 28.64 -5.33 5.36
C ILE D 12 27.27 -5.67 4.76
N ALA D 13 26.56 -4.68 4.24
CA ALA D 13 25.20 -4.91 3.75
C ALA D 13 25.19 -6.10 2.80
N GLN D 14 26.25 -6.23 2.02
CA GLN D 14 26.26 -7.26 0.99
C GLN D 14 26.34 -8.65 1.61
N LEU D 15 27.07 -8.76 2.70
CA LEU D 15 27.16 -10.04 3.38
C LEU D 15 25.86 -10.34 4.06
N VAL D 16 25.25 -9.30 4.64
CA VAL D 16 23.98 -9.45 5.32
C VAL D 16 22.85 -9.80 4.34
N TRP D 17 23.00 -9.43 3.08
CA TRP D 17 22.07 -9.94 2.08
C TRP D 17 22.09 -11.48 2.04
N TYR D 18 23.28 -12.04 2.10
CA TYR D 18 23.47 -13.48 2.06
C TYR D 18 22.90 -14.17 3.26
N ALA D 19 23.22 -13.64 4.43
CA ALA D 19 22.70 -14.20 5.66
C ALA D 19 21.16 -14.15 5.71
N GLN D 20 20.60 -13.04 5.22
CA GLN D 20 19.16 -12.87 5.23
C GLN D 20 18.49 -14.02 4.49
N TRP D 21 18.94 -14.27 3.26
CA TRP D 21 18.44 -15.38 2.47
C TRP D 21 18.60 -16.73 3.12
N LEU D 22 19.65 -16.88 3.90
CA LEU D 22 19.92 -18.16 4.50
C LEU D 22 18.95 -18.40 5.63
N VAL D 23 18.66 -17.35 6.35
CA VAL D 23 17.77 -17.48 7.47
C VAL D 23 16.40 -17.88 6.94
N ILE D 24 16.04 -17.31 5.80
CA ILE D 24 14.74 -17.55 5.23
C ILE D 24 14.59 -18.96 4.72
N TRP D 25 15.50 -19.41 3.86
CA TRP D 25 15.39 -20.78 3.33
C TRP D 25 15.56 -21.85 4.41
N THR D 26 16.34 -21.53 5.44
CA THR D 26 16.44 -22.39 6.60
C THR D 26 15.09 -22.57 7.29
N VAL D 27 14.49 -21.47 7.72
CA VAL D 27 13.21 -21.53 8.41
C VAL D 27 12.14 -22.15 7.51
N VAL D 28 12.11 -21.76 6.25
CA VAL D 28 11.08 -22.26 5.37
C VAL D 28 11.23 -23.77 5.10
N LEU D 29 12.44 -24.23 4.78
CA LEU D 29 12.65 -25.63 4.37
C LEU D 29 12.82 -26.59 5.53
N LEU D 30 13.62 -26.19 6.50
CA LEU D 30 13.94 -27.09 7.56
C LEU D 30 12.93 -27.02 8.72
N TYR D 31 12.25 -25.88 8.85
CA TYR D 31 11.19 -25.77 9.85
C TYR D 31 9.77 -25.93 9.25
N LEU D 32 9.28 -24.90 8.58
CA LEU D 32 7.87 -24.83 8.25
C LEU D 32 7.46 -25.96 7.33
N ARG D 33 8.29 -26.26 6.33
CA ARG D 33 7.96 -27.35 5.43
C ARG D 33 7.91 -28.70 6.14
N ARG D 34 8.43 -28.76 7.35
CA ARG D 34 8.36 -30.02 8.08
C ARG D 34 7.16 -30.03 9.01
N GLU D 35 6.90 -28.88 9.64
CA GLU D 35 5.64 -28.64 10.31
C GLU D 35 4.43 -28.98 9.44
N ASP D 36 4.55 -28.78 8.12
CA ASP D 36 3.45 -29.07 7.20
C ASP D 36 3.15 -30.55 7.08
N ARG D 37 4.05 -31.38 7.62
CA ARG D 37 3.99 -32.82 7.38
C ARG D 37 3.53 -33.63 8.59
N ARG D 38 2.90 -32.96 9.55
CA ARG D 38 2.41 -33.62 10.76
C ARG D 38 1.05 -34.33 10.61
N GLU D 39 0.50 -34.28 9.40
CA GLU D 39 -0.78 -34.93 9.12
C GLU D 39 -0.70 -35.55 7.75
N GLY D 40 -0.93 -36.85 7.68
CA GLY D 40 -1.12 -37.48 6.39
C GLY D 40 0.13 -38.14 5.87
N TYR D 41 1.21 -38.07 6.65
CA TYR D 41 2.48 -38.70 6.33
C TYR D 41 2.72 -39.87 7.25
N PRO D 42 3.37 -40.92 6.74
CA PRO D 42 3.96 -40.83 5.39
C PRO D 42 3.00 -41.18 4.27
N LEU D 43 3.28 -40.58 3.12
CA LEU D 43 2.48 -40.74 1.93
C LEU D 43 2.20 -42.20 1.71
N VAL D 44 0.92 -42.55 1.62
CA VAL D 44 0.54 -43.91 1.28
C VAL D 44 0.62 -44.12 -0.24
N GLU D 45 0.82 -45.39 -0.64
CA GLU D 45 1.13 -45.74 -2.03
C GLU D 45 0.68 -47.15 -2.29
N PRO D 46 0.94 -47.64 -3.49
CA PRO D 46 0.81 -49.06 -3.74
C PRO D 46 1.91 -49.71 -2.89
N LEU D 47 2.08 -51.01 -3.06
CA LEU D 47 3.08 -51.76 -2.30
C LEU D 47 4.05 -52.44 -3.25
N GLY D 48 5.22 -52.80 -2.73
CA GLY D 48 6.20 -53.53 -3.53
C GLY D 48 6.26 -54.98 -3.11
N LEU D 49 6.54 -55.85 -4.06
CA LEU D 49 6.61 -57.29 -3.80
C LEU D 49 7.75 -57.62 -2.83
N VAL D 50 8.88 -56.96 -3.04
CA VAL D 50 10.02 -57.08 -2.13
C VAL D 50 10.51 -55.68 -1.80
N LYS D 51 10.55 -55.36 -0.50
CA LYS D 51 11.04 -54.07 -0.03
C LYS D 51 11.44 -54.22 1.43
N LEU D 52 12.53 -53.56 1.83
CA LEU D 52 13.13 -53.81 3.14
C LEU D 52 13.65 -52.54 3.82
N ALA D 53 13.59 -51.42 3.13
CA ALA D 53 14.16 -50.18 3.65
C ALA D 53 13.38 -49.27 4.52
N PRO D 54 13.97 -48.86 5.62
CA PRO D 54 13.45 -47.73 6.30
C PRO D 54 13.65 -46.52 5.34
N GLU D 55 12.87 -46.43 4.24
CA GLU D 55 13.16 -45.49 3.11
C GLU D 55 13.54 -44.06 3.56
N ASP D 56 14.81 -43.68 3.35
CA ASP D 56 15.44 -42.60 4.13
C ASP D 56 14.66 -41.28 4.11
N GLY D 57 14.18 -40.94 2.92
CA GLY D 57 13.50 -39.68 2.66
C GLY D 57 12.27 -39.43 3.51
N GLN D 58 11.59 -40.52 3.86
CA GLN D 58 10.42 -40.50 4.71
C GLN D 58 10.76 -40.18 6.17
N VAL D 59 12.00 -40.36 6.55
CA VAL D 59 12.45 -40.01 7.87
C VAL D 59 12.86 -38.56 7.87
N TYR D 60 13.60 -38.17 6.85
CA TYR D 60 14.23 -36.85 6.79
C TYR D 60 13.19 -35.77 6.72
N GLU D 61 12.13 -36.01 5.98
CA GLU D 61 11.13 -34.98 5.82
C GLU D 61 10.24 -34.76 7.05
N LEU D 62 10.17 -35.74 7.94
CA LEU D 62 9.27 -35.65 9.08
C LEU D 62 9.92 -34.84 10.14
N PRO D 63 9.13 -34.09 10.90
CA PRO D 63 9.65 -33.53 12.16
C PRO D 63 9.66 -34.57 13.24
N TYR D 64 10.17 -34.17 14.40
CA TYR D 64 10.07 -35.00 15.56
C TYR D 64 8.63 -34.95 16.02
N PRO D 65 8.09 -36.07 16.53
CA PRO D 65 6.74 -36.02 17.07
C PRO D 65 6.56 -34.98 18.14
N LYS D 66 5.40 -34.30 18.10
CA LYS D 66 4.94 -33.43 19.20
C LYS D 66 3.65 -34.01 19.84
N THR D 67 3.48 -33.75 21.14
CA THR D 67 2.28 -34.18 21.87
C THR D 67 1.52 -33.03 22.55
N PHE D 68 0.25 -32.91 22.20
CA PHE D 68 -0.62 -31.97 22.86
C PHE D 68 -1.20 -32.70 24.06
N VAL D 69 -1.22 -32.04 25.21
CA VAL D 69 -1.94 -32.59 26.33
C VAL D 69 -3.30 -31.91 26.35
N LEU D 70 -4.32 -32.74 26.12
CA LEU D 70 -5.66 -32.32 25.79
C LEU D 70 -6.35 -31.72 27.02
N PRO D 71 -7.23 -30.74 26.81
CA PRO D 71 -7.71 -29.96 27.95
C PRO D 71 -8.51 -30.84 28.91
N HIS D 72 -9.29 -31.77 28.37
CA HIS D 72 -10.11 -32.60 29.25
C HIS D 72 -9.58 -34.02 29.36
N GLY D 73 -8.26 -34.16 29.22
CA GLY D 73 -7.61 -35.43 29.47
C GLY D 73 -7.22 -36.23 28.25
N GLY D 74 -6.04 -36.85 28.33
CA GLY D 74 -5.49 -37.54 27.18
C GLY D 74 -4.39 -36.74 26.51
N THR D 75 -3.83 -37.31 25.44
CA THR D 75 -2.82 -36.63 24.66
C THR D 75 -2.99 -37.02 23.23
N VAL D 76 -2.45 -36.20 22.34
CA VAL D 76 -2.42 -36.56 20.95
C VAL D 76 -1.03 -36.28 20.48
N THR D 77 -0.49 -37.20 19.71
CA THR D 77 0.85 -37.08 19.19
C THR D 77 0.81 -37.04 17.68
N VAL D 78 1.50 -36.05 17.12
CA VAL D 78 1.57 -35.94 15.68
C VAL D 78 3.02 -35.66 15.35
N PRO D 79 3.52 -36.24 14.24
CA PRO D 79 2.76 -37.09 13.31
C PRO D 79 2.57 -38.48 13.90
N ARG D 80 1.69 -39.24 13.28
CA ARG D 80 1.59 -40.65 13.60
C ARG D 80 0.97 -41.41 12.44
N ARG D 81 1.18 -42.71 12.43
CA ARG D 81 0.69 -43.56 11.37
C ARG D 81 -0.80 -43.77 11.62
N ARG D 82 -1.61 -43.32 10.68
CA ARG D 82 -3.05 -43.33 10.81
C ARG D 82 -3.62 -43.86 9.51
N PRO D 83 -3.55 -45.18 9.28
CA PRO D 83 -4.10 -45.68 8.03
C PRO D 83 -5.63 -45.65 8.04
N GLU D 84 -6.22 -45.58 6.86
CA GLU D 84 -7.67 -45.58 6.75
C GLU D 84 -8.11 -47.02 6.55
N THR D 85 -8.66 -47.59 7.63
CA THR D 85 -9.10 -48.98 7.65
C THR D 85 -10.38 -49.19 6.83
N ARG D 86 -11.32 -48.25 6.95
CA ARG D 86 -12.64 -48.37 6.33
C ARG D 86 -12.57 -48.69 4.84
N GLU D 87 -13.47 -49.56 4.40
CA GLU D 87 -13.58 -49.92 2.98
C GLU D 87 -14.20 -48.76 2.21
N LEU D 88 -13.69 -48.52 1.02
CA LEU D 88 -14.18 -47.43 0.20
C LEU D 88 -14.86 -48.01 -1.03
N LYS D 89 -16.16 -47.78 -1.15
CA LYS D 89 -16.87 -48.22 -2.33
C LYS D 89 -16.57 -47.34 -3.55
N LEU D 90 -15.34 -47.50 -4.06
CA LEU D 90 -14.84 -46.77 -5.21
C LEU D 90 -14.07 -47.74 -6.10
N ALA D 91 -13.92 -47.40 -7.37
CA ALA D 91 -13.24 -48.25 -8.32
C ALA D 91 -12.49 -47.39 -9.32
N GLN D 92 -11.30 -47.80 -9.71
CA GLN D 92 -10.49 -47.00 -10.62
C GLN D 92 -11.15 -46.99 -11.99
N THR D 93 -11.28 -45.79 -12.56
CA THR D 93 -11.98 -45.59 -13.82
C THR D 93 -11.10 -45.93 -15.02
N ASP D 94 -9.81 -45.66 -14.90
CA ASP D 94 -8.83 -46.10 -15.90
C ASP D 94 -7.76 -46.91 -15.19
N GLY D 95 -6.51 -46.80 -15.62
CA GLY D 95 -5.46 -47.59 -14.99
C GLY D 95 -4.47 -46.81 -14.15
N PHE D 96 -3.99 -45.68 -14.68
CA PHE D 96 -2.88 -44.92 -14.09
C PHE D 96 -3.21 -44.32 -12.72
N GLU D 97 -2.19 -44.05 -11.91
CA GLU D 97 -2.45 -43.51 -10.59
C GLU D 97 -3.13 -42.16 -10.69
N GLY D 98 -2.94 -41.47 -11.81
CA GLY D 98 -3.61 -40.19 -11.99
C GLY D 98 -5.12 -40.30 -12.06
N ALA D 99 -5.63 -41.48 -12.40
CA ALA D 99 -7.04 -41.67 -12.75
C ALA D 99 -7.94 -41.40 -11.56
N PRO D 100 -9.10 -40.80 -11.80
CA PRO D 100 -10.06 -40.62 -10.72
C PRO D 100 -10.76 -41.95 -10.37
N LEU D 101 -11.15 -42.11 -9.11
CA LEU D 101 -12.01 -43.23 -8.67
C LEU D 101 -13.49 -42.91 -8.92
N GLN D 102 -14.32 -43.93 -9.01
CA GLN D 102 -15.77 -43.76 -9.15
C GLN D 102 -16.51 -44.53 -8.05
N PRO D 103 -17.57 -43.95 -7.47
CA PRO D 103 -18.36 -44.76 -6.52
C PRO D 103 -19.06 -45.96 -7.18
N THR D 104 -19.14 -47.05 -6.44
CA THR D 104 -19.84 -48.25 -6.93
C THR D 104 -21.19 -48.46 -6.23
N GLY D 105 -21.43 -47.71 -5.15
CA GLY D 105 -22.72 -47.73 -4.50
C GLY D 105 -23.37 -46.37 -4.45
N ASN D 106 -24.04 -46.08 -3.33
CA ASN D 106 -24.57 -44.75 -3.12
C ASN D 106 -23.50 -43.98 -2.37
N PRO D 107 -22.83 -43.04 -3.05
CA PRO D 107 -21.74 -42.27 -2.45
C PRO D 107 -22.19 -41.46 -1.25
N LEU D 108 -23.48 -41.13 -1.20
CA LEU D 108 -24.01 -40.34 -0.08
C LEU D 108 -23.96 -41.18 1.18
N VAL D 109 -24.38 -42.41 1.01
CA VAL D 109 -24.44 -43.34 2.12
C VAL D 109 -23.07 -43.99 2.32
N ASP D 110 -22.41 -44.30 1.21
CA ASP D 110 -21.09 -44.93 1.27
C ASP D 110 -20.06 -43.96 1.87
N ALA D 111 -20.30 -42.66 1.70
CA ALA D 111 -19.40 -41.60 2.18
C ALA D 111 -18.05 -41.66 1.48
N VAL D 112 -18.07 -41.52 0.16
CA VAL D 112 -16.84 -41.35 -0.60
C VAL D 112 -16.91 -40.03 -1.37
N GLY D 113 -15.80 -39.58 -1.95
CA GLY D 113 -15.78 -38.33 -2.69
C GLY D 113 -16.09 -37.16 -1.78
N PRO D 114 -16.89 -36.17 -2.23
CA PRO D 114 -17.26 -35.06 -1.34
C PRO D 114 -18.08 -35.43 -0.08
N ALA D 115 -18.47 -36.71 0.03
CA ALA D 115 -19.33 -37.23 1.13
C ALA D 115 -18.51 -37.83 2.30
N SER D 116 -17.19 -37.88 2.12
CA SER D 116 -16.28 -38.52 3.06
C SER D 116 -16.19 -37.78 4.35
N TYR D 117 -15.92 -38.49 5.43
CA TYR D 117 -15.60 -37.82 6.67
C TYR D 117 -14.26 -38.30 7.17
N ALA D 118 -13.72 -37.56 8.12
CA ALA D 118 -12.46 -37.92 8.73
C ALA D 118 -12.82 -38.93 9.76
N GLU D 119 -11.85 -39.76 10.12
CA GLU D 119 -12.00 -40.62 11.29
C GLU D 119 -11.76 -39.79 12.54
N ARG D 120 -12.55 -38.73 12.74
CA ARG D 120 -12.45 -37.98 13.98
C ARG D 120 -12.77 -38.85 15.20
N ALA D 121 -12.42 -38.36 16.38
CA ALA D 121 -12.71 -39.05 17.63
C ALA D 121 -14.22 -39.27 17.82
N GLU D 122 -14.62 -40.48 18.22
CA GLU D 122 -16.00 -40.66 18.64
C GLU D 122 -16.20 -40.13 20.05
N VAL D 123 -15.83 -38.88 20.27
CA VAL D 123 -16.16 -38.22 21.52
C VAL D 123 -16.88 -36.89 21.33
N VAL D 124 -17.53 -36.44 22.39
CA VAL D 124 -18.37 -35.28 22.33
C VAL D 124 -17.53 -34.06 22.62
N ASP D 125 -17.56 -33.11 21.69
CA ASP D 125 -16.81 -31.88 21.85
C ASP D 125 -17.32 -31.22 23.11
N ALA D 126 -16.38 -30.79 23.96
CA ALA D 126 -16.75 -30.23 25.23
C ALA D 126 -16.54 -28.75 25.27
N THR D 127 -17.29 -28.10 26.14
CA THR D 127 -17.00 -26.74 26.49
C THR D 127 -15.83 -26.76 27.45
N VAL D 128 -15.44 -25.59 27.92
CA VAL D 128 -14.24 -25.46 28.74
C VAL D 128 -14.44 -26.00 30.15
N ASP D 129 -15.70 -26.16 30.55
CA ASP D 129 -15.99 -26.58 31.91
C ASP D 129 -16.53 -28.00 31.90
N GLY D 130 -16.43 -28.65 30.73
CA GLY D 130 -16.62 -30.08 30.66
C GLY D 130 -17.94 -30.47 30.04
N LYS D 131 -18.82 -29.50 29.85
CA LYS D 131 -20.13 -29.80 29.31
C LYS D 131 -20.08 -30.13 27.82
N ALA D 132 -21.05 -30.90 27.34
CA ALA D 132 -21.23 -31.13 25.92
C ALA D 132 -21.41 -29.78 25.23
N LYS D 133 -20.69 -29.55 24.15
CA LYS D 133 -20.60 -28.21 23.57
C LYS D 133 -21.74 -27.92 22.60
N ILE D 134 -22.03 -28.85 21.70
CA ILE D 134 -23.05 -28.62 20.70
C ILE D 134 -24.30 -29.44 21.04
N VAL D 135 -25.33 -28.74 21.51
CA VAL D 135 -26.55 -29.34 22.05
C VAL D 135 -27.79 -28.60 21.63
N PRO D 136 -28.90 -29.33 21.47
CA PRO D 136 -30.14 -28.72 20.98
C PRO D 136 -30.63 -27.72 22.02
N LEU D 137 -31.45 -26.75 21.60
CA LEU D 137 -31.95 -25.71 22.49
C LEU D 137 -32.95 -26.23 23.50
N ARG D 138 -33.58 -27.37 23.22
CA ARG D 138 -34.31 -28.12 24.25
C ARG D 138 -33.43 -28.31 25.50
N VAL D 139 -32.19 -28.75 25.30
CA VAL D 139 -31.23 -28.88 26.39
C VAL D 139 -30.64 -27.52 26.76
N ALA D 140 -30.21 -26.77 25.74
CA ALA D 140 -29.62 -25.45 25.89
C ALA D 140 -30.70 -24.42 26.21
N THR D 141 -30.99 -24.29 27.49
CA THR D 141 -32.18 -23.58 27.96
C THR D 141 -31.95 -22.07 28.19
N ASP D 142 -30.80 -21.74 28.77
CA ASP D 142 -30.38 -20.34 28.91
C ASP D 142 -30.01 -19.68 27.57
N PHE D 143 -30.21 -20.41 26.47
CA PHE D 143 -29.95 -19.92 25.13
C PHE D 143 -31.24 -19.64 24.35
N SER D 144 -31.16 -18.76 23.36
CA SER D 144 -32.34 -18.14 22.76
C SER D 144 -31.98 -17.59 21.41
N ILE D 145 -32.96 -17.43 20.54
CA ILE D 145 -32.73 -16.74 19.29
C ILE D 145 -32.77 -15.26 19.57
N ALA D 146 -31.82 -14.53 19.00
CA ALA D 146 -31.78 -13.08 19.17
C ALA D 146 -33.03 -12.44 18.61
N GLU D 147 -33.52 -11.44 19.34
CA GLU D 147 -34.69 -10.70 18.89
C GLU D 147 -34.35 -10.10 17.55
N GLY D 148 -35.08 -10.55 16.54
CA GLY D 148 -34.93 -10.01 15.22
C GLY D 148 -34.80 -11.14 14.24
N ASP D 149 -34.36 -12.31 14.69
CA ASP D 149 -34.09 -13.38 13.74
C ASP D 149 -35.19 -14.42 13.68
N VAL D 150 -35.39 -14.91 12.47
CA VAL D 150 -36.26 -16.05 12.21
C VAL D 150 -35.94 -17.16 13.22
N ASP D 151 -36.97 -17.61 13.93
CA ASP D 151 -36.94 -18.82 14.75
C ASP D 151 -37.46 -19.96 13.84
N PRO D 152 -36.58 -20.90 13.46
CA PRO D 152 -36.99 -21.80 12.37
C PRO D 152 -37.92 -22.87 12.88
N ARG D 153 -38.03 -22.99 14.21
CA ARG D 153 -38.89 -23.98 14.87
C ARG D 153 -40.36 -23.87 14.43
N GLY D 154 -40.83 -24.88 13.72
CA GLY D 154 -42.12 -24.78 13.08
C GLY D 154 -42.03 -24.75 11.57
N LEU D 155 -41.01 -24.06 11.04
CA LEU D 155 -40.87 -23.88 9.60
C LEU D 155 -40.67 -25.20 8.87
N PRO D 156 -41.16 -25.29 7.63
CA PRO D 156 -40.86 -26.44 6.77
C PRO D 156 -39.47 -26.39 6.10
N VAL D 157 -38.84 -27.55 5.97
CA VAL D 157 -37.61 -27.67 5.23
C VAL D 157 -37.94 -28.12 3.83
N VAL D 158 -37.35 -27.45 2.84
CA VAL D 158 -37.65 -27.70 1.44
C VAL D 158 -36.40 -28.11 0.67
N ALA D 159 -36.50 -29.22 -0.05
CA ALA D 159 -35.36 -29.88 -0.63
C ALA D 159 -35.03 -29.32 -2.01
N ALA D 160 -34.01 -29.87 -2.64
CA ALA D 160 -33.58 -29.41 -3.96
C ALA D 160 -34.64 -29.65 -5.02
N ASP D 161 -35.46 -30.68 -4.82
CA ASP D 161 -36.50 -31.04 -5.78
C ASP D 161 -37.74 -30.22 -5.58
N GLY D 162 -37.70 -29.31 -4.63
CA GLY D 162 -38.80 -28.39 -4.42
C GLY D 162 -39.79 -28.90 -3.41
N VAL D 163 -39.53 -30.09 -2.87
CA VAL D 163 -40.50 -30.81 -2.06
C VAL D 163 -40.20 -30.66 -0.58
N GLU D 164 -41.24 -30.38 0.21
CA GLU D 164 -41.10 -30.25 1.64
C GLU D 164 -40.65 -31.59 2.18
N ALA D 165 -39.60 -31.61 2.98
CA ALA D 165 -38.99 -32.87 3.39
C ALA D 165 -39.06 -33.08 4.90
N GLY D 166 -39.43 -32.04 5.64
CA GLY D 166 -39.53 -32.18 7.09
C GLY D 166 -39.92 -30.87 7.74
N THR D 167 -39.78 -30.80 9.06
CA THR D 167 -40.22 -29.64 9.82
C THR D 167 -39.21 -29.40 10.93
N VAL D 168 -38.79 -28.14 11.12
CA VAL D 168 -37.71 -27.86 12.04
C VAL D 168 -38.17 -28.00 13.47
N THR D 169 -37.56 -28.89 14.22
CA THR D 169 -37.96 -29.10 15.59
C THR D 169 -37.09 -28.32 16.57
N ASP D 170 -35.84 -28.06 16.20
CA ASP D 170 -34.92 -27.38 17.12
C ASP D 170 -33.71 -26.78 16.41
N LEU D 171 -32.92 -26.00 17.15
CA LEU D 171 -31.63 -25.49 16.70
C LEU D 171 -30.60 -26.01 17.69
N TRP D 172 -29.47 -26.52 17.21
CA TRP D 172 -28.37 -26.85 18.12
C TRP D 172 -27.38 -25.68 18.21
N VAL D 173 -27.02 -25.29 19.42
CA VAL D 173 -26.16 -24.14 19.64
C VAL D 173 -24.77 -24.60 20.09
N ASP D 174 -23.75 -23.82 19.71
CA ASP D 174 -22.39 -23.93 20.24
C ASP D 174 -22.35 -23.03 21.48
N ARG D 175 -22.16 -23.65 22.64
CA ARG D 175 -22.14 -22.94 23.91
C ARG D 175 -20.78 -22.40 24.30
N SER D 176 -19.74 -22.77 23.54
CA SER D 176 -18.42 -22.19 23.74
C SER D 176 -18.30 -20.86 23.00
N GLU D 177 -19.03 -20.77 21.87
CA GLU D 177 -18.94 -19.63 20.96
C GLU D 177 -20.27 -18.92 20.69
N HIS D 178 -21.37 -19.45 21.24
CA HIS D 178 -22.67 -18.78 21.17
C HIS D 178 -23.11 -18.67 19.71
N TYR D 179 -23.29 -19.81 19.06
CA TYR D 179 -23.41 -19.79 17.62
C TYR D 179 -24.17 -21.05 17.22
N PHE D 180 -25.30 -20.88 16.57
CA PHE D 180 -26.03 -22.01 16.06
C PHE D 180 -25.22 -22.72 14.98
N ARG D 181 -25.26 -24.05 14.95
CA ARG D 181 -24.52 -24.80 13.95
C ARG D 181 -25.36 -25.81 13.15
N TYR D 182 -26.44 -26.28 13.76
CA TYR D 182 -27.38 -27.16 13.05
C TYR D 182 -28.83 -26.82 13.33
N LEU D 183 -29.67 -27.19 12.36
CA LEU D 183 -31.10 -27.28 12.61
C LEU D 183 -31.44 -28.74 12.74
N GLU D 184 -32.45 -29.04 13.55
CA GLU D 184 -33.02 -30.38 13.59
C GLU D 184 -34.38 -30.40 12.94
N LEU D 185 -34.64 -31.43 12.15
CA LEU D 185 -35.95 -31.57 11.51
C LEU D 185 -36.53 -32.97 11.74
N SER D 186 -37.85 -33.03 11.91
CA SER D 186 -38.57 -34.29 11.76
C SER D 186 -38.74 -34.56 10.28
N VAL D 187 -38.19 -35.69 9.84
CA VAL D 187 -38.26 -36.06 8.46
C VAL D 187 -39.67 -36.51 8.13
N ALA D 188 -40.16 -36.06 6.99
CA ALA D 188 -41.50 -36.39 6.54
C ALA D 188 -41.51 -37.83 6.07
N GLY D 189 -42.48 -38.58 6.56
CA GLY D 189 -42.64 -39.96 6.16
C GLY D 189 -41.64 -40.87 6.85
N SER D 190 -41.02 -40.35 7.90
CA SER D 190 -40.12 -41.14 8.75
C SER D 190 -40.35 -40.73 10.19
N ALA D 191 -39.92 -41.59 11.10
CA ALA D 191 -39.84 -41.19 12.48
C ALA D 191 -38.36 -41.18 12.84
N ARG D 192 -37.63 -40.34 12.12
CA ARG D 192 -36.25 -40.03 12.46
C ARG D 192 -36.12 -38.51 12.44
N THR D 193 -35.10 -37.99 13.11
CA THR D 193 -34.68 -36.61 12.89
C THR D 193 -33.43 -36.56 12.05
N ALA D 194 -33.19 -35.40 11.45
CA ALA D 194 -31.96 -35.13 10.78
C ALA D 194 -31.47 -33.81 11.33
N LEU D 195 -30.15 -33.69 11.48
CA LEU D 195 -29.53 -32.40 11.67
C LEU D 195 -29.05 -31.97 10.30
N ILE D 196 -29.08 -30.68 10.07
CA ILE D 196 -28.53 -30.13 8.86
C ILE D 196 -27.73 -28.93 9.32
N PRO D 197 -26.45 -28.91 8.93
CA PRO D 197 -25.55 -27.83 9.37
C PRO D 197 -26.08 -26.51 8.79
N LEU D 198 -25.96 -25.43 9.55
CA LEU D 198 -26.63 -24.20 9.17
C LEU D 198 -26.17 -23.64 7.83
N GLY D 199 -24.93 -23.98 7.44
CA GLY D 199 -24.41 -23.55 6.18
C GLY D 199 -25.08 -24.15 4.96
N PHE D 200 -25.90 -25.19 5.14
CA PHE D 200 -26.57 -25.78 3.98
C PHE D 200 -28.02 -25.30 3.87
N CYS D 201 -28.33 -24.32 4.71
CA CYS D 201 -29.68 -23.85 4.87
C CYS D 201 -29.73 -22.42 4.42
N ASP D 202 -30.68 -22.14 3.54
CA ASP D 202 -31.12 -20.78 3.32
C ASP D 202 -32.35 -20.48 4.19
N VAL D 203 -32.16 -19.60 5.17
CA VAL D 203 -33.18 -19.31 6.16
C VAL D 203 -34.11 -18.19 5.71
N LYS D 204 -35.29 -18.58 5.24
CA LYS D 204 -36.37 -17.64 4.91
C LYS D 204 -37.30 -17.46 6.11
N LYS D 205 -38.22 -16.51 5.96
CA LYS D 205 -39.21 -16.22 7.01
C LYS D 205 -40.24 -17.34 7.12
N ASP D 206 -40.43 -18.05 6.02
CA ASP D 206 -41.60 -18.89 5.81
C ASP D 206 -41.20 -20.35 5.55
N LYS D 207 -39.92 -20.57 5.22
CA LYS D 207 -39.39 -21.90 4.98
C LYS D 207 -37.89 -21.86 5.18
N ILE D 208 -37.32 -23.04 5.36
CA ILE D 208 -35.88 -23.23 5.34
C ILE D 208 -35.58 -24.01 4.06
N VAL D 209 -34.71 -23.46 3.20
CA VAL D 209 -34.43 -24.10 1.92
C VAL D 209 -33.07 -24.82 1.93
N VAL D 210 -33.06 -26.04 1.42
CA VAL D 210 -31.86 -26.84 1.42
C VAL D 210 -31.65 -27.43 0.03
N THR D 211 -30.65 -26.89 -0.67
CA THR D 211 -30.39 -27.26 -2.06
C THR D 211 -29.47 -28.47 -2.25
N SER D 212 -28.69 -28.81 -1.23
CA SER D 212 -27.70 -29.88 -1.34
C SER D 212 -28.35 -31.19 -1.75
N ILE D 213 -29.48 -31.53 -1.13
CA ILE D 213 -30.11 -32.83 -1.41
C ILE D 213 -31.59 -32.77 -1.73
N LEU D 214 -32.05 -33.75 -2.50
CA LEU D 214 -33.45 -33.89 -2.81
C LEU D 214 -34.15 -34.37 -1.55
N SER D 215 -35.47 -34.20 -1.50
CA SER D 215 -36.26 -34.58 -0.33
C SER D 215 -36.07 -36.05 0.03
N GLU D 216 -36.03 -36.90 -1.00
CA GLU D 216 -35.80 -38.34 -0.85
C GLU D 216 -34.59 -38.65 0.05
N GLN D 217 -33.55 -37.82 -0.09
CA GLN D 217 -32.25 -38.14 0.43
C GLN D 217 -32.06 -37.80 1.91
N PHE D 218 -33.02 -37.10 2.50
CA PHE D 218 -32.97 -36.81 3.94
C PHE D 218 -33.10 -38.04 4.82
N ALA D 219 -33.70 -39.08 4.26
CA ALA D 219 -33.96 -40.30 5.00
C ALA D 219 -32.65 -40.92 5.51
N ASN D 220 -31.63 -40.87 4.66
CA ASN D 220 -30.36 -41.54 4.92
C ASN D 220 -29.32 -40.57 5.45
N VAL D 221 -29.74 -39.37 5.83
CA VAL D 221 -28.88 -38.51 6.63
C VAL D 221 -28.43 -39.35 7.80
N PRO D 222 -27.16 -39.21 8.19
CA PRO D 222 -26.62 -39.96 9.31
C PRO D 222 -27.39 -39.76 10.61
N ARG D 223 -27.37 -40.80 11.46
CA ARG D 223 -28.12 -40.82 12.72
C ARG D 223 -27.18 -40.68 13.92
N LEU D 224 -27.55 -39.84 14.87
CA LEU D 224 -26.79 -39.72 16.10
C LEU D 224 -27.06 -40.94 16.97
N GLN D 225 -26.19 -41.17 17.94
CA GLN D 225 -26.37 -42.31 18.83
C GLN D 225 -27.09 -41.86 20.09
N SER D 226 -26.60 -40.77 20.69
CA SER D 226 -27.40 -40.03 21.65
C SER D 226 -28.25 -39.06 20.82
N ARG D 227 -29.28 -38.46 21.42
CA ARG D 227 -30.18 -37.58 20.68
C ARG D 227 -30.03 -36.11 21.10
N ASP D 228 -29.39 -35.89 22.25
CA ASP D 228 -29.12 -34.56 22.76
C ASP D 228 -27.64 -34.24 22.74
N GLN D 229 -26.88 -35.22 22.25
CA GLN D 229 -25.47 -35.03 21.99
C GLN D 229 -25.09 -35.51 20.62
N ILE D 230 -23.89 -35.08 20.23
CA ILE D 230 -23.31 -35.37 18.93
C ILE D 230 -21.79 -35.41 19.10
N THR D 231 -21.16 -36.44 18.54
CA THR D 231 -19.72 -36.61 18.65
C THR D 231 -19.00 -35.88 17.52
N LEU D 232 -17.72 -35.65 17.72
CA LEU D 232 -16.92 -35.02 16.69
C LEU D 232 -17.04 -35.79 15.39
N ARG D 233 -17.07 -37.11 15.46
CA ARG D 233 -17.09 -37.80 14.21
C ARG D 233 -18.46 -37.80 13.58
N GLU D 234 -19.50 -37.62 14.40
CA GLU D 234 -20.83 -37.54 13.82
C GLU D 234 -21.05 -36.21 13.10
N GLU D 235 -20.61 -35.12 13.74
CA GLU D 235 -20.58 -33.81 13.10
C GLU D 235 -19.98 -33.94 11.70
N ASP D 236 -18.91 -34.73 11.60
CA ASP D 236 -18.26 -34.96 10.34
C ASP D 236 -19.14 -35.77 9.37
N LYS D 237 -19.81 -36.78 9.91
CA LYS D 237 -20.69 -37.62 9.11
C LYS D 237 -21.85 -36.81 8.52
N VAL D 238 -22.57 -36.12 9.42
CA VAL D 238 -23.68 -35.25 9.05
C VAL D 238 -23.28 -34.21 7.99
N SER D 239 -22.19 -33.48 8.23
CA SER D 239 -21.74 -32.41 7.34
C SER D 239 -21.36 -32.93 5.97
N ALA D 240 -20.52 -33.96 5.96
CA ALA D 240 -20.06 -34.55 4.71
C ALA D 240 -21.25 -35.04 3.88
N TYR D 241 -22.33 -35.47 4.55
CA TYR D 241 -23.49 -36.05 3.85
C TYR D 241 -24.13 -35.05 2.90
N TYR D 242 -24.30 -33.82 3.33
CA TYR D 242 -24.89 -32.81 2.48
C TYR D 242 -23.93 -32.33 1.41
N ALA D 243 -22.68 -32.09 1.83
CA ALA D 243 -21.60 -31.75 0.93
C ALA D 243 -21.57 -32.71 -0.26
N GLY D 244 -21.86 -33.98 0.01
CA GLY D 244 -21.86 -34.99 -1.05
C GLY D 244 -22.98 -34.81 -2.06
N GLY D 245 -24.10 -34.26 -1.60
CA GLY D 245 -25.22 -34.00 -2.48
C GLY D 245 -24.81 -33.03 -3.55
N LEU D 246 -23.86 -32.14 -3.23
CA LEU D 246 -23.46 -31.06 -4.13
C LEU D 246 -22.85 -31.64 -5.41
N LEU D 247 -22.32 -32.84 -5.32
CA LEU D 247 -21.79 -33.50 -6.51
C LEU D 247 -22.70 -34.61 -6.99
N TYR D 248 -23.54 -35.13 -6.10
CA TYR D 248 -24.16 -36.44 -6.29
C TYR D 248 -25.68 -36.51 -6.13
N ALA D 249 -26.31 -35.43 -5.67
CA ALA D 249 -27.75 -35.45 -5.44
C ALA D 249 -28.46 -35.88 -6.71
N THR D 250 -28.00 -35.37 -7.85
CA THR D 250 -28.53 -35.86 -9.12
C THR D 250 -27.41 -36.14 -10.11
N PRO D 251 -27.70 -36.91 -11.15
CA PRO D 251 -26.69 -37.56 -11.99
C PRO D 251 -25.83 -36.58 -12.78
N GLU D 252 -26.41 -35.42 -13.06
CA GLU D 252 -25.72 -34.47 -13.91
C GLU D 252 -24.76 -33.58 -13.15
N ARG D 253 -24.89 -33.52 -11.83
CA ARG D 253 -24.01 -32.70 -11.00
C ARG D 253 -22.52 -33.09 -11.05
N ALA D 254 -22.21 -34.36 -11.25
CA ALA D 254 -20.81 -34.78 -11.37
C ALA D 254 -20.24 -34.37 -12.73
N GLU D 255 -21.12 -34.23 -13.72
CA GLU D 255 -20.70 -33.96 -15.09
C GLU D 255 -20.31 -32.51 -15.26
N SER D 256 -19.59 -32.26 -16.35
CA SER D 256 -19.29 -30.91 -16.79
C SER D 256 -20.42 -29.92 -16.49
N LEU D 257 -20.05 -28.86 -15.80
CA LEU D 257 -20.95 -27.78 -15.42
C LEU D 257 -21.58 -27.13 -16.66
N LEU D 258 -20.73 -26.78 -17.60
CA LEU D 258 -21.15 -26.14 -18.84
C LEU D 258 -20.48 -26.85 -20.03
CHA HEM E . 13.03 58.18 -20.90
CHB HEM E . 8.93 59.20 -23.31
CHC HEM E . 6.55 55.98 -20.65
CHD HEM E . 10.58 55.12 -18.10
C1A HEM E . 12.09 58.80 -21.74
C2A HEM E . 12.37 59.90 -22.64
C3A HEM E . 11.29 60.04 -23.44
C4A HEM E . 10.24 59.22 -22.88
CMA HEM E . 11.19 60.96 -24.67
CAA HEM E . 13.60 60.79 -22.71
CBA HEM E . 13.51 61.97 -21.75
CGA HEM E . 14.86 62.56 -21.47
O1A HEM E . 15.59 61.99 -20.62
O2A HEM E . 15.23 63.53 -22.15
C1B HEM E . 7.92 58.40 -22.78
C2B HEM E . 6.56 58.38 -23.25
C3B HEM E . 5.94 57.39 -22.60
C4B HEM E . 6.85 56.91 -21.60
CMB HEM E . 5.94 59.25 -24.33
CAB HEM E . 4.62 56.73 -22.74
CBB HEM E . 4.42 56.31 -24.18
C1C HEM E . 7.44 55.48 -19.72
C2C HEM E . 7.08 54.57 -18.68
C3C HEM E . 8.16 54.42 -17.90
C4C HEM E . 9.25 55.11 -18.54
CMC HEM E . 5.65 54.02 -18.59
CAC HEM E . 8.35 53.69 -16.59
CBC HEM E . 7.82 52.26 -16.61
C1D HEM E . 11.64 55.82 -18.67
C2D HEM E . 13.04 55.71 -18.31
C3D HEM E . 13.74 56.51 -19.16
C4D HEM E . 12.76 57.17 -19.99
CMD HEM E . 13.71 54.84 -17.24
CAD HEM E . 15.26 56.62 -19.22
CBD HEM E . 15.73 55.68 -20.31
CGD HEM E . 17.24 55.52 -20.37
O1D HEM E . 17.75 55.19 -21.46
O2D HEM E . 17.90 55.70 -19.33
NA HEM E . 10.76 58.45 -21.84
NB HEM E . 8.08 57.49 -21.76
NC HEM E . 8.77 55.80 -19.63
ND HEM E . 11.50 56.66 -19.76
FE HEM E . 9.75 57.09 -20.76
CHA HEM F . 9.18 46.49 -10.39
CHB HEM F . 9.68 48.24 -14.86
CHC HEM F . 11.23 43.95 -16.52
CHD HEM F . 10.19 42.08 -12.18
C1A HEM F . 9.18 47.36 -11.45
C2A HEM F . 8.76 48.72 -11.41
C3A HEM F . 8.75 49.17 -12.69
C4A HEM F . 9.39 48.15 -13.49
CMA HEM F . 8.07 50.49 -13.13
CAA HEM F . 8.35 49.48 -10.18
CBA HEM F . 6.92 49.11 -9.92
CGA HEM F . 6.33 49.91 -8.79
O1A HEM F . 5.42 50.71 -9.06
O2A HEM F . 6.81 49.78 -7.65
C1B HEM F . 10.12 47.23 -15.71
C2B HEM F . 10.52 47.41 -17.09
C3B HEM F . 11.00 46.23 -17.55
C4B HEM F . 10.90 45.30 -16.44
CMB HEM F . 10.49 48.70 -17.90
CAB HEM F . 11.47 45.76 -18.90
CBB HEM F . 12.61 46.59 -19.46
C1C HEM F . 11.02 43.04 -15.49
C2C HEM F . 11.23 41.62 -15.56
C3C HEM F . 10.85 41.10 -14.39
C4C HEM F . 10.46 42.19 -13.54
CMC HEM F . 11.78 40.88 -16.72
CAC HEM F . 10.74 39.75 -13.78
CBC HEM F . 12.01 38.94 -13.90
C1D HEM F . 9.89 43.12 -11.29
C2D HEM F . 9.79 42.99 -9.85
C3D HEM F . 9.58 44.23 -9.34
C4D HEM F . 9.47 45.12 -10.47
CMD HEM F . 10.00 41.70 -9.06
CAD HEM F . 9.56 44.55 -7.84
CBD HEM F . 8.24 44.76 -7.15
CGD HEM F . 7.68 46.12 -7.42
O1D HEM F . 8.36 47.12 -7.09
O2D HEM F . 6.59 46.18 -8.04
NA HEM F . 9.51 47.01 -12.74
NB HEM F . 10.33 45.92 -15.35
NC HEM F . 10.48 43.37 -14.25
ND HEM F . 9.78 44.45 -11.63
FE HEM F . 9.98 45.23 -13.48
CHA HEM G . 17.72 18.38 -7.86
CHB HEM G . 13.84 15.85 -6.45
CHC HEM G . 11.12 18.10 -9.76
CHD HEM G . 15.14 20.12 -11.56
C1A HEM G . 16.88 17.53 -7.17
C2A HEM G . 17.28 16.69 -6.07
C3A HEM G . 16.22 15.94 -5.73
C4A HEM G . 15.13 16.35 -6.58
CMA HEM G . 16.09 14.86 -4.70
CAA HEM G . 18.64 16.61 -5.43
CBA HEM G . 19.65 15.86 -6.27
CGA HEM G . 20.96 15.65 -5.56
O1A HEM G . 20.95 15.58 -4.31
O2A HEM G . 22.00 15.55 -6.23
C1B HEM G . 12.76 16.21 -7.23
C2B HEM G . 11.40 15.77 -7.00
C3B HEM G . 10.61 16.47 -7.87
C4B HEM G . 11.50 17.32 -8.66
CMB HEM G . 11.07 14.74 -5.94
CAB HEM G . 9.13 16.49 -8.19
CBB HEM G . 8.31 16.91 -6.98
C1C HEM G . 12.02 18.77 -10.61
C2C HEM G . 11.65 19.42 -11.85
C3C HEM G . 12.79 19.84 -12.42
C4C HEM G . 13.86 19.60 -11.48
CMC HEM G . 10.24 19.59 -12.41
CAC HEM G . 13.16 20.48 -13.74
CBC HEM G . 12.24 21.63 -14.18
C1D HEM G . 16.18 19.89 -10.66
C2D HEM G . 17.50 20.46 -10.75
C3D HEM G . 18.24 19.96 -9.72
C4D HEM G . 17.35 19.11 -8.97
CMD HEM G . 17.97 21.48 -11.80
CAD HEM G . 19.69 20.30 -9.35
CBD HEM G . 19.79 21.33 -8.21
CGD HEM G . 21.05 22.19 -8.26
O1D HEM G . 21.00 23.33 -7.76
O2D HEM G . 22.12 21.73 -8.70
NA HEM G . 15.57 17.28 -7.50
NB HEM G . 12.81 17.12 -8.27
NC HEM G . 13.39 18.79 -10.46
ND HEM G . 16.09 19.08 -9.55
FE HEM G . 14.46 18.05 -8.97
CHA HEM H . 12.60 28.04 -20.00
CHB HEM H . 12.82 26.25 -15.51
CHC HEM H . 12.87 30.73 -13.69
CHD HEM H . 12.35 32.52 -18.12
C1A HEM H . 12.67 27.15 -18.92
C2A HEM H . 12.69 25.71 -19.05
C3A HEM H . 12.71 25.21 -17.80
C4A HEM H . 12.73 26.33 -16.90
CMA HEM H . 12.71 23.71 -17.50
CAA HEM H . 12.69 24.97 -20.30
CBA HEM H . 11.46 24.21 -20.63
CGA HEM H . 11.60 23.47 -21.94
O1A HEM H . 12.71 23.41 -22.49
O2A HEM H . 10.59 22.88 -22.40
C1B HEM H . 12.86 27.33 -14.63
C2B HEM H . 12.93 27.21 -13.18
C3B HEM H . 13.03 28.45 -12.68
C4B HEM H . 12.91 29.36 -13.81
CMB HEM H . 12.90 25.91 -12.37
CAB HEM H . 13.25 29.02 -11.25
CBB HEM H . 14.53 28.51 -10.58
C1C HEM H . 12.70 31.64 -14.72
C2C HEM H . 12.46 33.05 -14.56
C3C HEM H . 12.23 33.53 -15.80
C4C HEM H . 12.41 32.43 -16.72
CMC HEM H . 12.44 33.82 -13.22
CAC HEM H . 11.87 34.91 -16.36
CBC HEM H . 12.89 36.03 -16.09
C1D HEM H . 12.42 31.46 -19.01
C2D HEM H . 12.29 31.59 -20.44
C3D HEM H . 12.31 30.34 -20.96
C4D HEM H . 12.53 29.42 -19.87
CMD HEM H . 12.09 32.89 -21.17
CAD HEM H . 11.97 29.97 -22.34
CBD HEM H . 13.02 29.25 -23.12
CGD HEM H . 12.44 28.64 -24.39
O1D HEM H . 13.08 27.74 -24.96
O2D HEM H . 11.33 29.05 -24.80
NA HEM H . 12.67 27.52 -17.59
NB HEM H . 12.79 28.66 -14.98
NC HEM H . 12.58 31.26 -16.04
ND HEM H . 12.53 30.12 -18.68
FE HEM H . 12.60 29.38 -16.86
MG BCB I . 2.37 2.68 -3.04
CHA BCB I . 0.03 1.15 -5.10
CHB BCB I . 1.64 0.45 -0.53
CHC BCB I . 4.66 4.23 -1.08
CHD BCB I . 3.54 4.36 -5.81
NA BCB I . 1.04 1.03 -2.85
C1A BCB I . 0.10 0.60 -3.82
C2A BCB I . -0.73 -0.53 -3.21
C3A BCB I . 0.06 -0.94 -1.98
C4A BCB I . 0.95 0.24 -1.71
CMA BCB I . -0.82 -1.14 -0.77
CAA BCB I . -1.03 -1.76 -4.07
CBA BCB I . 0.16 -2.36 -4.75
CGA BCB I . -0.24 -3.14 -5.99
O1A BCB I . -0.98 -2.67 -6.85
O2A BCB I . 0.12 -4.41 -6.16
NB BCB I . 3.02 2.40 -1.17
C1B BCB I . 2.57 1.45 -0.28
C2B BCB I . 3.23 1.66 0.99
C3B BCB I . 4.07 2.71 0.86
C4B BCB I . 3.92 3.20 -0.50
CMB BCB I . 2.98 0.69 2.19
CAB BCB I . 5.00 3.38 1.73
OBB BCB I . 5.55 4.46 1.52
CBB BCB I . 5.05 2.83 3.14
NC BCB I . 3.88 4.02 -3.41
C1C BCB I . 4.64 4.61 -2.41
C2C BCB I . 5.51 5.66 -3.03
C3C BCB I . 5.27 5.55 -4.50
C4C BCB I . 4.22 4.61 -4.63
CMC BCB I . 5.03 7.00 -2.52
CAC BCB I . 5.93 6.16 -5.49
CBC BCB I . 7.00 7.14 -5.20
ND BCB I . 1.89 2.80 -4.99
C1D BCB I . 2.45 3.53 -6.00
C2D BCB I . 1.71 3.34 -7.23
C3D BCB I . 0.70 2.50 -6.91
C4D BCB I . 0.89 2.10 -5.55
CMD BCB I . 2.02 3.96 -8.55
CAD BCB I . -0.49 1.83 -7.38
OBD BCB I . -1.07 1.86 -8.49
CBD BCB I . -0.97 0.90 -6.25
CGD BCB I . -2.28 1.49 -5.75
O1D BCB I . -3.20 0.68 -5.50
O2D BCB I . -2.37 2.86 -5.45
CED BCB I . -3.58 3.29 -5.02
C1 BCB I . -0.22 -5.01 -7.43
C2 BCB I . 0.07 -6.37 -7.37
C3 BCB I . -0.43 -7.25 -8.31
C4 BCB I . -1.32 -6.81 -9.45
C5 BCB I . -0.08 -8.70 -8.19
C6 BCB I . -0.77 -9.59 -9.19
C7 BCB I . -0.44 -11.05 -8.92
C8 BCB I . -0.95 -11.95 -10.04
C9 BCB I . -2.42 -12.04 -9.90
C10 BCB I . -0.30 -13.31 -10.07
C11 BCB I . 1.18 -13.25 -10.39
C12 BCB I . 1.77 -14.64 -10.33
C13 BCB I . 3.24 -14.71 -10.65
C14 BCB I . 3.43 -14.05 -12.00
C15 BCB I . 3.58 -16.18 -10.79
C16 BCB I . 4.25 -16.80 -9.59
C17 BCB I . 5.42 -17.63 -10.06
C18 BCB I . 5.93 -18.63 -9.04
C19 BCB I . 5.22 -19.94 -9.22
C20 BCB I . 5.70 -18.10 -7.64
MG BCB J . 5.93 -6.29 -7.68
CHA BCB J . 8.33 -6.60 -5.12
CHB BCB J . 6.36 -9.62 -8.37
CHC BCB J . 3.15 -6.17 -9.63
CHD BCB J . 5.21 -3.17 -6.43
NA BCB J . 7.27 -7.83 -6.95
C1A BCB J . 8.14 -7.75 -5.86
C2A BCB J . 8.80 -9.09 -5.65
C3A BCB J . 8.45 -9.87 -6.89
C4A BCB J . 7.28 -9.11 -7.47
CMA BCB J . 9.58 -9.79 -7.91
CAA BCB J . 8.22 -9.81 -4.41
CBA BCB J . 6.71 -9.82 -4.38
CGA BCB J . 6.12 -10.78 -3.41
O1A BCB J . 6.82 -11.40 -2.63
O2A BCB J . 4.73 -10.94 -3.32
NB BCB J . 4.96 -7.63 -8.80
C1B BCB J . 5.30 -8.95 -8.95
C2B BCB J . 4.35 -9.57 -9.84
C3B BCB J . 3.47 -8.61 -10.25
C4B BCB J . 3.83 -7.38 -9.56
CMB BCB J . 4.46 -11.07 -10.13
CAB BCB J . 2.31 -8.61 -11.16
OBB BCB J . 1.51 -7.68 -11.29
CBB BCB J . 2.05 -9.90 -11.89
NC BCB J . 4.47 -4.88 -8.00
C1C BCB J . 3.47 -5.02 -8.94
C2C BCB J . 2.84 -3.67 -9.14
C3C BCB J . 3.40 -2.82 -8.05
C4C BCB J . 4.36 -3.61 -7.42
CMC BCB J . 3.25 -3.11 -10.48
CAC BCB J . 2.93 -1.61 -7.61
CBC BCB J . 1.70 -0.97 -8.23
ND BCB J . 6.60 -5.14 -6.19
C1D BCB J . 6.27 -3.85 -5.85
C2D BCB J . 7.26 -3.29 -4.94
C3D BCB J . 8.05 -4.33 -4.60
C4D BCB J . 7.63 -5.46 -5.35
CMD BCB J . 7.46 -1.86 -4.58
CAD BCB J . 9.21 -4.73 -3.88
OBD BCB J . 10.12 -4.05 -3.40
CBD BCB J . 9.39 -6.24 -4.07
CGD BCB J . 10.76 -6.44 -4.75
O1D BCB J . 11.67 -6.87 -4.01
O2D BCB J . 10.98 -6.22 -6.11
CED BCB J . 12.24 -6.42 -6.58
C1 BCB J . 4.25 -11.83 -2.29
C2 BCB J . 4.17 -13.12 -2.85
C3 BCB J . 4.75 -14.21 -2.27
C4 BCB J . 5.49 -14.11 -0.97
C5 BCB J . 4.67 -15.53 -2.92
C6 BCB J . 5.93 -15.72 -3.75
C7 BCB J . 5.85 -14.97 -5.07
C8 BCB J . 7.17 -14.95 -5.84
C9 BCB J . 8.25 -14.14 -5.10
C10 BCB J . 6.91 -14.34 -7.20
C11 BCB J . 8.17 -14.02 -7.94
C12 BCB J . 7.84 -13.58 -9.33
C13 BCB J . 8.88 -13.97 -10.37
C14 BCB J . 10.09 -13.07 -10.31
C15 BCB J . 8.23 -13.78 -11.73
C16 BCB J . 8.75 -14.72 -12.77
C17 BCB J . 7.61 -15.19 -13.61
C18 BCB J . 7.98 -16.26 -14.64
C19 BCB J . 9.14 -15.76 -15.49
C20 BCB J . 8.32 -17.56 -13.93
C1 BPB K . -0.24 -19.43 -13.03
C2 BPB K . 0.94 -18.75 -13.43
C3 BPB K . 2.27 -19.09 -13.21
C4 BPB K . 2.81 -20.27 -12.38
C5 BPB K . 3.35 -18.35 -13.93
C6 BPB K . 2.81 -17.48 -15.07
C7 BPB K . 3.92 -16.66 -15.65
C8 BPB K . 3.46 -15.69 -16.71
C9 BPB K . 2.78 -16.47 -17.81
NA BPB K . -0.53 -15.39 -6.00
NB BPB K . 0.29 -12.66 -5.40
NC BPB K . -2.41 -12.19 -4.02
ND BPB K . -3.14 -14.78 -4.53
C10 BPB K . 4.64 -14.89 -17.28
C11 BPB K . 5.12 -13.74 -16.39
C12 BPB K . 4.11 -12.62 -16.34
C13 BPB K . 4.66 -11.26 -15.89
C14 BPB K . 3.49 -10.39 -15.48
C15 BPB K . 5.73 -11.24 -14.82
C16 BPB K . 6.10 -9.85 -14.31
C17 BPB K . 7.28 -9.97 -13.33
C18 BPB K . 7.81 -8.66 -12.77
C19 BPB K . 8.82 -8.92 -11.69
C1A BPB K . -1.21 -16.59 -6.29
O1A BPB K . -1.06 -17.74 -11.32
C1B BPB K . 1.45 -13.04 -6.00
C1C BPB K . -1.84 -10.93 -3.96
C1D BPB K . -4.23 -14.54 -3.77
O1D BPB K . -2.17 -20.29 -5.96
C20 BPB K . 6.71 -7.70 -12.30
C2A BPB K . -0.31 -17.47 -7.11
O2A BPB K . -0.13 -19.70 -11.61
C2B BPB K . 2.33 -11.88 -6.16
C2C BPB K . -2.77 -10.03 -3.23
C2D BPB K . -5.07 -15.71 -3.64
O2D BPB K . -1.81 -19.16 -3.98
C3A BPB K . 1.03 -16.79 -7.06
C3B BPB K . 1.71 -10.82 -5.56
C3C BPB K . -3.96 -10.88 -2.87
C3D BPB K . -4.44 -16.67 -4.39
C4A BPB K . 0.76 -15.40 -6.51
C4B BPB K . 0.41 -11.30 -5.10
C4C BPB K . -3.65 -12.15 -3.35
C4D BPB K . -3.27 -16.06 -4.95
CAA BPB K . -0.79 -17.54 -8.55
CAB BPB K . 2.12 -9.41 -5.38
CAC BPB K . -5.17 -10.48 -2.44
CAD BPB K . -4.49 -18.03 -4.86
CBA BPB K . -0.12 -18.65 -9.32
CBB BPB K . 1.55 -8.70 -4.18
OBB BPB K . 3.08 -8.86 -5.96
CBC BPB K . -5.50 -8.97 -2.18
CBD BPB K . -3.31 -18.23 -5.85
OBD BPB K . -5.37 -18.88 -4.78
CED BPB K . -0.64 -19.87 -3.71
CGA BPB K . -0.48 -18.68 -10.78
CGD BPB K . -2.41 -19.31 -5.23
CHA BPB K . -2.52 -16.91 -5.76
CHB BPB K . 1.68 -14.33 -6.51
CHC BPB K . -0.58 -10.55 -4.44
CHD BPB K . -4.47 -13.28 -3.23
CMA BPB K . 1.98 -17.57 -6.15
CMB BPB K . 3.63 -11.79 -6.97
CMC BPB K . -2.04 -9.55 -1.97
CMD BPB K . -6.41 -15.76 -2.84
N1 ATZ L . -9.27 -12.76 17.03
C2 ATZ L . -8.64 -11.64 16.73
CL2 ATZ L . -7.23 -11.87 15.71
N3 ATZ L . -8.89 -10.39 17.08
C4 ATZ L . -10.00 -10.30 17.89
N5 ATZ L . -10.74 -11.33 18.29
C6 ATZ L . -10.35 -12.53 17.84
N7 ATZ L . -10.37 -9.08 18.35
C8 ATZ L . -9.78 -7.77 18.10
C9 ATZ L . -8.26 -7.72 18.38
C10 ATZ L . -10.21 -7.24 16.76
N11 ATZ L . -11.06 -13.62 18.20
C12 ATZ L . -10.78 -15.00 17.82
C13 ATZ L . -11.76 -15.87 18.50
N1 LDA M . 23.43 -9.76 -9.16
O1 LDA M . 24.25 -9.72 -10.05
CM1 LDA M . 22.57 -8.62 -9.25
CM2 LDA M . 22.61 -10.95 -9.30
C1 LDA M . 24.08 -9.73 -7.87
C2 LDA M . 23.51 -9.55 -6.47
C3 LDA M . 24.55 -8.93 -5.53
C4 LDA M . 23.99 -8.57 -4.16
C5 LDA M . 23.18 -7.27 -4.19
C6 LDA M . 21.76 -7.51 -4.70
C7 LDA M . 20.94 -6.25 -4.69
C8 LDA M . 19.48 -6.56 -4.98
C9 LDA M . 18.66 -5.29 -4.86
C10 LDA M . 17.19 -5.60 -4.64
C11 LDA M . 16.42 -4.32 -4.39
C12 LDA M . 14.97 -4.58 -4.14
N1 LDA N . 7.12 -30.11 -5.50
O1 LDA N . 8.09 -29.48 -5.90
CM1 LDA N . 6.28 -30.51 -6.60
CM2 LDA N . 7.53 -31.32 -4.83
C1 LDA N . 6.33 -29.29 -4.58
C2 LDA N . 5.61 -28.04 -5.12
C3 LDA N . 6.52 -26.83 -5.28
C4 LDA N . 6.29 -26.14 -6.62
C5 LDA N . 6.40 -24.62 -6.53
C6 LDA N . 7.63 -24.18 -5.77
C7 LDA N . 7.79 -22.68 -5.81
C8 LDA N . 8.87 -22.23 -4.82
C9 LDA N . 9.47 -20.89 -5.22
C10 LDA N . 8.67 -19.71 -4.68
C11 LDA N . 9.26 -18.37 -5.12
C12 LDA N . 10.50 -17.88 -4.38
FE FE2 O . -7.08 -19.57 11.07
S SO4 P . 5.89 -23.43 19.50
O1 SO4 P . 4.49 -23.21 19.26
O2 SO4 P . 6.62 -22.68 18.53
O3 SO4 P . 6.27 -22.91 20.76
O4 SO4 P . 6.22 -24.83 19.35
S SO4 Q . -23.49 -24.25 -2.67
O1 SO4 Q . -22.11 -24.70 -2.47
O2 SO4 Q . -23.35 -22.98 -3.29
O3 SO4 Q . -24.27 -25.10 -3.55
O4 SO4 Q . -24.24 -24.15 -1.46
S SO4 R . -1.09 -6.60 34.20
O1 SO4 R . -1.75 -6.40 35.42
O2 SO4 R . -0.75 -7.95 33.97
O3 SO4 R . -2.03 -6.30 33.19
O4 SO4 R . 0.07 -5.72 34.27
MG BCB S . 1.80 5.69 9.45
CHA BCB S . -0.94 5.93 7.30
CHB BCB S . -0.34 6.10 12.11
CHC BCB S . 4.36 4.99 11.55
CHD BCB S . 3.74 4.79 6.72
NA BCB S . -0.33 5.97 9.67
C1A BCB S . -1.27 6.01 8.64
C2A BCB S . -2.65 6.15 9.23
C3A BCB S . -2.41 6.57 10.66
C4A BCB S . -0.95 6.23 10.89
CMA BCB S . -2.62 8.06 10.82
CAA BCB S . -3.38 4.81 9.19
CBA BCB S . -2.78 3.81 10.17
CGA BCB S . -3.39 2.45 10.03
O1A BCB S . -4.49 2.36 9.51
O2A BCB S . -2.65 1.26 10.46
NB BCB S . 1.93 5.39 11.43
C1B BCB S . 0.97 5.71 12.36
C2B BCB S . 1.53 5.52 13.68
C3B BCB S . 2.82 5.17 13.53
C4B BCB S . 3.11 5.17 12.11
CMB BCB S . 0.76 5.68 14.96
CAB BCB S . 3.88 4.88 14.47
OBB BCB S . 3.90 5.40 15.58
CBB BCB S . 4.57 3.54 14.31
NC BCB S . 3.72 4.97 9.17
C1C BCB S . 4.65 4.91 10.20
C2C BCB S . 5.99 4.64 9.61
C3C BCB S . 5.71 4.25 8.18
C4C BCB S . 4.36 4.65 7.97
CMC BCB S . 6.74 5.96 9.68
CAC BCB S . 6.54 3.58 7.24
CBC BCB S . 8.00 3.27 7.49
ND BCB S . 1.56 5.53 7.47
C1D BCB S . 2.43 5.21 6.46
C2D BCB S . 1.82 5.40 5.16
C3D BCB S . 0.49 5.66 5.43
C4D BCB S . 0.35 5.71 6.85
CMD BCB S . 2.54 5.37 3.80
CAD BCB S . -0.82 5.93 4.88
OBD BCB S . -1.24 5.93 3.73
CBD BCB S . -1.80 6.12 6.05
CGD BCB S . -2.16 7.60 6.04
O1D BCB S . -3.36 7.83 5.87
O2D BCB S . -1.26 8.62 6.21
CED BCB S . -1.77 9.90 6.05
C1 BCB S . -3.39 0.02 10.60
C2 BCB S . -4.31 0.14 11.74
C3 BCB S . -4.62 -0.66 12.81
C4 BCB S . -3.91 -2.00 12.95
C5 BCB S . -5.69 -0.24 13.83
C6 BCB S . -6.19 -1.28 14.81
C7 BCB S . -7.15 -2.29 14.16
C8 BCB S . -7.31 -3.63 14.93
C9 BCB S . -7.96 -4.78 14.07
C10 BCB S . -8.16 -3.37 16.18
C11 BCB S . -7.39 -2.73 17.34
C12 BCB S . -8.24 -2.76 18.62
C13 BCB S . -9.34 -1.70 18.69
C14 BCB S . -8.80 -0.46 19.44
C15 BCB S . -10.81 -2.02 19.05
C16 BCB S . -11.29 -1.54 20.46
C17 BCB S . -12.81 -1.75 20.72
C18 BCB S . -13.25 -1.48 22.18
C19 BCB S . -14.49 -2.29 22.61
C20 BCB S . -13.46 0.01 22.46
MG BCB T . 8.29 1.63 1.55
CHA BCB T . 9.33 0.86 4.76
CHB BCB T . 5.99 -0.97 1.70
CHC BCB T . 7.38 2.36 -1.63
CHD BCB T . 9.81 4.73 1.93
NA BCB T . 7.71 0.17 3.05
C1A BCB T . 8.38 -0.03 4.24
C2A BCB T . 7.74 -1.17 4.99
C3A BCB T . 6.57 -1.57 4.14
C4A BCB T . 6.73 -0.78 2.87
CMA BCB T . 6.57 -3.06 3.86
CAA BCB T . 7.33 -0.48 6.25
CBA BCB T . 7.00 -1.34 7.36
CGA BCB T . 5.66 -0.98 7.89
O1A BCB T . 4.72 -1.72 7.70
O2A BCB T . 5.34 0.21 8.56
NB BCB T . 6.94 0.86 0.28
C1B BCB T . 6.11 -0.22 0.52
C2B BCB T . 5.40 -0.52 -0.70
C3B BCB T . 5.80 0.39 -1.65
C4B BCB T . 6.76 1.26 -1.03
CMB BCB T . 4.45 -1.72 -0.76
CAB BCB T . 5.47 0.55 -3.07
OBB BCB T . 5.81 1.46 -3.80
CBB BCB T . 4.43 -0.41 -3.59
NC BCB T . 8.55 3.28 0.37
C1C BCB T . 8.23 3.28 -0.98
C2C BCB T . 8.86 4.50 -1.58
C3C BCB T . 9.27 5.34 -0.42
C4C BCB T . 9.19 4.49 0.68
CMC BCB T . 10.09 4.01 -2.35
CAC BCB T . 9.45 6.71 -0.35
CBC BCB T . 9.55 7.62 -1.54
ND BCB T . 9.29 2.63 3.00
C1D BCB T . 9.87 3.87 3.02
C2D BCB T . 10.66 4.06 4.24
C3D BCB T . 10.51 2.88 4.93
C4D BCB T . 9.62 2.05 4.19
CMD BCB T . 11.55 5.29 4.58
CAD BCB T . 10.90 2.13 6.09
OBD BCB T . 11.46 2.48 7.12
CBD BCB T . 10.21 0.77 6.02
CGD BCB T . 11.31 -0.22 5.64
O1D BCB T . 11.00 -1.42 5.62
O2D BCB T . 12.54 0.22 5.21
CED BCB T . 13.51 -0.69 5.53
C1 BCB T . 3.99 0.25 9.12
C2 BCB T . 4.01 -0.46 10.43
C3 BCB T . 4.51 0.23 11.52
C4 BCB T . 4.99 1.66 11.31
C5 BCB T . 4.69 -0.34 12.91
C6 BCB T . 3.82 0.17 14.03
C7 BCB T . 4.04 -0.64 15.30
C8 BCB T . 3.59 0.06 16.59
C9 BCB T . 3.72 -0.88 17.79
C10 BCB T . 2.22 0.72 16.60
C11 BCB T . 2.09 1.75 17.70
C12 BCB T . 0.80 2.53 17.59
C13 BCB T . 0.34 3.13 18.92
C14 BCB T . -1.12 3.51 18.83
C15 BCB T . 1.18 4.34 19.30
C16 BCB T . 0.44 5.42 20.10
C17 BCB T . 0.77 6.78 19.55
C18 BCB T . 0.66 7.93 20.55
C19 BCB T . 1.49 9.10 20.03
C20 BCB T . 1.07 7.53 21.96
C1 BPB U . -0.22 2.24 23.62
C2 BPB U . -1.16 3.15 24.39
C3 BPB U . -1.69 4.43 24.19
C4 BPB U . -1.37 5.33 22.98
C5 BPB U . -2.70 5.08 25.18
C6 BPB U . -3.32 6.43 24.85
C7 BPB U . -4.65 6.27 24.15
C8 BPB U . -5.72 7.29 24.59
C9 BPB U . -7.06 6.99 23.90
NA BPB U . -0.98 -2.33 17.16
NB BPB U . -0.22 -1.50 14.41
NC BPB U . 1.32 -3.96 13.90
ND BPB U . 0.41 -4.79 16.41
C10 BPB U . -5.38 8.80 24.56
C11 BPB U . -6.42 9.73 25.22
C12 BPB U . -5.97 11.21 25.18
C13 BPB U . -6.79 12.15 26.06
C14 BPB U . -6.41 13.60 25.84
C15 BPB U . -6.85 11.80 27.55
C16 BPB U . -8.22 11.37 28.04
C17 BPB U . -8.19 10.97 29.51
C18 BPB U . -9.54 10.51 30.06
C19 BPB U . -10.52 11.67 30.15
C1A BPB U . -1.15 -2.93 18.41
O1A BPB U . 0.73 0.00 21.98
C1B BPB U . -0.92 -0.36 14.84
C1C BPB U . 1.66 -3.24 12.78
C1D BPB U . 0.96 -6.01 16.01
O1D BPB U . -2.65 -4.85 21.42
C20 BPB U . -9.37 9.84 31.42
C2A BPB U . -1.87 -1.98 19.34
O2A BPB U . -0.93 1.00 23.32
C2B BPB U . -0.79 0.67 13.84
C2C BPB U . 2.57 -4.07 11.93
C2D BPB U . 0.71 -7.02 17.03
O2D BPB U . -3.33 -5.56 19.30
C3A BPB U . -2.38 -0.91 18.43
C3B BPB U . 0.04 0.23 12.90
C3C BPB U . 2.53 -5.45 12.57
C3D BPB U . 0.13 -6.38 18.09
C4A BPB U . -1.58 -1.08 17.15
C4B BPB U . 0.36 -1.15 13.22
C4C BPB U . 1.80 -5.26 13.77
C4D BPB U . -0.07 -5.01 17.70
CAA BPB U . -0.87 -1.39 20.34
CAB BPB U . 0.65 0.86 11.76
CAC BPB U . 2.89 -6.70 12.03
CAD BPB U . -0.40 -6.51 19.45
CBA BPB U . -1.49 -0.42 21.29
CBB BPB U . 0.29 0.15 10.49
OBB BPB U . 1.08 2.00 11.67
CBC BPB U . 3.57 -6.98 10.69
CBD BPB U . -0.83 -5.11 19.94
OBD BPB U . -0.51 -7.49 20.19
CED BPB U . -4.59 -6.03 19.67
CGA BPB U . -0.46 0.22 22.18
CGD BPB U . -2.33 -5.19 20.26
CHA BPB U . -0.72 -4.23 18.67
CHB BPB U . -1.54 -0.18 16.08
CHC BPB U . 1.23 -1.96 12.47
CHD BPB U . 1.61 -6.22 14.78
CMA BPB U . -3.84 -1.15 18.10
CMB BPB U . -1.32 2.07 13.80
CMC BPB U . 2.06 -4.10 10.49
CMD BPB U . 1.01 -8.47 16.87
C1 MQ7 V . -4.83 -22.73 4.26
O1 MQ7 V . -5.45 -21.89 4.92
C2 MQ7 V . -3.95 -22.32 3.17
C2M MQ7 V . -3.98 -20.86 2.75
C3 MQ7 V . -3.09 -23.22 2.61
C4 MQ7 V . -3.10 -24.58 3.06
O4 MQ7 V . -2.30 -25.37 2.56
C5 MQ7 V . -3.96 -24.99 4.14
C6 MQ7 V . -3.92 -26.28 4.60
C7 MQ7 V . -4.70 -26.67 5.65
C8 MQ7 V . -5.53 -25.75 6.24
C9 MQ7 V . -5.56 -24.46 5.77
C10 MQ7 V . -4.79 -24.09 4.71
C11 MQ7 V . -2.08 -22.78 1.59
C12 MQ7 V . -0.82 -22.47 2.21
C13 MQ7 V . 0.45 -23.02 2.26
C14 MQ7 V . 0.84 -24.31 1.62
C15 MQ7 V . 1.57 -22.31 3.00
C16 MQ7 V . 2.60 -21.99 1.92
C17 MQ7 V . 2.13 -20.96 1.01
C18 MQ7 V . 2.61 -19.70 0.70
C19 MQ7 V . 3.87 -19.01 1.24
C20 MQ7 V . 1.91 -18.79 -0.27
C21 MQ7 V . 2.75 -18.78 -1.50
C22 MQ7 V . 2.58 -19.96 -2.26
C23 MQ7 V . 3.42 -20.29 -3.29
C24 MQ7 V . 4.61 -19.44 -3.62
C25 MQ7 V . 3.29 -21.51 -4.14
C26 MQ7 V . 3.39 -21.05 -5.56
C27 MQ7 V . 3.23 -22.19 -6.35
C28 MQ7 V . 2.55 -22.40 -7.54
C29 MQ7 V . 1.74 -21.31 -8.28
C30 MQ7 V . 2.56 -23.78 -8.18
C31 MQ7 V . 3.30 -23.84 -9.51
C32 MQ7 V . 3.03 -25.13 -10.19
C33 MQ7 V . 2.68 -25.41 -11.51
C34 MQ7 V . 2.50 -24.36 -12.63
C35 MQ7 V . 2.36 -26.81 -12.07
C36 MQ7 V . 0.84 -27.03 -12.19
C37 MQ7 V . 0.62 -28.37 -12.74
C38 MQ7 V . -0.40 -28.80 -13.60
C39 MQ7 V . -1.49 -27.82 -14.07
C40 MQ7 V . -0.55 -30.22 -14.12
C41 MQ7 V . 0.36 -30.65 -15.27
C42 MQ7 V . 1.66 -30.75 -14.63
C43 MQ7 V . 3.00 -30.55 -14.95
C44 MQ7 V . 3.58 -30.07 -16.30
C45 MQ7 V . 4.10 -30.79 -13.89
C1 NS5 W . -9.13 10.30 20.73
CM1 NS5 W . -8.89 9.06 21.58
CM2 NS5 W . -10.60 10.68 20.76
C2 NS5 W . -8.25 11.46 21.20
C3 NS5 W . -6.77 11.30 20.88
C4 NS5 W . -6.51 11.37 19.38
C5 NS5 W . -5.09 11.12 19.03
C6 NS5 W . -4.66 9.69 19.07
C7 NS5 W . -4.30 12.10 18.55
C8 NS5 W . -2.91 11.90 18.10
C9 NS5 W . -2.38 13.11 17.35
C10 NS5 W . -1.48 12.69 16.20
C11 NS5 W . -2.18 12.44 14.92
C12 NS5 W . -0.19 12.33 16.43
C13 NS5 W . 0.79 11.85 15.48
C14 NS5 W . 0.68 10.70 14.78
C15 NS5 W . 1.68 10.13 13.90
C16 NS5 W . 1.10 9.63 12.64
C17 NS5 W . 2.90 9.76 14.34
C18 NS5 W . 3.79 8.93 13.60
C19 NS5 W . 4.99 8.43 13.91
C20 NS5 W . 5.87 8.78 14.97
C21 NS5 W . 6.98 8.03 15.25
C22 NS5 W . 7.15 6.67 14.72
C23 NS5 W . 8.15 8.60 15.95
C24 NS5 W . 8.95 7.92 16.79
C25 NS5 W . 9.91 8.51 17.71
C26 NS5 W . 10.43 7.98 18.83
C27 NS5 W . 10.13 6.59 19.26
C28 NS5 W . 11.45 8.68 19.59
C29 NS5 W . 11.99 8.16 20.72
C30 NS5 W . 13.00 8.75 21.61
C31 NS5 W . 13.61 8.18 22.68
C32 NS5 W . 13.16 6.86 23.29
C33 NS5 W . 14.97 8.68 23.16
C34 NS5 W . 14.83 9.81 24.19
C35 NS5 W . 16.16 10.39 24.52
C36 NS5 W . 16.34 11.43 25.35
CM3 NS5 W . 15.25 12.02 26.15
CM4 NS5 W . 17.68 12.03 25.57
N1 LDA X . 2.27 -8.63 36.06
O1 LDA X . 2.95 -9.62 36.48
CM1 LDA X . 2.23 -8.63 34.60
CM2 LDA X . 0.90 -8.72 36.56
C1 LDA X . 2.86 -7.36 36.50
C2 LDA X . 2.34 -5.96 36.20
C3 LDA X . 3.48 -5.03 35.88
C4 LDA X . 2.95 -3.69 35.48
C5 LDA X . 4.08 -2.79 35.03
C6 LDA X . 3.60 -1.38 34.77
C7 LDA X . 4.44 -0.67 33.70
C8 LDA X . 5.87 -0.37 34.16
C9 LDA X . 6.85 -0.42 32.98
C10 LDA X . 6.64 0.72 31.97
C11 LDA X . 7.16 0.38 30.56
C12 LDA X . 8.66 0.13 30.42
N1 LDA Y . 6.35 25.44 20.31
O1 LDA Y . 5.78 25.25 19.23
CM1 LDA Y . 7.46 24.54 20.48
CM2 LDA Y . 6.86 26.80 20.37
C1 LDA Y . 5.40 25.25 21.42
C2 LDA Y . 5.66 25.59 22.88
C3 LDA Y . 5.23 24.46 23.80
C4 LDA Y . 3.73 24.29 23.83
C5 LDA Y . 3.33 22.87 24.24
C6 LDA Y . 3.68 22.54 25.69
C7 LDA Y . 3.52 21.05 26.00
C8 LDA Y . 2.70 20.79 27.26
C9 LDA Y . 1.64 19.72 27.00
C10 LDA Y . 0.93 19.29 28.27
C11 LDA Y . 1.74 18.25 29.02
C12 LDA Y . 0.95 17.58 30.14
S SO4 Z . 5.74 -33.55 -0.16
O1 SO4 Z . 4.44 -32.94 -0.13
O2 SO4 Z . 6.76 -32.71 -0.69
O3 SO4 Z . 6.05 -33.89 1.18
O4 SO4 Z . 5.74 -34.70 -0.99
N1 LDA AA . 8.67 -25.99 -1.44
O1 LDA AA . 9.04 -26.19 -0.28
CM1 LDA AA . 9.79 -25.83 -2.29
CM2 LDA AA . 7.91 -27.12 -1.92
C1 LDA AA . 7.92 -24.76 -1.54
C2 LDA AA . 8.50 -23.42 -1.04
C3 LDA AA . 7.47 -22.28 -1.07
C4 LDA AA . 7.80 -21.20 -0.04
C5 LDA AA . 7.87 -19.78 -0.64
C6 LDA AA . 8.48 -18.77 0.35
C7 LDA AA . 9.05 -17.57 -0.38
C8 LDA AA . 9.64 -16.52 0.56
C9 LDA AA . 9.56 -15.18 -0.14
C10 LDA AA . 10.17 -14.05 0.67
C11 LDA AA . 9.90 -12.69 0.03
C12 LDA AA . 10.49 -12.49 -1.37
N1 LDA BA . 14.18 -35.30 11.64
O1 LDA BA . 15.25 -35.44 12.23
CM1 LDA BA . 13.80 -33.92 11.71
CM2 LDA BA . 14.27 -35.71 10.22
C1 LDA BA . 13.17 -36.10 12.28
C2 LDA BA . 13.36 -37.56 12.25
C3 LDA BA . 12.50 -38.21 13.28
C4 LDA BA . 11.25 -38.79 12.67
C5 LDA BA . 10.46 -39.52 13.75
C6 LDA BA . 9.30 -40.31 13.19
C7 LDA BA . 7.98 -39.72 13.65
C8 LDA BA . 6.97 -40.81 14.01
C9 LDA BA . 6.47 -41.55 12.77
C10 LDA BA . 4.99 -41.26 12.50
C11 LDA BA . 4.62 -41.42 11.03
C12 LDA BA . 4.81 -42.86 10.62
#